data_5U7J
#
_entry.id   5U7J
#
_cell.length_a   55.866
_cell.length_b   74.035
_cell.length_c   92.411
_cell.angle_alpha   109.660
_cell.angle_beta   91.430
_cell.angle_gamma   90.920
#
_symmetry.space_group_name_H-M   'P 1'
#
loop_
_entity.id
_entity.type
_entity.pdbx_description
1 polymer "cGMP-dependent 3',5'-cyclic phosphodiesterase"
2 non-polymer 5-[2-(2-methoxyphenyl)ethoxy]-3-(2-methylpropyl)[1,2,4]triazolo[4,3-a]pyrazine
3 non-polymer 'ZINC ION'
4 non-polymer 'MAGNESIUM ION'
5 water water
#
_entity_poly.entity_id   1
_entity_poly.type   'polypeptide(L)'
_entity_poly.pdbx_seq_one_letter_code
;GSAMDDEYTKLLHDGIQPVAAIDSNFASFTYTPRSLPEDDTSMAILSMLQDMNFINNYKIDCPTLARFCLMVKKGYRDPP
YHNWMHAFSVSHFCYLLYKNLELTNYLEDIEIFALFISCMCHDLDHRGTNNSFQVASKSVLAALYSSEGSVMERHHFAQA
IAILNTHGCNIFDHFSRKDYQRMLDLMRDIILATDLAHHLRIFKDLQKMAEVGYDRNNKQHHRLLLCLLMTSCDLSDQTK
GWKTTRKIAELIYKEFFSQGDLEKAMGNRPMEMMDREKAYIPELQISFMEHIAMPIYKLLQDLFPKAAELYERVASNREH
WTKVSHKFTIRGLPSNNSLDFLDEE
;
_entity_poly.pdbx_strand_id   A,B,C,D
#
loop_
_chem_comp.id
_chem_comp.type
_chem_comp.name
_chem_comp.formula
7XV non-polymer 5-[2-(2-methoxyphenyl)ethoxy]-3-(2-methylpropyl)[1,2,4]triazolo[4,3-a]pyrazine 'C18 H22 N4 O2'
MG non-polymer 'MAGNESIUM ION' 'Mg 2'
ZN non-polymer 'ZINC ION' 'Zn 2'
#
# COMPACT_ATOMS: atom_id res chain seq x y z
N ASP A 5 -7.43 -21.13 14.18
CA ASP A 5 -8.85 -21.10 13.82
C ASP A 5 -9.59 -22.35 14.31
N ASP A 6 -10.63 -22.09 15.11
CA ASP A 6 -11.50 -23.08 15.72
C ASP A 6 -12.26 -23.93 14.71
N GLU A 7 -12.68 -23.34 13.57
CA GLU A 7 -13.41 -24.09 12.53
C GLU A 7 -12.55 -25.24 12.05
N TYR A 8 -11.26 -24.95 11.80
CA TYR A 8 -10.26 -25.90 11.35
C TYR A 8 -10.07 -27.02 12.40
N THR A 9 -9.93 -26.62 13.69
CA THR A 9 -9.70 -27.54 14.84
C THR A 9 -10.75 -28.64 14.88
N LYS A 10 -12.02 -28.23 14.81
CA LYS A 10 -13.18 -29.11 14.81
C LYS A 10 -13.23 -29.98 13.55
N LEU A 11 -13.01 -29.38 12.37
CA LEU A 11 -13.03 -30.09 11.10
C LEU A 11 -11.97 -31.19 11.04
N LEU A 12 -10.82 -30.97 11.72
CA LEU A 12 -9.71 -31.92 11.77
C LEU A 12 -9.82 -32.98 12.88
N HIS A 13 -10.15 -32.57 14.12
CA HIS A 13 -10.17 -33.49 15.25
C HIS A 13 -11.52 -34.17 15.55
N ASP A 14 -12.66 -33.65 15.04
CA ASP A 14 -13.98 -34.23 15.34
C ASP A 14 -14.36 -35.45 14.50
N GLY A 15 -13.67 -35.67 13.39
CA GLY A 15 -13.98 -36.78 12.50
C GLY A 15 -14.96 -36.39 11.42
N ILE A 16 -14.84 -37.03 10.25
N ILE A 16 -14.84 -37.02 10.25
CA ILE A 16 -15.71 -36.76 9.09
CA ILE A 16 -15.70 -36.75 9.09
C ILE A 16 -17.05 -37.48 9.28
C ILE A 16 -17.05 -37.47 9.27
N GLN A 17 -18.13 -36.69 9.37
CA GLN A 17 -19.49 -37.23 9.56
C GLN A 17 -19.96 -38.06 8.34
N PRO A 18 -20.74 -39.16 8.53
CA PRO A 18 -21.23 -39.93 7.37
C PRO A 18 -22.23 -39.11 6.55
N VAL A 19 -22.18 -39.23 5.20
CA VAL A 19 -23.07 -38.51 4.26
C VAL A 19 -24.56 -38.61 4.61
N ALA A 20 -25.03 -39.81 5.00
CA ALA A 20 -26.43 -40.08 5.34
C ALA A 20 -26.90 -39.29 6.55
N ALA A 21 -25.95 -38.88 7.42
CA ALA A 21 -26.21 -38.10 8.64
C ALA A 21 -26.63 -36.67 8.34
N ILE A 22 -26.23 -36.17 7.18
CA ILE A 22 -26.55 -34.81 6.76
C ILE A 22 -28.05 -34.68 6.47
N ASP A 23 -28.58 -35.58 5.62
CA ASP A 23 -29.99 -35.66 5.25
C ASP A 23 -30.21 -37.02 4.62
N SER A 24 -31.39 -37.62 4.87
CA SER A 24 -31.75 -38.93 4.33
C SER A 24 -31.88 -38.91 2.80
N ASN A 25 -32.17 -37.74 2.23
CA ASN A 25 -32.32 -37.54 0.79
C ASN A 25 -31.08 -36.88 0.15
N PHE A 26 -29.95 -36.76 0.89
CA PHE A 26 -28.71 -36.09 0.45
C PHE A 26 -28.20 -36.52 -0.93
N ALA A 27 -28.27 -37.82 -1.25
CA ALA A 27 -27.76 -38.37 -2.52
C ALA A 27 -28.82 -38.45 -3.65
N SER A 28 -29.96 -37.76 -3.51
CA SER A 28 -31.02 -37.76 -4.52
C SER A 28 -31.03 -36.48 -5.35
N PHE A 29 -31.44 -36.58 -6.62
CA PHE A 29 -31.59 -35.43 -7.51
C PHE A 29 -32.69 -34.45 -7.02
N THR A 30 -33.58 -34.89 -6.11
CA THR A 30 -34.65 -34.04 -5.54
C THR A 30 -34.14 -33.18 -4.37
N TYR A 31 -32.97 -33.52 -3.80
CA TYR A 31 -32.40 -32.77 -2.69
C TYR A 31 -31.92 -31.39 -3.13
N THR A 32 -32.20 -30.36 -2.32
CA THR A 32 -31.81 -28.98 -2.58
C THR A 32 -30.64 -28.63 -1.64
N PRO A 33 -29.37 -28.65 -2.13
CA PRO A 33 -28.23 -28.39 -1.24
C PRO A 33 -28.25 -27.01 -0.57
N ARG A 34 -28.96 -26.05 -1.17
CA ARG A 34 -29.11 -24.72 -0.57
C ARG A 34 -29.88 -24.74 0.76
N SER A 35 -30.56 -25.87 1.10
CA SER A 35 -31.30 -26.04 2.35
C SER A 35 -30.33 -26.33 3.51
N LEU A 36 -29.08 -26.74 3.19
CA LEU A 36 -28.11 -27.01 4.23
C LEU A 36 -27.55 -25.69 4.80
N PRO A 37 -27.54 -25.49 6.15
CA PRO A 37 -26.97 -24.25 6.71
C PRO A 37 -25.53 -24.07 6.30
N GLU A 38 -25.11 -22.82 6.00
CA GLU A 38 -23.75 -22.53 5.53
C GLU A 38 -22.65 -23.05 6.47
N ASP A 39 -22.92 -23.03 7.80
CA ASP A 39 -21.97 -23.51 8.81
C ASP A 39 -21.68 -25.02 8.72
N ASP A 40 -22.55 -25.80 8.05
CA ASP A 40 -22.40 -27.25 7.88
C ASP A 40 -21.81 -27.67 6.52
N THR A 41 -21.58 -26.70 5.62
CA THR A 41 -21.14 -27.00 4.25
C THR A 41 -19.71 -27.52 4.14
N SER A 42 -18.73 -26.98 4.92
CA SER A 42 -17.33 -27.48 4.84
C SER A 42 -17.27 -28.96 5.27
N MET A 43 -18.05 -29.35 6.30
CA MET A 43 -18.10 -30.74 6.74
C MET A 43 -18.77 -31.62 5.68
N ALA A 44 -19.81 -31.09 4.97
CA ALA A 44 -20.52 -31.82 3.89
C ALA A 44 -19.57 -32.11 2.72
N ILE A 45 -18.67 -31.15 2.40
CA ILE A 45 -17.64 -31.33 1.37
C ILE A 45 -16.75 -32.51 1.75
N LEU A 46 -16.27 -32.55 3.01
CA LEU A 46 -15.41 -33.64 3.50
C LEU A 46 -16.13 -34.97 3.45
N SER A 47 -17.42 -34.98 3.84
CA SER A 47 -18.24 -36.19 3.81
C SER A 47 -18.39 -36.71 2.37
N MET A 48 -18.62 -35.82 1.37
CA MET A 48 -18.80 -36.21 -0.04
C MET A 48 -17.52 -36.77 -0.60
N LEU A 49 -16.35 -36.08 -0.31
CA LEU A 49 -15.00 -36.51 -0.73
C LEU A 49 -14.69 -37.91 -0.19
N GLN A 50 -15.06 -38.17 1.09
CA GLN A 50 -14.88 -39.47 1.75
C GLN A 50 -15.82 -40.52 1.10
N ASP A 51 -17.10 -40.19 0.89
CA ASP A 51 -18.07 -41.11 0.27
C ASP A 51 -17.67 -41.51 -1.16
N MET A 52 -16.99 -40.60 -1.88
CA MET A 52 -16.51 -40.86 -3.23
C MET A 52 -15.15 -41.58 -3.23
N ASN A 53 -14.62 -41.86 -2.01
CA ASN A 53 -13.35 -42.57 -1.78
C ASN A 53 -12.10 -41.81 -2.22
N PHE A 54 -12.22 -40.48 -2.45
CA PHE A 54 -11.10 -39.66 -2.89
C PHE A 54 -10.03 -39.49 -1.84
N ILE A 55 -10.42 -39.30 -0.55
CA ILE A 55 -9.47 -39.13 0.54
C ILE A 55 -8.51 -40.31 0.61
N ASN A 56 -9.05 -41.54 0.64
CA ASN A 56 -8.27 -42.77 0.71
C ASN A 56 -7.55 -43.11 -0.60
N ASN A 57 -8.23 -43.02 -1.75
CA ASN A 57 -7.64 -43.34 -3.06
C ASN A 57 -6.40 -42.51 -3.33
N TYR A 58 -6.51 -41.19 -3.09
CA TYR A 58 -5.41 -40.30 -3.39
C TYR A 58 -4.55 -39.96 -2.20
N LYS A 59 -4.80 -40.61 -1.04
CA LYS A 59 -4.06 -40.43 0.21
C LYS A 59 -3.87 -38.94 0.57
N ILE A 60 -5.01 -38.21 0.56
CA ILE A 60 -5.05 -36.78 0.87
C ILE A 60 -4.83 -36.64 2.36
N ASP A 61 -3.87 -35.78 2.75
CA ASP A 61 -3.55 -35.50 4.15
C ASP A 61 -4.76 -34.75 4.74
N CYS A 62 -5.30 -35.19 5.89
CA CYS A 62 -6.49 -34.55 6.48
C CYS A 62 -6.25 -33.11 6.95
N PRO A 63 -5.14 -32.77 7.67
CA PRO A 63 -4.91 -31.36 8.00
C PRO A 63 -4.89 -30.48 6.74
N THR A 64 -4.22 -30.95 5.67
CA THR A 64 -4.17 -30.22 4.40
C THR A 64 -5.56 -30.05 3.78
N LEU A 65 -6.37 -31.13 3.74
CA LEU A 65 -7.70 -31.08 3.13
C LEU A 65 -8.65 -30.13 3.88
N ALA A 66 -8.62 -30.19 5.21
CA ALA A 66 -9.41 -29.32 6.08
C ALA A 66 -9.04 -27.84 5.80
N ARG A 67 -7.71 -27.51 5.71
CA ARG A 67 -7.23 -26.15 5.41
C ARG A 67 -7.66 -25.73 4.01
N PHE A 68 -7.51 -26.62 3.01
CA PHE A 68 -7.92 -26.33 1.63
C PHE A 68 -9.40 -25.97 1.54
N CYS A 69 -10.28 -26.81 2.12
CA CYS A 69 -11.74 -26.61 2.08
C CYS A 69 -12.12 -25.27 2.69
N LEU A 70 -11.50 -24.91 3.83
CA LEU A 70 -11.78 -23.63 4.50
C LEU A 70 -11.26 -22.43 3.71
N MET A 71 -10.09 -22.58 3.07
CA MET A 71 -9.49 -21.56 2.22
C MET A 71 -10.33 -21.33 0.96
N VAL A 72 -10.91 -22.39 0.37
CA VAL A 72 -11.78 -22.28 -0.80
C VAL A 72 -13.04 -21.49 -0.42
N LYS A 73 -13.67 -21.86 0.69
CA LYS A 73 -14.85 -21.18 1.21
C LYS A 73 -14.58 -19.69 1.46
N LYS A 74 -13.44 -19.37 2.10
CA LYS A 74 -13.00 -18.00 2.39
C LYS A 74 -12.67 -17.20 1.09
N GLY A 75 -12.38 -17.92 0.01
CA GLY A 75 -12.05 -17.34 -1.29
C GLY A 75 -13.23 -16.79 -2.06
N TYR A 76 -14.45 -17.04 -1.59
CA TYR A 76 -15.68 -16.51 -2.18
C TYR A 76 -16.13 -15.25 -1.46
N ARG A 77 -16.62 -14.27 -2.21
CA ARG A 77 -17.12 -13.04 -1.66
C ARG A 77 -18.62 -13.23 -1.45
N ASP A 78 -19.32 -12.17 -1.12
CA ASP A 78 -20.74 -12.31 -0.88
C ASP A 78 -21.64 -11.59 -1.91
N PRO A 79 -21.48 -11.74 -3.27
CA PRO A 79 -22.47 -11.14 -4.17
C PRO A 79 -23.77 -11.95 -4.05
N PRO A 80 -24.93 -11.50 -4.57
CA PRO A 80 -26.16 -12.28 -4.35
C PRO A 80 -26.14 -13.71 -4.87
N TYR A 81 -25.53 -13.95 -6.02
CA TYR A 81 -25.54 -15.28 -6.58
C TYR A 81 -24.19 -16.00 -6.53
N HIS A 82 -23.12 -15.36 -7.06
CA HIS A 82 -21.78 -16.01 -7.17
C HIS A 82 -21.00 -16.04 -5.85
N ASN A 83 -21.57 -16.73 -4.87
CA ASN A 83 -21.01 -16.84 -3.53
C ASN A 83 -20.68 -18.29 -3.20
N TRP A 84 -20.25 -18.57 -1.96
CA TRP A 84 -19.89 -19.93 -1.58
C TRP A 84 -21.05 -20.91 -1.67
N MET A 85 -22.29 -20.46 -1.36
CA MET A 85 -23.47 -21.36 -1.44
C MET A 85 -23.72 -21.87 -2.87
N HIS A 86 -23.39 -21.05 -3.88
CA HIS A 86 -23.44 -21.46 -5.29
C HIS A 86 -22.36 -22.52 -5.55
N ALA A 87 -21.11 -22.29 -5.10
CA ALA A 87 -20.02 -23.24 -5.29
C ALA A 87 -20.33 -24.57 -4.60
N PHE A 88 -20.89 -24.49 -3.39
CA PHE A 88 -21.24 -25.70 -2.64
C PHE A 88 -22.36 -26.49 -3.37
N SER A 89 -23.40 -25.80 -3.85
CA SER A 89 -24.51 -26.44 -4.57
C SER A 89 -24.05 -27.07 -5.89
N VAL A 90 -23.11 -26.42 -6.60
CA VAL A 90 -22.50 -26.92 -7.85
C VAL A 90 -21.70 -28.21 -7.53
N SER A 91 -20.92 -28.19 -6.42
CA SER A 91 -20.14 -29.34 -5.94
C SER A 91 -21.04 -30.50 -5.57
N HIS A 92 -22.15 -30.21 -4.86
CA HIS A 92 -23.12 -31.22 -4.47
C HIS A 92 -23.70 -31.90 -5.72
N PHE A 93 -23.99 -31.13 -6.79
CA PHE A 93 -24.53 -31.73 -8.01
C PHE A 93 -23.52 -32.65 -8.68
N CYS A 94 -22.22 -32.30 -8.66
CA CYS A 94 -21.16 -33.19 -9.19
C CYS A 94 -21.21 -34.52 -8.42
N TYR A 95 -21.36 -34.44 -7.10
CA TYR A 95 -21.50 -35.61 -6.23
C TYR A 95 -22.75 -36.43 -6.61
N LEU A 96 -23.89 -35.77 -6.88
CA LEU A 96 -25.13 -36.42 -7.35
C LEU A 96 -24.91 -37.17 -8.66
N LEU A 97 -24.15 -36.56 -9.60
CA LEU A 97 -23.84 -37.18 -10.89
C LEU A 97 -23.03 -38.46 -10.65
N TYR A 98 -22.02 -38.40 -9.76
CA TYR A 98 -21.22 -39.55 -9.38
C TYR A 98 -22.12 -40.68 -8.80
N LYS A 99 -23.00 -40.34 -7.84
CA LYS A 99 -23.86 -41.30 -7.14
C LYS A 99 -24.99 -41.89 -7.99
N ASN A 100 -25.54 -41.12 -8.92
CA ASN A 100 -26.69 -41.56 -9.70
C ASN A 100 -26.40 -41.99 -11.15
N LEU A 101 -25.32 -41.49 -11.77
CA LEU A 101 -25.03 -41.76 -13.20
C LEU A 101 -23.88 -42.70 -13.55
N GLU A 102 -23.23 -43.37 -12.57
CA GLU A 102 -22.09 -44.31 -12.78
C GLU A 102 -21.02 -43.74 -13.78
N LEU A 103 -20.42 -42.60 -13.38
CA LEU A 103 -19.41 -41.85 -14.13
C LEU A 103 -18.16 -42.64 -14.40
N THR A 104 -17.84 -43.57 -13.50
CA THR A 104 -16.68 -44.46 -13.56
C THR A 104 -16.69 -45.33 -14.83
N ASN A 105 -17.84 -45.44 -15.53
CA ASN A 105 -17.91 -46.18 -16.80
C ASN A 105 -17.51 -45.27 -17.97
N TYR A 106 -17.43 -43.97 -17.71
CA TYR A 106 -17.17 -42.92 -18.70
C TYR A 106 -15.84 -42.21 -18.51
N LEU A 107 -15.50 -41.87 -17.27
CA LEU A 107 -14.29 -41.09 -16.97
C LEU A 107 -13.31 -41.79 -16.06
N GLU A 108 -12.07 -41.35 -16.12
CA GLU A 108 -10.99 -41.85 -15.27
C GLU A 108 -11.26 -41.31 -13.87
N ASP A 109 -10.76 -41.99 -12.83
CA ASP A 109 -10.95 -41.53 -11.45
C ASP A 109 -10.38 -40.15 -11.20
N ILE A 110 -9.21 -39.85 -11.80
CA ILE A 110 -8.56 -38.52 -11.66
C ILE A 110 -9.41 -37.41 -12.29
N GLU A 111 -10.13 -37.73 -13.39
CA GLU A 111 -11.03 -36.77 -14.05
C GLU A 111 -12.25 -36.46 -13.18
N ILE A 112 -12.82 -37.48 -12.53
CA ILE A 112 -13.99 -37.27 -11.64
C ILE A 112 -13.57 -36.43 -10.43
N PHE A 113 -12.37 -36.71 -9.89
CA PHE A 113 -11.81 -35.96 -8.75
C PHE A 113 -11.54 -34.51 -9.16
N ALA A 114 -10.98 -34.30 -10.35
CA ALA A 114 -10.71 -32.97 -10.86
C ALA A 114 -11.99 -32.19 -11.07
N LEU A 115 -13.06 -32.87 -11.55
CA LEU A 115 -14.36 -32.24 -11.77
C LEU A 115 -14.90 -31.72 -10.45
N PHE A 116 -14.86 -32.55 -9.38
CA PHE A 116 -15.33 -32.14 -8.05
C PHE A 116 -14.56 -30.97 -7.47
N ILE A 117 -13.22 -31.03 -7.50
CA ILE A 117 -12.38 -29.93 -6.97
C ILE A 117 -12.62 -28.67 -7.80
N SER A 118 -12.79 -28.81 -9.13
CA SER A 118 -13.06 -27.66 -10.00
C SER A 118 -14.40 -27.03 -9.67
N CYS A 119 -15.44 -27.84 -9.36
CA CYS A 119 -16.75 -27.33 -8.94
C CYS A 119 -16.60 -26.42 -7.70
N MET A 120 -15.78 -26.86 -6.71
CA MET A 120 -15.56 -26.05 -5.49
C MET A 120 -14.92 -24.70 -5.79
N CYS A 121 -13.96 -24.66 -6.72
CA CYS A 121 -13.12 -23.51 -7.08
C CYS A 121 -13.62 -22.65 -8.24
N HIS A 122 -14.63 -23.11 -9.00
CA HIS A 122 -14.95 -22.57 -10.33
C HIS A 122 -15.36 -21.10 -10.39
N ASP A 123 -15.83 -20.50 -9.27
CA ASP A 123 -16.22 -19.08 -9.25
C ASP A 123 -15.44 -18.29 -8.19
N LEU A 124 -14.27 -18.79 -7.76
CA LEU A 124 -13.47 -18.15 -6.70
C LEU A 124 -13.23 -16.65 -6.94
N ASP A 125 -13.48 -15.83 -5.88
CA ASP A 125 -13.28 -14.39 -5.89
C ASP A 125 -14.15 -13.64 -6.93
N HIS A 126 -15.34 -14.19 -7.26
CA HIS A 126 -16.28 -13.53 -8.17
C HIS A 126 -16.71 -12.19 -7.54
N ARG A 127 -16.75 -11.13 -8.34
CA ARG A 127 -17.09 -9.79 -7.86
C ARG A 127 -18.51 -9.35 -8.20
N GLY A 128 -19.33 -10.30 -8.67
CA GLY A 128 -20.71 -10.08 -9.05
C GLY A 128 -20.89 -9.39 -10.39
N THR A 129 -19.84 -9.33 -11.22
CA THR A 129 -19.87 -8.75 -12.56
C THR A 129 -19.30 -9.74 -13.57
N ASN A 130 -19.80 -9.71 -14.81
CA ASN A 130 -19.40 -10.68 -15.85
C ASN A 130 -18.13 -10.27 -16.63
N ASN A 131 -17.76 -11.03 -17.66
CA ASN A 131 -16.56 -10.79 -18.49
C ASN A 131 -16.59 -9.47 -19.25
N SER A 132 -17.75 -9.14 -19.83
CA SER A 132 -17.94 -7.89 -20.58
C SER A 132 -17.70 -6.68 -19.70
N PHE A 133 -18.16 -6.73 -18.44
CA PHE A 133 -17.95 -5.64 -17.46
C PHE A 133 -16.48 -5.44 -17.14
N GLN A 134 -15.71 -6.54 -16.99
CA GLN A 134 -14.28 -6.47 -16.71
C GLN A 134 -13.56 -5.65 -17.77
N VAL A 135 -13.86 -5.95 -19.04
CA VAL A 135 -13.27 -5.31 -20.20
C VAL A 135 -13.71 -3.84 -20.30
N ALA A 136 -15.04 -3.58 -20.18
CA ALA A 136 -15.60 -2.22 -20.27
C ALA A 136 -15.08 -1.31 -19.15
N SER A 137 -14.96 -1.85 -17.92
CA SER A 137 -14.48 -1.08 -16.78
C SER A 137 -12.95 -1.01 -16.67
N LYS A 138 -12.23 -1.68 -17.61
CA LYS A 138 -10.77 -1.77 -17.65
C LYS A 138 -10.20 -2.21 -16.29
N SER A 139 -10.79 -3.28 -15.74
CA SER A 139 -10.36 -3.81 -14.44
C SER A 139 -8.96 -4.44 -14.56
N VAL A 140 -8.28 -4.69 -13.41
CA VAL A 140 -6.97 -5.35 -13.38
C VAL A 140 -7.09 -6.75 -14.01
N LEU A 141 -8.23 -7.44 -13.78
CA LEU A 141 -8.46 -8.76 -14.36
C LEU A 141 -8.44 -8.72 -15.88
N ALA A 142 -9.05 -7.69 -16.48
CA ALA A 142 -9.07 -7.50 -17.93
C ALA A 142 -7.62 -7.18 -18.41
N ALA A 143 -6.86 -6.34 -17.68
CA ALA A 143 -5.46 -6.05 -18.03
C ALA A 143 -4.65 -7.36 -18.07
N LEU A 144 -4.93 -8.28 -17.14
CA LEU A 144 -4.22 -9.57 -17.08
C LEU A 144 -4.67 -10.58 -18.15
N TYR A 145 -6.00 -10.72 -18.37
CA TYR A 145 -6.55 -11.81 -19.18
C TYR A 145 -7.41 -11.49 -20.40
N SER A 146 -7.76 -10.21 -20.68
CA SER A 146 -8.67 -9.93 -21.82
C SER A 146 -8.17 -10.40 -23.19
N SER A 147 -6.85 -10.38 -23.42
CA SER A 147 -6.25 -10.82 -24.70
C SER A 147 -6.45 -12.33 -24.95
N GLU A 148 -6.68 -13.13 -23.89
CA GLU A 148 -6.90 -14.57 -24.00
C GLU A 148 -8.39 -14.93 -23.96
N GLY A 149 -9.20 -14.03 -23.41
CA GLY A 149 -10.64 -14.26 -23.25
C GLY A 149 -10.97 -14.97 -21.95
N SER A 150 -12.29 -15.17 -21.66
CA SER A 150 -12.80 -15.82 -20.43
C SER A 150 -12.09 -15.24 -19.20
N VAL A 151 -12.15 -13.91 -19.07
CA VAL A 151 -11.44 -13.12 -18.05
C VAL A 151 -11.67 -13.66 -16.64
N MET A 152 -12.96 -13.77 -16.21
CA MET A 152 -13.27 -14.24 -14.87
C MET A 152 -12.84 -15.67 -14.64
N GLU A 153 -13.08 -16.56 -15.61
CA GLU A 153 -12.71 -17.98 -15.50
C GLU A 153 -11.19 -18.17 -15.35
N ARG A 154 -10.38 -17.34 -16.06
CA ARG A 154 -8.93 -17.36 -15.89
C ARG A 154 -8.55 -16.92 -14.47
N HIS A 155 -9.26 -15.94 -13.93
CA HIS A 155 -9.03 -15.48 -12.56
C HIS A 155 -9.42 -16.57 -11.53
N HIS A 156 -10.58 -17.24 -11.72
CA HIS A 156 -11.03 -18.34 -10.83
C HIS A 156 -9.97 -19.43 -10.74
N PHE A 157 -9.44 -19.86 -11.91
CA PHE A 157 -8.38 -20.85 -11.97
C PHE A 157 -7.11 -20.36 -11.26
N ALA A 158 -6.68 -19.10 -11.52
CA ALA A 158 -5.48 -18.53 -10.90
C ALA A 158 -5.63 -18.47 -9.38
N GLN A 159 -6.86 -18.20 -8.89
CA GLN A 159 -7.15 -18.17 -7.45
C GLN A 159 -7.03 -19.57 -6.85
N ALA A 160 -7.50 -20.59 -7.59
CA ALA A 160 -7.46 -21.98 -7.15
C ALA A 160 -6.00 -22.43 -6.99
N ILE A 161 -5.15 -22.06 -7.98
CA ILE A 161 -3.69 -22.37 -7.98
C ILE A 161 -3.03 -21.67 -6.79
N ALA A 162 -3.37 -20.39 -6.59
CA ALA A 162 -2.87 -19.55 -5.48
C ALA A 162 -3.19 -20.21 -4.11
N ILE A 163 -4.36 -20.88 -3.98
CA ILE A 163 -4.72 -21.56 -2.73
C ILE A 163 -3.82 -22.78 -2.54
N LEU A 164 -3.64 -23.59 -3.62
CA LEU A 164 -2.77 -24.76 -3.61
C LEU A 164 -1.32 -24.34 -3.30
N ASN A 165 -0.91 -23.16 -3.78
CA ASN A 165 0.45 -22.64 -3.53
C ASN A 165 0.60 -21.96 -2.15
N THR A 166 -0.46 -21.92 -1.34
CA THR A 166 -0.40 -21.41 0.04
C THR A 166 0.11 -22.56 0.90
N HIS A 167 1.08 -22.27 1.77
CA HIS A 167 1.71 -23.30 2.63
C HIS A 167 0.68 -24.02 3.45
N GLY A 168 0.72 -25.34 3.41
CA GLY A 168 -0.21 -26.18 4.16
C GLY A 168 -1.53 -26.46 3.49
N CYS A 169 -1.75 -25.96 2.24
CA CYS A 169 -3.01 -26.14 1.51
C CYS A 169 -2.90 -27.02 0.26
N ASN A 170 -1.69 -27.50 -0.10
CA ASN A 170 -1.57 -28.28 -1.34
C ASN A 170 -1.99 -29.72 -1.18
N ILE A 171 -3.28 -30.00 -1.47
CA ILE A 171 -3.86 -31.33 -1.33
C ILE A 171 -3.26 -32.37 -2.32
N PHE A 172 -2.50 -31.90 -3.34
CA PHE A 172 -1.85 -32.75 -4.37
C PHE A 172 -0.32 -32.74 -4.32
N ASP A 173 0.29 -32.14 -3.28
CA ASP A 173 1.75 -31.99 -3.22
C ASP A 173 2.54 -33.33 -3.19
N HIS A 174 1.89 -34.43 -2.78
CA HIS A 174 2.50 -35.78 -2.72
C HIS A 174 2.29 -36.53 -4.05
N PHE A 175 1.49 -35.99 -4.99
CA PHE A 175 1.23 -36.65 -6.27
C PHE A 175 2.52 -36.71 -7.10
N SER A 176 2.61 -37.68 -8.02
CA SER A 176 3.75 -37.76 -8.93
C SER A 176 3.68 -36.53 -9.86
N ARG A 177 4.83 -36.11 -10.41
CA ARG A 177 4.96 -34.97 -11.33
C ARG A 177 3.92 -35.05 -12.45
N LYS A 178 3.73 -36.24 -13.04
CA LYS A 178 2.75 -36.49 -14.10
C LYS A 178 1.32 -36.33 -13.61
N ASP A 179 0.98 -36.89 -12.42
CA ASP A 179 -0.38 -36.79 -11.88
C ASP A 179 -0.71 -35.37 -11.45
N TYR A 180 0.28 -34.63 -10.91
CA TYR A 180 0.12 -33.25 -10.48
C TYR A 180 -0.16 -32.37 -11.69
N GLN A 181 0.65 -32.55 -12.76
CA GLN A 181 0.55 -31.85 -14.03
C GLN A 181 -0.83 -32.12 -14.62
N ARG A 182 -1.30 -33.38 -14.60
N ARG A 182 -1.29 -33.38 -14.59
CA ARG A 182 -2.62 -33.78 -15.10
CA ARG A 182 -2.62 -33.78 -15.09
C ARG A 182 -3.76 -33.10 -14.34
C ARG A 182 -3.75 -33.08 -14.34
N MET A 183 -3.70 -33.09 -12.98
CA MET A 183 -4.71 -32.45 -12.13
C MET A 183 -4.86 -30.98 -12.45
N LEU A 184 -3.74 -30.25 -12.56
CA LEU A 184 -3.81 -28.83 -12.79
C LEU A 184 -4.29 -28.48 -14.21
N ASP A 185 -3.99 -29.34 -15.20
CA ASP A 185 -4.44 -29.19 -16.57
C ASP A 185 -5.94 -29.46 -16.67
N LEU A 186 -6.44 -30.52 -15.97
CA LEU A 186 -7.88 -30.81 -15.93
C LEU A 186 -8.61 -29.65 -15.27
N MET A 187 -8.06 -29.12 -14.18
CA MET A 187 -8.65 -27.98 -13.47
C MET A 187 -8.79 -26.77 -14.37
N ARG A 188 -7.74 -26.45 -15.15
CA ARG A 188 -7.79 -25.35 -16.10
C ARG A 188 -8.92 -25.58 -17.13
N ASP A 189 -8.91 -26.71 -17.81
CA ASP A 189 -9.91 -27.05 -18.84
C ASP A 189 -11.33 -26.96 -18.30
N ILE A 190 -11.57 -27.57 -17.14
CA ILE A 190 -12.90 -27.63 -16.50
C ILE A 190 -13.32 -26.23 -16.05
N ILE A 191 -12.43 -25.47 -15.36
CA ILE A 191 -12.85 -24.13 -14.92
C ILE A 191 -13.11 -23.21 -16.15
N LEU A 192 -12.28 -23.30 -17.21
N LEU A 192 -12.29 -23.31 -17.20
CA LEU A 192 -12.50 -22.51 -18.42
CA LEU A 192 -12.50 -22.50 -18.41
C LEU A 192 -13.80 -22.91 -19.14
C LEU A 192 -13.76 -22.93 -19.18
N ALA A 193 -14.19 -24.19 -19.02
CA ALA A 193 -15.43 -24.70 -19.63
C ALA A 193 -16.69 -24.07 -18.99
N THR A 194 -16.56 -23.44 -17.79
CA THR A 194 -17.68 -22.78 -17.12
C THR A 194 -18.08 -21.46 -17.82
N ASP A 195 -17.23 -20.94 -18.75
CA ASP A 195 -17.63 -19.76 -19.53
C ASP A 195 -18.69 -20.27 -20.51
N LEU A 196 -19.93 -19.78 -20.39
CA LEU A 196 -21.01 -20.20 -21.28
C LEU A 196 -20.72 -19.91 -22.76
N ALA A 197 -19.82 -18.94 -23.05
CA ALA A 197 -19.40 -18.64 -24.43
C ALA A 197 -18.61 -19.85 -24.96
N HIS A 198 -17.83 -20.52 -24.09
CA HIS A 198 -17.08 -21.74 -24.45
C HIS A 198 -18.09 -22.86 -24.72
N HIS A 199 -19.11 -22.99 -23.84
CA HIS A 199 -20.16 -24.02 -24.02
C HIS A 199 -20.83 -23.87 -25.39
N LEU A 200 -21.21 -22.63 -25.75
CA LEU A 200 -21.87 -22.36 -27.02
C LEU A 200 -20.99 -22.66 -28.22
N ARG A 201 -19.66 -22.44 -28.08
CA ARG A 201 -18.68 -22.75 -29.14
C ARG A 201 -18.57 -24.26 -29.37
N ILE A 202 -18.59 -25.07 -28.29
CA ILE A 202 -18.43 -26.53 -28.41
C ILE A 202 -19.77 -27.29 -28.53
N PHE A 203 -20.91 -26.57 -28.50
CA PHE A 203 -22.24 -27.20 -28.55
C PHE A 203 -22.42 -28.22 -29.70
N LYS A 204 -21.98 -27.88 -30.92
CA LYS A 204 -22.10 -28.80 -32.07
C LYS A 204 -21.23 -30.05 -31.89
N ASP A 205 -20.05 -29.92 -31.24
CA ASP A 205 -19.18 -31.08 -30.98
C ASP A 205 -19.83 -32.00 -29.93
N LEU A 206 -20.55 -31.40 -28.96
CA LEU A 206 -21.30 -32.13 -27.93
C LEU A 206 -22.45 -32.91 -28.55
N GLN A 207 -23.19 -32.29 -29.50
CA GLN A 207 -24.29 -32.91 -30.24
C GLN A 207 -23.76 -34.10 -31.06
N LYS A 208 -22.62 -33.89 -31.75
CA LYS A 208 -22.00 -34.93 -32.58
C LYS A 208 -21.58 -36.15 -31.74
N MET A 209 -20.99 -35.93 -30.56
CA MET A 209 -20.59 -37.00 -29.63
C MET A 209 -21.80 -37.82 -29.15
N ALA A 210 -22.91 -37.14 -28.83
CA ALA A 210 -24.16 -37.77 -28.40
C ALA A 210 -24.77 -38.60 -29.54
N GLU A 211 -24.62 -38.13 -30.80
CA GLU A 211 -25.12 -38.73 -32.05
C GLU A 211 -24.37 -40.04 -32.37
N VAL A 212 -23.01 -40.01 -32.32
CA VAL A 212 -22.17 -41.16 -32.63
C VAL A 212 -22.09 -42.13 -31.46
N GLY A 213 -22.30 -41.62 -30.26
CA GLY A 213 -22.23 -42.37 -29.02
C GLY A 213 -20.89 -42.16 -28.35
N TYR A 214 -20.91 -42.04 -27.03
CA TYR A 214 -19.71 -41.84 -26.24
C TYR A 214 -18.70 -42.99 -26.41
N ASP A 215 -17.47 -42.64 -26.76
CA ASP A 215 -16.37 -43.59 -26.94
C ASP A 215 -15.37 -43.38 -25.81
N ARG A 216 -15.38 -44.27 -24.82
CA ARG A 216 -14.48 -44.26 -23.65
C ARG A 216 -12.99 -44.29 -24.03
N ASN A 217 -12.64 -44.76 -25.24
CA ASN A 217 -11.26 -44.81 -25.72
C ASN A 217 -10.87 -43.56 -26.52
N ASN A 218 -11.80 -42.60 -26.64
CA ASN A 218 -11.58 -41.35 -27.36
C ASN A 218 -11.31 -40.24 -26.34
N LYS A 219 -10.08 -39.71 -26.33
CA LYS A 219 -9.64 -38.66 -25.40
C LYS A 219 -10.41 -37.36 -25.59
N GLN A 220 -10.81 -37.07 -26.85
CA GLN A 220 -11.60 -35.86 -27.12
C GLN A 220 -13.01 -36.00 -26.53
N HIS A 221 -13.56 -37.24 -26.52
CA HIS A 221 -14.87 -37.49 -25.89
C HIS A 221 -14.82 -37.27 -24.37
N HIS A 222 -13.69 -37.63 -23.72
CA HIS A 222 -13.47 -37.41 -22.29
C HIS A 222 -13.49 -35.91 -22.00
N ARG A 223 -12.76 -35.11 -22.81
N ARG A 223 -12.76 -35.10 -22.80
CA ARG A 223 -12.67 -33.65 -22.66
CA ARG A 223 -12.68 -33.65 -22.64
C ARG A 223 -14.05 -33.02 -22.83
C ARG A 223 -14.06 -33.02 -22.81
N LEU A 224 -14.80 -33.46 -23.84
CA LEU A 224 -16.16 -32.94 -24.13
C LEU A 224 -17.14 -33.27 -23.02
N LEU A 225 -17.11 -34.52 -22.51
CA LEU A 225 -18.01 -34.95 -21.43
C LEU A 225 -17.74 -34.15 -20.14
N LEU A 226 -16.44 -33.91 -19.83
CA LEU A 226 -16.07 -33.09 -18.67
C LEU A 226 -16.66 -31.69 -18.76
N CYS A 227 -16.63 -31.09 -19.97
CA CYS A 227 -17.20 -29.78 -20.25
C CYS A 227 -18.70 -29.79 -20.00
N LEU A 228 -19.42 -30.76 -20.61
CA LEU A 228 -20.88 -30.91 -20.44
C LEU A 228 -21.29 -31.11 -18.98
N LEU A 229 -20.56 -31.98 -18.24
CA LEU A 229 -20.86 -32.25 -16.83
C LEU A 229 -20.66 -31.01 -15.99
N MET A 230 -19.57 -30.23 -16.25
CA MET A 230 -19.30 -29.00 -15.52
C MET A 230 -20.44 -28.00 -15.75
N THR A 231 -20.87 -27.84 -17.02
CA THR A 231 -21.99 -26.92 -17.34
C THR A 231 -23.26 -27.38 -16.63
N SER A 232 -23.52 -28.71 -16.63
CA SER A 232 -24.67 -29.33 -15.96
C SER A 232 -24.65 -29.03 -14.45
N CYS A 233 -23.47 -29.04 -13.82
CA CYS A 233 -23.34 -28.72 -12.39
C CYS A 233 -23.61 -27.24 -12.15
N ASP A 234 -23.01 -26.37 -12.99
CA ASP A 234 -23.14 -24.91 -12.86
C ASP A 234 -24.58 -24.44 -12.98
N LEU A 235 -25.40 -25.10 -13.83
CA LEU A 235 -26.81 -24.68 -14.01
C LEU A 235 -27.81 -25.55 -13.23
N SER A 236 -27.32 -26.43 -12.34
CA SER A 236 -28.13 -27.40 -11.62
C SER A 236 -29.26 -26.84 -10.74
N ASP A 237 -29.23 -25.53 -10.38
CA ASP A 237 -30.33 -24.92 -9.62
C ASP A 237 -31.62 -24.98 -10.41
N GLN A 238 -31.53 -25.16 -11.74
CA GLN A 238 -32.68 -25.23 -12.65
C GLN A 238 -33.34 -26.61 -12.69
N THR A 239 -32.67 -27.63 -12.10
CA THR A 239 -33.16 -29.02 -12.06
C THR A 239 -33.96 -29.35 -10.79
N LYS A 240 -34.12 -28.39 -9.88
CA LYS A 240 -34.86 -28.60 -8.65
C LYS A 240 -36.31 -28.13 -8.87
N GLY A 241 -37.03 -27.83 -7.81
CA GLY A 241 -38.41 -27.39 -7.94
C GLY A 241 -38.57 -25.94 -8.34
N TRP A 242 -39.83 -25.50 -8.50
CA TRP A 242 -40.15 -24.12 -8.84
C TRP A 242 -39.58 -23.14 -7.82
N LYS A 243 -39.69 -23.48 -6.51
CA LYS A 243 -39.24 -22.66 -5.40
C LYS A 243 -37.76 -22.27 -5.55
N THR A 244 -36.90 -23.23 -6.00
CA THR A 244 -35.49 -22.97 -6.22
C THR A 244 -35.28 -22.05 -7.42
N THR A 245 -35.92 -22.35 -8.56
CA THR A 245 -35.85 -21.55 -9.79
C THR A 245 -36.17 -20.08 -9.50
N ARG A 246 -37.31 -19.83 -8.82
CA ARG A 246 -37.79 -18.50 -8.45
C ARG A 246 -36.77 -17.76 -7.58
N LYS A 247 -36.25 -18.41 -6.53
CA LYS A 247 -35.26 -17.84 -5.62
C LYS A 247 -33.95 -17.51 -6.35
N ILE A 248 -33.51 -18.42 -7.22
CA ILE A 248 -32.29 -18.25 -8.01
C ILE A 248 -32.45 -17.10 -9.01
N ALA A 249 -33.65 -16.94 -9.61
CA ALA A 249 -33.92 -15.81 -10.52
C ALA A 249 -33.77 -14.50 -9.74
N GLU A 250 -34.28 -14.43 -8.50
CA GLU A 250 -34.17 -13.23 -7.67
C GLU A 250 -32.70 -12.86 -7.43
N LEU A 251 -31.88 -13.86 -7.05
CA LEU A 251 -30.45 -13.70 -6.79
C LEU A 251 -29.67 -13.25 -8.04
N ILE A 252 -29.89 -13.94 -9.17
CA ILE A 252 -29.23 -13.64 -10.45
C ILE A 252 -29.57 -12.23 -10.93
N TYR A 253 -30.85 -11.87 -10.94
CA TYR A 253 -31.24 -10.53 -11.40
C TYR A 253 -30.81 -9.44 -10.42
N LYS A 254 -30.72 -9.73 -9.10
CA LYS A 254 -30.20 -8.72 -8.15
C LYS A 254 -28.76 -8.42 -8.55
N GLU A 255 -27.96 -9.47 -8.81
CA GLU A 255 -26.58 -9.34 -9.23
C GLU A 255 -26.46 -8.61 -10.58
N PHE A 256 -27.24 -9.03 -11.60
CA PHE A 256 -27.22 -8.41 -12.93
C PHE A 256 -27.62 -6.93 -12.89
N PHE A 257 -28.69 -6.58 -12.14
CA PHE A 257 -29.17 -5.20 -12.08
C PHE A 257 -28.17 -4.30 -11.37
N SER A 258 -27.40 -4.85 -10.40
CA SER A 258 -26.35 -4.09 -9.72
C SER A 258 -25.27 -3.71 -10.75
N GLN A 259 -24.91 -4.65 -11.66
CA GLN A 259 -23.94 -4.42 -12.74
C GLN A 259 -24.49 -3.38 -13.70
N GLY A 260 -25.76 -3.54 -14.10
CA GLY A 260 -26.46 -2.61 -15.00
C GLY A 260 -26.43 -1.19 -14.50
N ASP A 261 -26.61 -1.00 -13.18
CA ASP A 261 -26.55 0.31 -12.52
C ASP A 261 -25.14 0.91 -12.60
N LEU A 262 -24.10 0.06 -12.44
CA LEU A 262 -22.70 0.50 -12.56
C LEU A 262 -22.39 0.93 -14.00
N GLU A 263 -22.90 0.17 -14.98
CA GLU A 263 -22.75 0.45 -16.42
C GLU A 263 -23.35 1.79 -16.82
N LYS A 264 -24.54 2.12 -16.27
CA LYS A 264 -25.22 3.40 -16.51
C LYS A 264 -24.39 4.55 -15.93
N ALA A 265 -23.81 4.36 -14.72
CA ALA A 265 -22.96 5.34 -14.03
C ALA A 265 -21.64 5.58 -14.78
N MET A 266 -21.24 4.62 -15.64
CA MET A 266 -20.04 4.67 -16.49
C MET A 266 -20.37 5.37 -17.81
N GLY A 267 -21.66 5.59 -18.07
CA GLY A 267 -22.15 6.22 -19.30
C GLY A 267 -22.42 5.23 -20.41
N ASN A 268 -22.44 3.93 -20.08
CA ASN A 268 -22.70 2.87 -21.04
C ASN A 268 -24.16 2.41 -20.98
N ARG A 269 -24.65 1.84 -22.09
CA ARG A 269 -26.01 1.32 -22.15
C ARG A 269 -25.95 -0.17 -21.82
N PRO A 270 -26.43 -0.61 -20.64
CA PRO A 270 -26.37 -2.05 -20.32
C PRO A 270 -27.29 -2.88 -21.21
N MET A 271 -27.03 -4.19 -21.30
CA MET A 271 -27.88 -5.14 -22.04
C MET A 271 -29.25 -5.15 -21.35
N GLU A 272 -30.33 -5.43 -22.10
CA GLU A 272 -31.70 -5.46 -21.57
C GLU A 272 -31.81 -6.24 -20.25
N MET A 273 -31.22 -7.47 -20.21
CA MET A 273 -31.25 -8.34 -19.04
C MET A 273 -30.55 -7.77 -17.81
N MET A 274 -29.69 -6.74 -18.02
CA MET A 274 -28.93 -6.10 -16.94
C MET A 274 -29.59 -4.80 -16.49
N ASP A 275 -30.61 -4.35 -17.25
CA ASP A 275 -31.29 -3.07 -17.03
C ASP A 275 -32.59 -3.28 -16.26
N ARG A 276 -32.60 -2.87 -14.96
CA ARG A 276 -33.77 -3.02 -14.09
C ARG A 276 -35.01 -2.29 -14.58
N GLU A 277 -34.83 -1.31 -15.49
CA GLU A 277 -35.94 -0.54 -16.05
C GLU A 277 -36.52 -1.21 -17.31
N LYS A 278 -35.75 -2.10 -17.94
CA LYS A 278 -36.15 -2.74 -19.20
C LYS A 278 -36.39 -4.24 -19.11
N ALA A 279 -35.66 -4.94 -18.23
CA ALA A 279 -35.73 -6.40 -18.07
C ALA A 279 -37.12 -6.90 -17.68
N TYR A 280 -37.59 -7.92 -18.40
CA TYR A 280 -38.87 -8.57 -18.12
C TYR A 280 -38.54 -10.01 -17.78
N ILE A 281 -38.34 -10.26 -16.47
CA ILE A 281 -37.87 -11.50 -15.87
C ILE A 281 -38.55 -12.77 -16.43
N PRO A 282 -39.91 -12.93 -16.53
CA PRO A 282 -40.44 -14.19 -17.07
C PRO A 282 -39.95 -14.55 -18.49
N GLU A 283 -39.91 -13.56 -19.38
CA GLU A 283 -39.43 -13.69 -20.77
C GLU A 283 -37.94 -14.07 -20.81
N LEU A 284 -37.12 -13.39 -19.98
CA LEU A 284 -35.69 -13.67 -19.88
C LEU A 284 -35.44 -15.07 -19.35
N GLN A 285 -36.21 -15.49 -18.33
CA GLN A 285 -36.11 -16.82 -17.76
C GLN A 285 -36.52 -17.91 -18.76
N ILE A 286 -37.63 -17.68 -19.50
CA ILE A 286 -38.10 -18.63 -20.53
C ILE A 286 -37.02 -18.79 -21.62
N SER A 287 -36.43 -17.66 -22.07
CA SER A 287 -35.37 -17.62 -23.08
C SER A 287 -34.13 -18.39 -22.63
N PHE A 288 -33.67 -18.16 -21.39
CA PHE A 288 -32.52 -18.89 -20.84
C PHE A 288 -32.81 -20.41 -20.80
N MET A 289 -34.06 -20.80 -20.41
CA MET A 289 -34.48 -22.19 -20.33
C MET A 289 -34.48 -22.85 -21.69
N GLU A 290 -35.12 -22.22 -22.67
CA GLU A 290 -35.25 -22.74 -24.02
C GLU A 290 -33.94 -22.85 -24.77
N HIS A 291 -33.09 -21.80 -24.69
CA HIS A 291 -31.90 -21.76 -25.51
C HIS A 291 -30.61 -22.22 -24.83
N ILE A 292 -30.57 -22.24 -23.50
CA ILE A 292 -29.36 -22.66 -22.79
C ILE A 292 -29.58 -23.94 -21.96
N ALA A 293 -30.40 -23.88 -20.90
CA ALA A 293 -30.56 -24.98 -19.96
C ALA A 293 -31.15 -26.25 -20.56
N MET A 294 -32.35 -26.17 -21.19
CA MET A 294 -33.01 -27.35 -21.77
C MET A 294 -32.12 -28.10 -22.76
N PRO A 295 -31.41 -27.44 -23.73
CA PRO A 295 -30.52 -28.21 -24.61
C PRO A 295 -29.37 -28.94 -23.88
N ILE A 296 -28.85 -28.34 -22.77
CA ILE A 296 -27.78 -28.95 -21.95
C ILE A 296 -28.28 -30.25 -21.31
N TYR A 297 -29.43 -30.19 -20.64
CA TYR A 297 -29.98 -31.37 -19.98
C TYR A 297 -30.54 -32.40 -20.96
N LYS A 298 -30.90 -31.97 -22.20
CA LYS A 298 -31.35 -32.90 -23.24
C LYS A 298 -30.14 -33.71 -23.71
N LEU A 299 -28.97 -33.06 -23.86
CA LEU A 299 -27.70 -33.70 -24.21
C LEU A 299 -27.29 -34.68 -23.12
N LEU A 300 -27.44 -34.28 -21.85
CA LEU A 300 -27.12 -35.13 -20.68
C LEU A 300 -28.01 -36.36 -20.66
N GLN A 301 -29.31 -36.21 -20.98
CA GLN A 301 -30.26 -37.31 -21.06
C GLN A 301 -29.87 -38.28 -22.19
N ASP A 302 -29.45 -37.74 -23.36
CA ASP A 302 -29.05 -38.54 -24.53
C ASP A 302 -27.85 -39.45 -24.21
N LEU A 303 -26.92 -38.95 -23.37
CA LEU A 303 -25.73 -39.67 -22.95
C LEU A 303 -25.97 -40.58 -21.74
N PHE A 304 -26.83 -40.14 -20.80
CA PHE A 304 -27.15 -40.89 -19.59
C PHE A 304 -28.67 -41.02 -19.46
N PRO A 305 -29.27 -42.19 -19.83
CA PRO A 305 -30.74 -42.31 -19.71
C PRO A 305 -31.30 -41.99 -18.32
N LYS A 306 -30.53 -42.26 -17.25
CA LYS A 306 -30.90 -41.95 -15.85
C LYS A 306 -31.02 -40.44 -15.57
N ALA A 307 -30.47 -39.58 -16.46
CA ALA A 307 -30.54 -38.11 -16.31
C ALA A 307 -31.84 -37.53 -16.92
N ALA A 308 -32.79 -38.41 -17.36
CA ALA A 308 -34.08 -38.00 -17.94
C ALA A 308 -34.89 -37.05 -17.04
N GLU A 309 -34.95 -37.35 -15.73
CA GLU A 309 -35.70 -36.55 -14.75
C GLU A 309 -35.20 -35.09 -14.65
N LEU A 310 -33.90 -34.86 -14.89
CA LEU A 310 -33.31 -33.53 -14.85
C LEU A 310 -33.84 -32.66 -15.97
N TYR A 311 -33.87 -33.20 -17.19
CA TYR A 311 -34.42 -32.50 -18.36
C TYR A 311 -35.90 -32.16 -18.14
N GLU A 312 -36.68 -33.15 -17.66
CA GLU A 312 -38.11 -33.00 -17.38
C GLU A 312 -38.38 -31.91 -16.33
N ARG A 313 -37.52 -31.76 -15.31
N ARG A 313 -37.51 -31.78 -15.31
CA ARG A 313 -37.67 -30.71 -14.30
CA ARG A 313 -37.64 -30.73 -14.29
C ARG A 313 -37.39 -29.34 -14.89
C ARG A 313 -37.39 -29.35 -14.88
N VAL A 314 -36.34 -29.24 -15.73
CA VAL A 314 -35.97 -27.97 -16.40
C VAL A 314 -37.14 -27.58 -17.35
N ALA A 315 -37.68 -28.55 -18.11
CA ALA A 315 -38.82 -28.29 -19.02
C ALA A 315 -40.06 -27.84 -18.24
N SER A 316 -40.32 -28.46 -17.07
CA SER A 316 -41.47 -28.12 -16.22
C SER A 316 -41.29 -26.74 -15.61
N ASN A 317 -40.05 -26.39 -15.22
CA ASN A 317 -39.75 -25.07 -14.64
C ASN A 317 -39.99 -23.95 -15.67
N ARG A 318 -39.68 -24.20 -16.97
CA ARG A 318 -39.92 -23.31 -18.10
C ARG A 318 -41.45 -23.09 -18.30
N GLU A 319 -42.26 -24.14 -18.11
CA GLU A 319 -43.73 -24.08 -18.22
C GLU A 319 -44.32 -23.32 -17.05
N HIS A 320 -43.67 -23.37 -15.86
CA HIS A 320 -44.10 -22.65 -14.67
C HIS A 320 -43.93 -21.14 -14.85
N TRP A 321 -42.83 -20.70 -15.52
CA TRP A 321 -42.58 -19.29 -15.81
C TRP A 321 -43.64 -18.74 -16.76
N THR A 322 -44.04 -19.55 -17.79
CA THR A 322 -45.09 -19.18 -18.76
C THR A 322 -46.42 -19.02 -18.00
N LYS A 323 -46.69 -19.95 -17.06
CA LYS A 323 -47.90 -20.00 -16.22
C LYS A 323 -48.04 -18.78 -15.29
N VAL A 324 -46.90 -18.24 -14.78
CA VAL A 324 -46.95 -17.11 -13.85
C VAL A 324 -46.70 -15.74 -14.49
N SER A 325 -46.41 -15.67 -15.81
CA SER A 325 -46.10 -14.42 -16.51
C SER A 325 -47.19 -13.34 -16.36
N HIS A 326 -48.48 -13.76 -16.35
CA HIS A 326 -49.63 -12.86 -16.20
C HIS A 326 -49.59 -12.06 -14.88
N LYS A 327 -48.96 -12.61 -13.84
CA LYS A 327 -48.83 -11.97 -12.54
C LYS A 327 -47.89 -10.74 -12.57
N PHE A 328 -47.09 -10.59 -13.64
CA PHE A 328 -46.20 -9.46 -13.81
C PHE A 328 -46.96 -8.23 -14.37
N THR A 329 -48.26 -8.39 -14.70
CA THR A 329 -49.14 -7.29 -15.14
C THR A 329 -50.05 -6.92 -13.95
N ILE A 330 -50.06 -5.62 -13.60
CA ILE A 330 -50.87 -5.06 -12.52
C ILE A 330 -52.33 -4.94 -12.98
N ARG A 331 -53.17 -5.82 -12.43
CA ARG A 331 -54.60 -5.83 -12.72
C ARG A 331 -55.33 -5.22 -11.53
N GLY A 332 -56.34 -4.41 -11.80
CA GLY A 332 -57.07 -3.64 -10.79
C GLY A 332 -56.15 -2.57 -10.23
N LEU A 333 -56.25 -2.28 -8.93
CA LEU A 333 -55.38 -1.30 -8.26
C LEU A 333 -54.34 -2.03 -7.41
N PRO A 334 -53.15 -1.44 -7.13
CA PRO A 334 -52.22 -2.07 -6.18
C PRO A 334 -52.81 -2.08 -4.75
N SER A 335 -52.21 -2.86 -3.82
CA SER A 335 -52.65 -3.07 -2.43
C SER A 335 -53.05 -1.80 -1.68
N ASN A 336 -52.25 -0.73 -1.81
CA ASN A 336 -52.50 0.58 -1.16
C ASN A 336 -53.69 1.34 -1.76
N ASN A 337 -54.24 0.85 -2.89
CA ASN A 337 -55.37 1.42 -3.64
C ASN A 337 -55.03 2.74 -4.34
N SER A 338 -53.75 3.08 -4.46
CA SER A 338 -53.38 4.33 -5.12
C SER A 338 -52.57 4.10 -6.40
N LEU A 339 -52.63 5.10 -7.31
CA LEU A 339 -51.90 5.05 -8.57
C LEU A 339 -50.64 5.92 -8.48
N ASP A 340 -50.18 6.22 -7.25
CA ASP A 340 -49.00 7.05 -6.99
C ASP A 340 -47.75 6.62 -7.72
N PHE A 341 -47.59 5.30 -7.99
CA PHE A 341 -46.44 4.72 -8.69
C PHE A 341 -46.29 5.25 -10.13
N LEU A 342 -47.34 5.88 -10.69
CA LEU A 342 -47.34 6.44 -12.03
C LEU A 342 -46.63 7.80 -12.08
N ASP B 6 15.27 -3.11 10.61
CA ASP B 6 14.48 -3.20 9.39
C ASP B 6 15.04 -2.36 8.28
N GLU B 7 14.96 -2.91 7.09
CA GLU B 7 15.40 -2.36 5.81
C GLU B 7 14.53 -1.21 5.42
N TYR B 8 13.19 -1.36 5.57
CA TYR B 8 12.20 -0.35 5.24
C TYR B 8 12.43 0.94 6.05
N THR B 9 12.62 0.82 7.39
CA THR B 9 12.84 1.94 8.31
C THR B 9 13.97 2.86 7.82
N LYS B 10 15.12 2.25 7.49
CA LYS B 10 16.30 2.96 7.01
C LYS B 10 16.07 3.57 5.64
N LEU B 11 15.45 2.81 4.75
CA LEU B 11 15.16 3.25 3.40
C LEU B 11 14.26 4.49 3.36
N LEU B 12 13.32 4.55 4.32
CA LEU B 12 12.36 5.63 4.41
C LEU B 12 12.85 6.85 5.22
N HIS B 13 13.46 6.63 6.39
CA HIS B 13 13.84 7.72 7.29
C HIS B 13 15.28 8.24 7.16
N ASP B 14 16.17 7.53 6.43
CA ASP B 14 17.57 7.99 6.28
C ASP B 14 17.77 9.08 5.24
N GLY B 15 16.85 9.18 4.28
CA GLY B 15 17.00 10.16 3.21
C GLY B 15 17.78 9.57 2.05
N ILE B 16 17.45 10.01 0.86
CA ILE B 16 18.01 9.48 -0.37
C ILE B 16 19.40 10.08 -0.68
N GLN B 17 20.42 9.22 -0.66
CA GLN B 17 21.83 9.54 -0.90
C GLN B 17 22.05 10.10 -2.33
N PRO B 18 22.90 11.16 -2.51
CA PRO B 18 23.19 11.65 -3.88
C PRO B 18 23.87 10.53 -4.66
N VAL B 19 23.49 10.40 -5.94
CA VAL B 19 23.96 9.36 -6.84
C VAL B 19 25.52 9.28 -6.94
N ALA B 20 26.22 10.42 -6.85
CA ALA B 20 27.68 10.49 -6.90
C ALA B 20 28.32 9.94 -5.61
N ALA B 21 27.59 9.93 -4.48
CA ALA B 21 28.14 9.41 -3.23
C ALA B 21 28.24 7.88 -3.23
N ILE B 22 27.43 7.18 -4.06
CA ILE B 22 27.45 5.70 -4.18
C ILE B 22 28.82 5.25 -4.71
N ASP B 23 29.25 5.86 -5.82
CA ASP B 23 30.54 5.61 -6.47
C ASP B 23 30.80 6.80 -7.38
N SER B 24 32.08 7.23 -7.49
CA SER B 24 32.46 8.36 -8.35
C SER B 24 32.20 8.08 -9.83
N ASN B 25 32.19 6.80 -10.20
CA ASN B 25 31.97 6.37 -11.57
C ASN B 25 30.53 5.80 -11.80
N PHE B 26 29.61 5.99 -10.84
CA PHE B 26 28.24 5.43 -10.90
C PHE B 26 27.46 5.73 -12.17
N ALA B 27 27.59 6.95 -12.72
CA ALA B 27 26.87 7.38 -13.93
C ALA B 27 27.62 7.12 -15.25
N SER B 28 28.71 6.31 -15.22
CA SER B 28 29.50 5.97 -16.40
C SER B 28 29.16 4.59 -16.96
N PHE B 29 29.30 4.44 -18.29
CA PHE B 29 29.10 3.15 -18.97
C PHE B 29 30.17 2.10 -18.55
N THR B 30 31.29 2.55 -17.94
CA THR B 30 32.35 1.64 -17.47
C THR B 30 32.04 1.06 -16.08
N TYR B 31 31.07 1.64 -15.37
CA TYR B 31 30.68 1.16 -14.04
C TYR B 31 29.98 -0.20 -14.13
N THR B 32 30.34 -1.12 -13.23
CA THR B 32 29.75 -2.46 -13.14
C THR B 32 28.78 -2.47 -11.95
N PRO B 33 27.44 -2.33 -12.18
CA PRO B 33 26.50 -2.30 -11.05
C PRO B 33 26.51 -3.54 -10.17
N ARG B 34 26.93 -4.69 -10.73
CA ARG B 34 27.04 -5.93 -9.98
C ARG B 34 28.10 -5.86 -8.86
N SER B 35 28.97 -4.82 -8.86
CA SER B 35 29.99 -4.58 -7.83
C SER B 35 29.35 -3.98 -6.57
N LEU B 36 28.13 -3.44 -6.69
CA LEU B 36 27.46 -2.84 -5.54
C LEU B 36 26.90 -3.95 -4.64
N PRO B 37 27.20 -3.93 -3.31
CA PRO B 37 26.62 -4.96 -2.42
C PRO B 37 25.10 -5.01 -2.52
N GLU B 38 24.49 -6.22 -2.49
CA GLU B 38 23.05 -6.38 -2.62
C GLU B 38 22.25 -5.57 -1.59
N ASP B 39 22.79 -5.40 -0.37
CA ASP B 39 22.14 -4.62 0.70
C ASP B 39 22.01 -3.12 0.39
N ASP B 40 22.80 -2.61 -0.55
CA ASP B 40 22.78 -1.19 -0.97
C ASP B 40 21.99 -0.94 -2.25
N THR B 41 21.45 -1.98 -2.89
CA THR B 41 20.75 -1.84 -4.17
C THR B 41 19.41 -1.11 -4.08
N SER B 42 18.57 -1.38 -3.06
CA SER B 42 17.29 -0.67 -2.94
C SER B 42 17.51 0.85 -2.76
N MET B 43 18.54 1.26 -2.01
CA MET B 43 18.87 2.67 -1.83
C MET B 43 19.38 3.29 -3.14
N ALA B 44 20.15 2.51 -3.94
CA ALA B 44 20.66 2.96 -5.24
C ALA B 44 19.51 3.20 -6.23
N ILE B 45 18.43 2.38 -6.18
CA ILE B 45 17.22 2.56 -6.99
C ILE B 45 16.61 3.93 -6.63
N LEU B 46 16.46 4.22 -5.32
CA LEU B 46 15.89 5.48 -4.86
C LEU B 46 16.76 6.67 -5.31
N SER B 47 18.10 6.53 -5.24
CA SER B 47 19.06 7.57 -5.67
C SER B 47 18.92 7.87 -7.16
N MET B 48 18.73 6.82 -7.98
CA MET B 48 18.56 6.95 -9.44
C MET B 48 17.25 7.63 -9.78
N LEU B 49 16.15 7.22 -9.11
CA LEU B 49 14.84 7.82 -9.31
C LEU B 49 14.85 9.30 -8.90
N GLN B 50 15.52 9.62 -7.79
CA GLN B 50 15.66 11.01 -7.35
C GLN B 50 16.48 11.82 -8.36
N ASP B 51 17.60 11.25 -8.88
CA ASP B 51 18.44 11.92 -9.87
C ASP B 51 17.72 12.18 -11.21
N MET B 52 16.77 11.32 -11.58
CA MET B 52 15.99 11.44 -12.82
C MET B 52 14.77 12.33 -12.64
N ASN B 53 14.59 12.90 -11.42
CA ASN B 53 13.51 13.79 -10.94
C ASN B 53 12.09 13.18 -11.17
N PHE B 54 11.98 11.84 -11.10
CA PHE B 54 10.70 11.12 -11.22
C PHE B 54 9.89 11.26 -9.94
N ILE B 55 10.56 11.20 -8.77
CA ILE B 55 9.93 11.35 -7.44
C ILE B 55 9.17 12.69 -7.38
N ASN B 56 9.80 13.77 -7.88
CA ASN B 56 9.26 15.13 -7.92
C ASN B 56 8.24 15.34 -9.05
N ASN B 57 8.61 15.05 -10.32
CA ASN B 57 7.71 15.21 -11.46
C ASN B 57 6.43 14.40 -11.33
N TYR B 58 6.50 13.24 -10.64
CA TYR B 58 5.36 12.37 -10.44
C TYR B 58 4.86 12.35 -9.01
N LYS B 59 5.28 13.32 -8.18
CA LYS B 59 4.86 13.46 -6.78
C LYS B 59 4.73 12.10 -6.05
N ILE B 60 5.77 11.24 -6.15
CA ILE B 60 5.68 9.92 -5.54
C ILE B 60 5.86 10.02 -4.02
N ASP B 61 4.95 9.41 -3.29
CA ASP B 61 4.97 9.32 -1.84
C ASP B 61 6.17 8.40 -1.48
N CYS B 62 7.05 8.87 -0.58
CA CYS B 62 8.25 8.13 -0.19
C CYS B 62 7.95 6.81 0.52
N PRO B 63 7.01 6.71 1.52
CA PRO B 63 6.71 5.38 2.10
C PRO B 63 6.27 4.41 1.01
N THR B 64 5.46 4.89 0.03
CA THR B 64 4.96 4.08 -1.09
C THR B 64 6.11 3.60 -1.96
N LEU B 65 7.05 4.49 -2.29
CA LEU B 65 8.16 4.12 -3.16
C LEU B 65 9.12 3.12 -2.50
N ALA B 66 9.43 3.35 -1.22
CA ALA B 66 10.28 2.47 -0.43
C ALA B 66 9.64 1.06 -0.36
N ARG B 67 8.30 0.99 -0.09
CA ARG B 67 7.56 -0.28 -0.04
C ARG B 67 7.61 -0.96 -1.40
N PHE B 68 7.34 -0.21 -2.48
CA PHE B 68 7.35 -0.73 -3.85
C PHE B 68 8.69 -1.38 -4.19
N CYS B 69 9.81 -0.64 -4.00
CA CYS B 69 11.17 -1.11 -4.26
C CYS B 69 11.46 -2.39 -3.50
N LEU B 70 11.08 -2.46 -2.20
CA LEU B 70 11.31 -3.68 -1.40
C LEU B 70 10.46 -4.86 -1.87
N MET B 71 9.21 -4.60 -2.29
N MET B 71 9.21 -4.60 -2.29
CA MET B 71 8.29 -5.62 -2.81
CA MET B 71 8.31 -5.65 -2.80
C MET B 71 8.78 -6.20 -4.13
C MET B 71 8.81 -6.21 -4.12
N VAL B 72 9.37 -5.34 -5.00
CA VAL B 72 9.92 -5.74 -6.30
C VAL B 72 11.13 -6.66 -6.04
N LYS B 73 12.03 -6.24 -5.14
CA LYS B 73 13.22 -7.03 -4.78
C LYS B 73 12.82 -8.42 -4.22
N LYS B 74 11.83 -8.46 -3.33
CA LYS B 74 11.29 -9.69 -2.72
C LYS B 74 10.60 -10.59 -3.76
N GLY B 75 10.13 -10.00 -4.87
CA GLY B 75 9.44 -10.69 -5.95
C GLY B 75 10.34 -11.53 -6.84
N TYR B 76 11.67 -11.40 -6.68
CA TYR B 76 12.65 -12.18 -7.43
C TYR B 76 13.05 -13.41 -6.65
N ARG B 77 13.14 -14.54 -7.35
CA ARG B 77 13.58 -15.79 -6.74
C ARG B 77 15.11 -15.82 -6.81
N ASP B 78 15.73 -16.97 -6.53
CA ASP B 78 17.19 -17.01 -6.55
C ASP B 78 17.76 -18.02 -7.56
N PRO B 79 17.35 -18.05 -8.86
CA PRO B 79 18.06 -18.94 -9.78
C PRO B 79 19.44 -18.32 -10.02
N PRO B 80 20.43 -19.00 -10.64
CA PRO B 80 21.76 -18.38 -10.80
C PRO B 80 21.78 -17.04 -11.53
N TYR B 81 20.95 -16.85 -12.58
CA TYR B 81 21.01 -15.60 -13.33
C TYR B 81 19.80 -14.67 -13.15
N HIS B 82 18.57 -15.17 -13.35
CA HIS B 82 17.37 -14.34 -13.30
C HIS B 82 16.91 -14.01 -11.90
N ASN B 83 17.75 -13.30 -11.17
CA ASN B 83 17.52 -12.89 -9.79
C ASN B 83 17.46 -11.37 -9.67
N TRP B 84 17.36 -10.84 -8.43
CA TRP B 84 17.27 -9.39 -8.23
C TRP B 84 18.50 -8.64 -8.73
N MET B 85 19.72 -9.22 -8.59
CA MET B 85 20.93 -8.54 -9.05
C MET B 85 20.90 -8.29 -10.56
N HIS B 86 20.26 -9.18 -11.31
CA HIS B 86 20.05 -9.01 -12.76
C HIS B 86 19.11 -7.82 -12.99
N ALA B 87 17.94 -7.80 -12.31
CA ALA B 87 16.99 -6.68 -12.46
C ALA B 87 17.63 -5.35 -12.05
N PHE B 88 18.44 -5.34 -10.98
CA PHE B 88 19.11 -4.12 -10.54
C PHE B 88 20.10 -3.62 -11.59
N SER B 89 20.88 -4.53 -12.17
N SER B 89 20.92 -4.52 -12.16
CA SER B 89 21.88 -4.23 -13.20
CA SER B 89 21.90 -4.14 -13.16
C SER B 89 21.19 -3.70 -14.44
C SER B 89 21.21 -3.70 -14.46
N VAL B 90 20.01 -4.26 -14.75
CA VAL B 90 19.22 -3.88 -15.94
C VAL B 90 18.68 -2.43 -15.73
N SER B 91 18.15 -2.14 -14.54
CA SER B 91 17.63 -0.81 -14.16
C SER B 91 18.76 0.23 -14.14
N HIS B 92 19.96 -0.15 -13.62
CA HIS B 92 21.12 0.76 -13.63
C HIS B 92 21.47 1.15 -15.05
N PHE B 93 21.42 0.20 -16.01
CA PHE B 93 21.72 0.53 -17.41
C PHE B 93 20.71 1.51 -17.99
N CYS B 94 19.42 1.34 -17.67
CA CYS B 94 18.37 2.28 -18.11
C CYS B 94 18.75 3.68 -17.62
N TYR B 95 19.17 3.79 -16.36
CA TYR B 95 19.64 5.03 -15.77
C TYR B 95 20.84 5.59 -16.55
N LEU B 96 21.83 4.73 -16.91
CA LEU B 96 22.99 5.12 -17.71
C LEU B 96 22.57 5.69 -19.07
N LEU B 97 21.58 5.05 -19.72
CA LEU B 97 21.06 5.51 -21.01
C LEU B 97 20.45 6.90 -20.86
N TYR B 98 19.66 7.12 -19.79
CA TYR B 98 19.08 8.41 -19.49
C TYR B 98 20.17 9.48 -19.33
N LYS B 99 21.20 9.19 -18.51
CA LYS B 99 22.30 10.12 -18.20
C LYS B 99 23.26 10.41 -19.34
N ASN B 100 23.58 9.42 -20.15
CA ASN B 100 24.58 9.55 -21.21
C ASN B 100 24.02 9.78 -22.60
N LEU B 101 22.82 9.27 -22.89
CA LEU B 101 22.20 9.43 -24.21
C LEU B 101 21.18 10.55 -24.20
N GLU B 102 20.96 11.22 -23.04
CA GLU B 102 20.01 12.31 -22.86
C GLU B 102 18.61 11.95 -23.42
N LEU B 103 18.00 10.87 -22.87
CA LEU B 103 16.72 10.34 -23.34
C LEU B 103 15.54 11.34 -23.31
N THR B 104 15.59 12.40 -22.45
CA THR B 104 14.53 13.45 -22.38
C THR B 104 14.39 14.21 -23.69
N ASN B 105 15.41 14.13 -24.55
CA ASN B 105 15.37 14.76 -25.88
C ASN B 105 14.70 13.83 -26.88
N TYR B 106 14.45 12.57 -26.50
CA TYR B 106 13.87 11.58 -27.43
C TYR B 106 12.52 11.03 -27.01
N LEU B 107 12.35 10.80 -25.72
CA LEU B 107 11.11 10.21 -25.22
C LEU B 107 10.45 11.12 -24.23
N GLU B 108 9.12 11.02 -24.09
CA GLU B 108 8.48 11.81 -23.06
C GLU B 108 8.79 11.21 -21.70
N ASP B 109 8.73 12.05 -20.66
CA ASP B 109 9.06 11.63 -19.30
C ASP B 109 8.28 10.41 -18.86
N ILE B 110 6.97 10.32 -19.20
CA ILE B 110 6.11 9.17 -18.87
C ILE B 110 6.68 7.86 -19.46
N GLU B 111 7.27 7.94 -20.66
CA GLU B 111 7.88 6.77 -21.33
C GLU B 111 9.19 6.33 -20.67
N ILE B 112 10.04 7.28 -20.24
CA ILE B 112 11.31 6.95 -19.58
C ILE B 112 10.97 6.32 -18.21
N PHE B 113 9.96 6.88 -17.51
CA PHE B 113 9.47 6.37 -16.23
C PHE B 113 8.96 4.94 -16.37
N ALA B 114 8.16 4.65 -17.42
CA ALA B 114 7.67 3.28 -17.71
C ALA B 114 8.85 2.37 -17.98
N LEU B 115 9.84 2.84 -18.75
CA LEU B 115 11.03 2.05 -19.09
C LEU B 115 11.78 1.63 -17.84
N PHE B 116 12.07 2.60 -16.93
CA PHE B 116 12.82 2.31 -15.71
C PHE B 116 12.09 1.34 -14.80
N ILE B 117 10.79 1.59 -14.53
CA ILE B 117 9.98 0.70 -13.68
C ILE B 117 9.88 -0.68 -14.33
N SER B 118 9.75 -0.75 -15.67
CA SER B 118 9.69 -2.04 -16.38
C SER B 118 11.01 -2.80 -16.20
N CYS B 119 12.17 -2.11 -16.23
CA CYS B 119 13.48 -2.74 -15.99
C CYS B 119 13.51 -3.42 -14.62
N MET B 120 12.98 -2.72 -13.58
CA MET B 120 12.94 -3.29 -12.22
C MET B 120 12.11 -4.59 -12.15
N CYS B 121 10.96 -4.61 -12.83
CA CYS B 121 9.95 -5.67 -12.80
C CYS B 121 10.07 -6.74 -13.86
N HIS B 122 10.88 -6.54 -14.90
CA HIS B 122 10.85 -7.31 -16.15
C HIS B 122 11.05 -8.81 -16.03
N ASP B 123 11.67 -9.31 -14.95
CA ASP B 123 11.89 -10.75 -14.76
C ASP B 123 11.29 -11.26 -13.46
N LEU B 124 10.33 -10.53 -12.87
CA LEU B 124 9.70 -10.90 -11.59
C LEU B 124 9.24 -12.34 -11.52
N ASP B 125 9.59 -13.03 -10.43
CA ASP B 125 9.22 -14.43 -10.16
C ASP B 125 9.74 -15.43 -11.22
N HIS B 126 10.88 -15.11 -11.87
CA HIS B 126 11.50 -16.03 -12.84
C HIS B 126 11.91 -17.29 -12.06
N ARG B 127 11.66 -18.46 -12.64
CA ARG B 127 11.96 -19.75 -11.99
C ARG B 127 13.22 -20.40 -12.57
N GLY B 128 13.95 -19.67 -13.40
CA GLY B 128 15.16 -20.19 -14.02
C GLY B 128 14.89 -21.09 -15.20
N THR B 129 13.66 -21.08 -15.74
CA THR B 129 13.29 -21.86 -16.92
C THR B 129 12.70 -20.94 -17.97
N ASN B 130 12.93 -21.23 -19.25
CA ASN B 130 12.48 -20.37 -20.35
C ASN B 130 11.04 -20.63 -20.79
N ASN B 131 10.58 -19.94 -21.86
CA ASN B 131 9.22 -20.07 -22.40
C ASN B 131 8.91 -21.44 -22.95
N SER B 132 9.87 -22.05 -23.69
CA SER B 132 9.71 -23.37 -24.26
C SER B 132 9.46 -24.43 -23.15
N PHE B 133 10.16 -24.30 -22.00
CA PHE B 133 9.99 -25.20 -20.85
C PHE B 133 8.58 -25.11 -20.27
N GLN B 134 8.04 -23.88 -20.15
CA GLN B 134 6.68 -23.67 -19.64
C GLN B 134 5.65 -24.44 -20.46
N VAL B 135 5.77 -24.35 -21.79
CA VAL B 135 4.89 -25.02 -22.75
C VAL B 135 5.08 -26.54 -22.70
N ALA B 136 6.33 -27.02 -22.77
CA ALA B 136 6.65 -28.45 -22.74
C ALA B 136 6.21 -29.11 -21.44
N SER B 137 6.40 -28.43 -20.28
CA SER B 137 6.00 -28.95 -18.98
C SER B 137 4.52 -28.72 -18.65
N LYS B 138 3.76 -28.05 -19.56
CA LYS B 138 2.34 -27.71 -19.41
C LYS B 138 2.07 -27.01 -18.07
N SER B 139 2.89 -25.99 -17.76
CA SER B 139 2.81 -25.21 -16.53
C SER B 139 1.49 -24.42 -16.43
N VAL B 140 1.18 -23.92 -15.22
CA VAL B 140 0.00 -23.06 -15.01
C VAL B 140 0.15 -21.73 -15.77
N LEU B 141 1.40 -21.25 -15.96
CA LEU B 141 1.67 -20.02 -16.71
C LEU B 141 1.35 -20.19 -18.18
N ALA B 142 1.69 -21.38 -18.72
CA ALA B 142 1.37 -21.79 -20.08
C ALA B 142 -0.15 -22.05 -20.20
N ALA B 143 -0.82 -22.41 -19.08
CA ALA B 143 -2.27 -22.67 -19.04
C ALA B 143 -3.10 -21.38 -19.10
N LEU B 144 -2.63 -20.29 -18.46
CA LEU B 144 -3.31 -19.00 -18.44
C LEU B 144 -3.05 -18.25 -19.77
N TYR B 145 -1.76 -18.18 -20.18
CA TYR B 145 -1.30 -17.47 -21.38
C TYR B 145 -1.03 -18.50 -22.47
N SER B 146 -2.13 -18.99 -23.07
CA SER B 146 -2.11 -20.07 -24.06
C SER B 146 -2.26 -19.64 -25.53
N SER B 147 -2.96 -18.52 -25.81
CA SER B 147 -3.24 -18.03 -27.17
C SER B 147 -2.00 -17.83 -28.04
N GLU B 148 -0.94 -17.24 -27.45
CA GLU B 148 0.31 -16.98 -28.12
C GLU B 148 1.52 -17.28 -27.21
N GLY B 149 2.67 -16.72 -27.56
CA GLY B 149 3.91 -16.92 -26.83
C GLY B 149 4.13 -15.90 -25.73
N SER B 150 5.42 -15.68 -25.41
CA SER B 150 5.88 -14.78 -24.36
C SER B 150 5.22 -15.10 -23.01
N VAL B 151 5.17 -16.42 -22.67
CA VAL B 151 4.59 -16.95 -21.43
C VAL B 151 5.17 -16.28 -20.17
N MET B 152 6.51 -16.35 -20.00
CA MET B 152 7.17 -15.75 -18.82
C MET B 152 6.96 -14.25 -18.74
N GLU B 153 7.09 -13.55 -19.87
CA GLU B 153 6.96 -12.09 -19.93
C GLU B 153 5.54 -11.66 -19.52
N ARG B 154 4.52 -12.41 -19.90
CA ARG B 154 3.13 -12.18 -19.48
C ARG B 154 3.02 -12.33 -17.95
N HIS B 155 3.71 -13.34 -17.39
CA HIS B 155 3.75 -13.58 -15.93
C HIS B 155 4.48 -12.45 -15.19
N HIS B 156 5.65 -12.00 -15.72
CA HIS B 156 6.43 -10.89 -15.13
C HIS B 156 5.56 -9.63 -15.02
N PHE B 157 4.83 -9.29 -16.09
CA PHE B 157 3.90 -8.18 -16.11
C PHE B 157 2.77 -8.37 -15.08
N ALA B 158 2.15 -9.58 -15.03
CA ALA B 158 1.07 -9.86 -14.05
C ALA B 158 1.56 -9.71 -12.62
N GLN B 159 2.82 -10.09 -12.37
CA GLN B 159 3.43 -9.96 -11.05
C GLN B 159 3.64 -8.47 -10.70
N ALA B 160 4.02 -7.64 -11.71
CA ALA B 160 4.21 -6.21 -11.51
C ALA B 160 2.89 -5.52 -11.17
N ILE B 161 1.79 -5.93 -11.84
CA ILE B 161 0.42 -5.43 -11.58
C ILE B 161 -0.04 -5.78 -10.17
N ALA B 162 0.29 -7.02 -9.71
CA ALA B 162 -0.07 -7.49 -8.37
C ALA B 162 0.62 -6.62 -7.31
N ILE B 163 1.90 -6.24 -7.55
CA ILE B 163 2.67 -5.38 -6.65
C ILE B 163 2.03 -4.01 -6.56
N LEU B 164 1.78 -3.38 -7.73
CA LEU B 164 1.12 -2.07 -7.83
C LEU B 164 -0.25 -2.03 -7.14
N ASN B 165 -0.99 -3.16 -7.13
CA ASN B 165 -2.31 -3.26 -6.49
C ASN B 165 -2.25 -3.71 -5.02
N THR B 166 -1.02 -3.85 -4.47
CA THR B 166 -0.85 -4.19 -3.05
C THR B 166 -0.95 -2.88 -2.28
N HIS B 167 -1.69 -2.89 -1.15
CA HIS B 167 -1.90 -1.73 -0.29
C HIS B 167 -0.57 -1.07 0.08
N GLY B 168 -0.45 0.21 -0.26
CA GLY B 168 0.74 1.01 0.01
C GLY B 168 1.90 0.88 -0.96
N CYS B 169 1.70 0.17 -2.10
CA CYS B 169 2.70 -0.04 -3.13
C CYS B 169 2.33 0.64 -4.46
N ASN B 170 1.21 1.39 -4.51
CA ASN B 170 0.82 2.02 -5.77
C ASN B 170 1.57 3.33 -6.05
N ILE B 171 2.77 3.20 -6.63
CA ILE B 171 3.62 4.33 -7.03
C ILE B 171 3.01 5.09 -8.24
N PHE B 172 1.92 4.58 -8.83
CA PHE B 172 1.24 5.24 -9.96
C PHE B 172 -0.03 5.97 -9.51
N ASP B 173 -0.22 6.12 -8.18
CA ASP B 173 -1.38 6.78 -7.54
C ASP B 173 -1.62 8.21 -8.04
N HIS B 174 -0.55 8.96 -8.29
N HIS B 174 -0.53 8.96 -8.31
CA HIS B 174 -0.59 10.35 -8.77
CA HIS B 174 -0.57 10.36 -8.78
C HIS B 174 -1.19 10.53 -10.17
C HIS B 174 -1.15 10.53 -10.19
N PHE B 175 -1.12 9.47 -11.02
CA PHE B 175 -1.62 9.54 -12.40
C PHE B 175 -3.14 9.63 -12.48
N SER B 176 -3.65 10.30 -13.54
CA SER B 176 -5.08 10.39 -13.83
C SER B 176 -5.48 9.01 -14.35
N ARG B 177 -6.79 8.68 -14.40
CA ARG B 177 -7.20 7.37 -14.94
C ARG B 177 -6.62 7.13 -16.34
N LYS B 178 -6.55 8.17 -17.22
CA LYS B 178 -5.97 8.05 -18.57
C LYS B 178 -4.45 7.77 -18.56
N ASP B 179 -3.69 8.49 -17.70
CA ASP B 179 -2.24 8.28 -17.61
C ASP B 179 -1.92 6.94 -16.94
N TYR B 180 -2.76 6.50 -15.96
CA TYR B 180 -2.62 5.20 -15.29
C TYR B 180 -2.75 4.07 -16.35
N GLN B 181 -3.78 4.16 -17.24
CA GLN B 181 -3.99 3.17 -18.31
C GLN B 181 -2.82 3.19 -19.29
N ARG B 182 -2.36 4.40 -19.67
CA ARG B 182 -1.22 4.54 -20.55
C ARG B 182 0.04 3.85 -19.96
N MET B 183 0.28 4.06 -18.67
N MET B 183 0.30 4.04 -18.65
CA MET B 183 1.41 3.50 -17.93
CA MET B 183 1.44 3.43 -17.93
C MET B 183 1.36 1.95 -17.88
C MET B 183 1.36 1.91 -17.95
N LEU B 184 0.18 1.35 -17.61
CA LEU B 184 -0.02 -0.11 -17.57
C LEU B 184 0.21 -0.70 -18.96
N ASP B 185 -0.32 -0.04 -20.01
CA ASP B 185 -0.14 -0.47 -21.41
C ASP B 185 1.30 -0.33 -21.87
N LEU B 186 2.02 0.71 -21.34
CA LEU B 186 3.44 0.90 -21.67
C LEU B 186 4.29 -0.20 -21.05
N MET B 187 4.08 -0.49 -19.76
CA MET B 187 4.79 -1.56 -19.02
C MET B 187 4.56 -2.93 -19.67
N ARG B 188 3.33 -3.19 -20.17
CA ARG B 188 3.03 -4.46 -20.85
C ARG B 188 3.88 -4.56 -22.10
N ASP B 189 3.87 -3.51 -22.96
CA ASP B 189 4.64 -3.45 -24.20
C ASP B 189 6.15 -3.65 -23.96
N ILE B 190 6.70 -2.93 -22.99
CA ILE B 190 8.13 -2.96 -22.64
C ILE B 190 8.50 -4.32 -22.05
N ILE B 191 7.69 -4.84 -21.09
CA ILE B 191 8.02 -6.15 -20.49
C ILE B 191 7.92 -7.24 -21.59
N LEU B 192 6.89 -7.18 -22.46
N LEU B 192 6.90 -7.18 -22.46
CA LEU B 192 6.76 -8.16 -23.56
CA LEU B 192 6.76 -8.16 -23.55
C LEU B 192 7.92 -8.06 -24.55
C LEU B 192 7.89 -8.05 -24.59
N ALA B 193 8.50 -6.85 -24.74
CA ALA B 193 9.63 -6.62 -25.64
C ALA B 193 10.90 -7.34 -25.16
N THR B 194 10.95 -7.76 -23.86
CA THR B 194 12.11 -8.47 -23.31
C THR B 194 12.18 -9.91 -23.82
N ASP B 195 11.11 -10.42 -24.48
CA ASP B 195 11.16 -11.75 -25.09
C ASP B 195 12.04 -11.54 -26.33
N LEU B 196 13.22 -12.19 -26.38
CA LEU B 196 14.12 -12.05 -27.53
C LEU B 196 13.46 -12.50 -28.84
N ALA B 197 12.41 -13.35 -28.78
CA ALA B 197 11.67 -13.77 -29.98
C ALA B 197 10.93 -12.55 -30.56
N HIS B 198 10.44 -11.65 -29.67
CA HIS B 198 9.80 -10.40 -30.08
C HIS B 198 10.85 -9.49 -30.72
N HIS B 199 12.05 -9.40 -30.11
CA HIS B 199 13.14 -8.58 -30.66
C HIS B 199 13.49 -9.02 -32.08
N LEU B 200 13.61 -10.33 -32.30
CA LEU B 200 13.94 -10.88 -33.61
C LEU B 200 12.85 -10.61 -34.64
N ARG B 201 11.57 -10.59 -34.21
CA ARG B 201 10.44 -10.28 -35.09
C ARG B 201 10.48 -8.81 -35.54
N ILE B 202 10.83 -7.88 -34.63
CA ILE B 202 10.83 -6.44 -34.96
C ILE B 202 12.20 -5.93 -35.48
N PHE B 203 13.21 -6.81 -35.56
CA PHE B 203 14.57 -6.43 -35.97
C PHE B 203 14.62 -5.63 -37.27
N LYS B 204 13.89 -6.04 -38.32
CA LYS B 204 13.89 -5.29 -39.59
C LYS B 204 13.29 -3.88 -39.47
N ASP B 205 12.26 -3.72 -38.60
CA ASP B 205 11.65 -2.41 -38.35
C ASP B 205 12.64 -1.52 -37.60
N LEU B 206 13.45 -2.12 -36.69
CA LEU B 206 14.48 -1.41 -35.93
C LEU B 206 15.57 -0.94 -36.87
N GLN B 207 16.01 -1.80 -37.83
CA GLN B 207 17.02 -1.47 -38.85
C GLN B 207 16.54 -0.32 -39.71
N LYS B 208 15.27 -0.37 -40.14
CA LYS B 208 14.67 0.69 -40.97
C LYS B 208 14.68 2.05 -40.26
N MET B 209 14.30 2.05 -38.97
CA MET B 209 14.28 3.25 -38.14
C MET B 209 15.69 3.87 -37.97
N ALA B 210 16.73 3.02 -37.74
CA ALA B 210 18.14 3.45 -37.61
C ALA B 210 18.68 4.00 -38.94
N GLU B 211 18.17 3.46 -40.05
CA GLU B 211 18.53 3.85 -41.43
C GLU B 211 17.97 5.25 -41.75
N VAL B 212 16.68 5.49 -41.47
CA VAL B 212 16.01 6.77 -41.78
C VAL B 212 16.29 7.84 -40.73
N GLY B 213 16.58 7.38 -39.52
CA GLY B 213 16.83 8.25 -38.38
C GLY B 213 15.57 8.37 -37.53
N TYR B 214 15.75 8.38 -36.19
CA TYR B 214 14.67 8.51 -35.21
C TYR B 214 13.90 9.80 -35.43
N ASP B 215 12.56 9.71 -35.44
CA ASP B 215 11.68 10.86 -35.58
C ASP B 215 10.82 10.95 -34.32
N ARG B 216 11.03 11.99 -33.50
CA ARG B 216 10.28 12.15 -32.24
C ARG B 216 8.78 12.36 -32.48
N ASN B 217 8.35 12.81 -33.68
CA ASN B 217 6.92 12.98 -33.92
C ASN B 217 6.28 11.74 -34.54
N ASN B 218 7.02 10.63 -34.60
CA ASN B 218 6.54 9.37 -35.13
C ASN B 218 6.27 8.45 -33.92
N LYS B 219 4.98 8.13 -33.69
CA LYS B 219 4.56 7.28 -32.56
C LYS B 219 5.08 5.84 -32.69
N GLN B 220 5.22 5.32 -33.92
CA GLN B 220 5.77 3.99 -34.14
C GLN B 220 7.26 3.97 -33.77
N HIS B 221 7.98 5.10 -34.00
CA HIS B 221 9.39 5.23 -33.60
C HIS B 221 9.53 5.19 -32.09
N HIS B 222 8.59 5.82 -31.36
CA HIS B 222 8.60 5.80 -29.90
C HIS B 222 8.49 4.35 -29.40
N ARG B 223 7.53 3.58 -29.97
CA ARG B 223 7.30 2.16 -29.60
C ARG B 223 8.54 1.34 -29.87
N LEU B 224 9.14 1.50 -31.06
CA LEU B 224 10.34 0.76 -31.47
C LEU B 224 11.55 1.09 -30.60
N LEU B 225 11.77 2.39 -30.32
CA LEU B 225 12.90 2.84 -29.51
C LEU B 225 12.80 2.26 -28.09
N LEU B 226 11.57 2.23 -27.53
CA LEU B 226 11.37 1.65 -26.20
C LEU B 226 11.76 0.19 -26.17
N CYS B 227 11.41 -0.55 -27.25
CA CYS B 227 11.76 -1.97 -27.39
C CYS B 227 13.28 -2.14 -27.45
N LEU B 228 13.95 -1.36 -28.32
CA LEU B 228 15.42 -1.44 -28.46
C LEU B 228 16.14 -1.11 -27.17
N LEU B 229 15.71 -0.05 -26.46
CA LEU B 229 16.34 0.37 -25.21
C LEU B 229 16.17 -0.68 -24.14
N MET B 230 14.96 -1.32 -24.07
CA MET B 230 14.71 -2.38 -23.10
C MET B 230 15.64 -3.57 -23.37
N THR B 231 15.79 -3.97 -24.66
CA THR B 231 16.70 -5.08 -25.01
C THR B 231 18.13 -4.73 -24.65
N SER B 232 18.54 -3.47 -24.93
CA SER B 232 19.87 -2.93 -24.61
C SER B 232 20.15 -3.01 -23.11
N CYS B 233 19.12 -2.77 -22.27
CA CYS B 233 19.29 -2.87 -20.82
C CYS B 233 19.42 -4.32 -20.39
N ASP B 234 18.57 -5.20 -20.93
CA ASP B 234 18.55 -6.61 -20.59
C ASP B 234 19.86 -7.33 -20.91
N LEU B 235 20.54 -6.94 -22.01
CA LEU B 235 21.80 -7.57 -22.39
C LEU B 235 23.04 -6.77 -21.98
N SER B 236 22.87 -5.72 -21.17
CA SER B 236 23.93 -4.77 -20.81
C SER B 236 25.15 -5.40 -20.10
N ASP B 237 25.04 -6.61 -19.53
CA ASP B 237 26.18 -7.29 -18.91
C ASP B 237 27.27 -7.55 -19.95
N GLN B 238 26.91 -7.54 -21.26
CA GLN B 238 27.83 -7.77 -22.35
C GLN B 238 28.63 -6.51 -22.74
N THR B 239 28.24 -5.34 -22.19
CA THR B 239 28.90 -4.04 -22.49
C THR B 239 29.97 -3.65 -21.49
N LYS B 240 30.23 -4.51 -20.49
CA LYS B 240 31.24 -4.22 -19.48
C LYS B 240 32.56 -4.92 -19.90
N GLY B 241 33.44 -5.22 -18.96
CA GLY B 241 34.68 -5.91 -19.27
C GLY B 241 34.54 -7.41 -19.43
N TRP B 242 35.66 -8.08 -19.75
CA TRP B 242 35.71 -9.53 -19.94
C TRP B 242 35.24 -10.26 -18.69
N LYS B 243 35.68 -9.79 -17.50
CA LYS B 243 35.34 -10.36 -16.20
C LYS B 243 33.84 -10.50 -16.01
N THR B 244 33.06 -9.50 -16.45
CA THR B 244 31.59 -9.54 -16.35
C THR B 244 31.00 -10.59 -17.32
N THR B 245 31.40 -10.57 -18.61
N THR B 245 31.38 -10.57 -18.63
CA THR B 245 30.93 -11.51 -19.64
CA THR B 245 30.88 -11.56 -19.62
C THR B 245 31.17 -12.97 -19.23
C THR B 245 31.15 -13.00 -19.21
N ARG B 246 32.34 -13.26 -18.63
CA ARG B 246 32.73 -14.60 -18.17
C ARG B 246 31.85 -15.03 -16.99
N LYS B 247 31.67 -14.15 -15.98
CA LYS B 247 30.85 -14.44 -14.81
C LYS B 247 29.40 -14.66 -15.18
N ILE B 248 28.88 -13.85 -16.12
CA ILE B 248 27.50 -13.94 -16.60
C ILE B 248 27.29 -15.24 -17.37
N ALA B 249 28.28 -15.68 -18.18
CA ALA B 249 28.21 -16.95 -18.91
C ALA B 249 28.08 -18.11 -17.92
N GLU B 250 28.83 -18.07 -16.79
CA GLU B 250 28.79 -19.04 -15.69
C GLU B 250 27.36 -19.22 -15.14
N LEU B 251 26.67 -18.09 -14.83
CA LEU B 251 25.33 -18.06 -14.25
C LEU B 251 24.28 -18.50 -15.26
N ILE B 252 24.37 -17.99 -16.49
CA ILE B 252 23.43 -18.36 -17.55
C ILE B 252 23.47 -19.87 -17.83
N TYR B 253 24.67 -20.44 -18.03
CA TYR B 253 24.78 -21.87 -18.32
C TYR B 253 24.43 -22.73 -17.10
N LYS B 254 24.71 -22.28 -15.85
N LYS B 254 24.71 -22.27 -15.85
CA LYS B 254 24.29 -23.05 -14.66
CA LYS B 254 24.30 -23.00 -14.63
C LYS B 254 22.76 -23.15 -14.64
C LYS B 254 22.77 -23.14 -14.63
N GLU B 255 22.07 -22.03 -15.00
CA GLU B 255 20.62 -21.98 -15.07
C GLU B 255 20.08 -22.85 -16.21
N PHE B 256 20.67 -22.73 -17.42
CA PHE B 256 20.26 -23.50 -18.59
C PHE B 256 20.43 -25.00 -18.37
N PHE B 257 21.58 -25.41 -17.83
CA PHE B 257 21.86 -26.85 -17.60
C PHE B 257 20.94 -27.46 -16.57
N SER B 258 20.48 -26.67 -15.59
CA SER B 258 19.50 -27.11 -14.59
C SER B 258 18.17 -27.45 -15.28
N GLN B 259 17.75 -26.60 -16.26
CA GLN B 259 16.56 -26.84 -17.06
C GLN B 259 16.73 -28.11 -17.90
N GLY B 260 17.88 -28.27 -18.55
CA GLY B 260 18.19 -29.43 -19.37
C GLY B 260 18.08 -30.73 -18.61
N ASP B 261 18.57 -30.73 -17.34
CA ASP B 261 18.50 -31.86 -16.43
C ASP B 261 17.03 -32.20 -16.12
N LEU B 262 16.17 -31.18 -15.92
CA LEU B 262 14.72 -31.37 -15.69
C LEU B 262 14.07 -31.99 -16.91
N GLU B 263 14.40 -31.46 -18.10
CA GLU B 263 13.87 -31.93 -19.37
C GLU B 263 14.17 -33.41 -19.61
N LYS B 264 15.43 -33.84 -19.39
CA LYS B 264 15.85 -35.24 -19.56
C LYS B 264 15.11 -36.21 -18.65
N ALA B 265 14.92 -35.82 -17.38
CA ALA B 265 14.23 -36.66 -16.38
C ALA B 265 12.74 -36.80 -16.71
N MET B 266 12.15 -35.75 -17.29
CA MET B 266 10.74 -35.71 -17.71
C MET B 266 10.48 -36.54 -18.96
N GLY B 267 11.52 -36.79 -19.75
CA GLY B 267 11.44 -37.55 -21.00
C GLY B 267 11.40 -36.68 -22.23
N ASN B 268 11.84 -35.41 -22.11
CA ASN B 268 11.90 -34.43 -23.19
C ASN B 268 13.36 -34.07 -23.50
N ARG B 269 13.72 -34.12 -24.78
CA ARG B 269 15.08 -33.84 -25.21
C ARG B 269 15.40 -32.34 -25.15
N PRO B 270 16.41 -31.91 -24.33
CA PRO B 270 16.73 -30.47 -24.27
C PRO B 270 17.50 -30.00 -25.51
N MET B 271 17.42 -28.70 -25.83
CA MET B 271 18.22 -28.17 -26.94
C MET B 271 19.69 -28.20 -26.51
N GLU B 272 20.62 -28.26 -27.48
CA GLU B 272 22.06 -28.35 -27.26
C GLU B 272 22.59 -27.42 -26.17
N MET B 273 22.25 -26.12 -26.21
CA MET B 273 22.73 -25.14 -25.24
C MET B 273 22.29 -25.39 -23.79
N MET B 274 21.25 -26.24 -23.56
CA MET B 274 20.74 -26.62 -22.21
C MET B 274 21.28 -27.95 -21.77
N ASP B 275 21.91 -28.68 -22.68
CA ASP B 275 22.45 -30.01 -22.43
C ASP B 275 23.90 -29.90 -22.01
N ARG B 276 24.17 -30.11 -20.70
CA ARG B 276 25.53 -30.03 -20.13
C ARG B 276 26.51 -31.03 -20.74
N GLU B 277 26.00 -32.09 -21.40
CA GLU B 277 26.81 -33.12 -22.05
C GLU B 277 27.15 -32.74 -23.49
N LYS B 278 26.38 -31.81 -24.09
CA LYS B 278 26.56 -31.41 -25.50
C LYS B 278 27.02 -29.98 -25.71
N ALA B 279 26.63 -29.04 -24.83
CA ALA B 279 26.94 -27.61 -24.94
C ALA B 279 28.43 -27.28 -24.94
N TYR B 280 28.86 -26.45 -25.89
CA TYR B 280 30.24 -25.98 -25.99
C TYR B 280 30.20 -24.47 -25.86
N ILE B 281 30.34 -24.00 -24.60
CA ILE B 281 30.19 -22.63 -24.14
C ILE B 281 30.90 -21.57 -25.03
N PRO B 282 32.19 -21.64 -25.44
CA PRO B 282 32.76 -20.54 -26.25
C PRO B 282 32.05 -20.35 -27.58
N GLU B 283 31.66 -21.44 -28.27
CA GLU B 283 30.93 -21.42 -29.54
C GLU B 283 29.54 -20.79 -29.34
N LEU B 284 28.84 -21.20 -28.28
CA LEU B 284 27.51 -20.67 -27.93
C LEU B 284 27.59 -19.18 -27.60
N GLN B 285 28.63 -18.77 -26.84
CA GLN B 285 28.84 -17.36 -26.50
C GLN B 285 29.18 -16.53 -27.72
N ILE B 286 30.07 -17.03 -28.61
CA ILE B 286 30.43 -16.32 -29.84
C ILE B 286 29.19 -16.11 -30.71
N SER B 287 28.38 -17.17 -30.87
CA SER B 287 27.14 -17.14 -31.65
C SER B 287 26.15 -16.10 -31.10
N PHE B 288 25.94 -16.10 -29.76
CA PHE B 288 25.04 -15.13 -29.14
C PHE B 288 25.54 -13.68 -29.36
N MET B 289 26.85 -13.44 -29.23
N MET B 289 26.86 -13.45 -29.24
CA MET B 289 27.41 -12.10 -29.40
CA MET B 289 27.48 -12.13 -29.43
C MET B 289 27.34 -11.62 -30.85
C MET B 289 27.31 -11.64 -30.85
N GLU B 290 27.68 -12.49 -31.83
CA GLU B 290 27.61 -12.16 -33.25
C GLU B 290 26.20 -11.95 -33.78
N HIS B 291 25.25 -12.82 -33.41
CA HIS B 291 23.93 -12.78 -34.00
C HIS B 291 22.87 -12.05 -33.18
N ILE B 292 23.12 -11.79 -31.89
CA ILE B 292 22.13 -11.09 -31.05
C ILE B 292 22.67 -9.81 -30.47
N ALA B 293 23.69 -9.88 -29.58
CA ALA B 293 24.19 -8.71 -28.87
C ALA B 293 24.80 -7.63 -29.76
N MET B 294 25.81 -7.97 -30.59
CA MET B 294 26.45 -6.98 -31.47
C MET B 294 25.46 -6.26 -32.39
N PRO B 295 24.49 -6.94 -33.07
CA PRO B 295 23.53 -6.18 -33.89
C PRO B 295 22.66 -5.22 -33.07
N ILE B 296 22.34 -5.55 -31.79
CA ILE B 296 21.55 -4.67 -30.91
C ILE B 296 22.32 -3.39 -30.61
N TYR B 297 23.58 -3.51 -30.20
CA TYR B 297 24.39 -2.34 -29.87
C TYR B 297 24.86 -1.56 -31.09
N LYS B 298 24.89 -2.21 -32.28
CA LYS B 298 25.20 -1.52 -33.54
C LYS B 298 24.03 -0.62 -33.88
N LEU B 299 22.78 -1.13 -33.70
CA LEU B 299 21.56 -0.36 -33.91
C LEU B 299 21.52 0.83 -32.96
N LEU B 300 21.90 0.62 -31.68
CA LEU B 300 21.95 1.66 -30.65
C LEU B 300 22.96 2.74 -31.03
N GLN B 301 24.15 2.33 -31.54
CA GLN B 301 25.17 3.24 -32.01
C GLN B 301 24.68 4.07 -33.23
N ASP B 302 23.95 3.43 -34.17
CA ASP B 302 23.42 4.09 -35.37
C ASP B 302 22.43 5.20 -35.01
N LEU B 303 21.66 5.00 -33.94
CA LEU B 303 20.68 5.95 -33.43
C LEU B 303 21.29 6.99 -32.49
N PHE B 304 22.25 6.56 -31.65
CA PHE B 304 22.91 7.44 -30.69
C PHE B 304 24.42 7.35 -30.87
N PRO B 305 25.07 8.32 -31.55
CA PRO B 305 26.54 8.27 -31.70
C PRO B 305 27.32 8.08 -30.39
N LYS B 306 26.81 8.61 -29.26
CA LYS B 306 27.41 8.47 -27.91
C LYS B 306 27.42 7.01 -27.40
N ALA B 307 26.59 6.13 -28.00
CA ALA B 307 26.52 4.71 -27.64
C ALA B 307 27.59 3.85 -28.35
N ALA B 308 28.52 4.48 -29.12
CA ALA B 308 29.60 3.81 -29.85
C ALA B 308 30.46 2.90 -28.97
N GLU B 309 30.81 3.37 -27.76
CA GLU B 309 31.65 2.61 -26.82
C GLU B 309 31.02 1.29 -26.37
N LEU B 310 29.67 1.21 -26.34
CA LEU B 310 28.95 0.00 -25.95
C LEU B 310 29.14 -1.09 -26.99
N TYR B 311 28.99 -0.74 -28.27
CA TYR B 311 29.18 -1.68 -29.38
C TYR B 311 30.63 -2.19 -29.40
N GLU B 312 31.61 -1.27 -29.24
CA GLU B 312 33.03 -1.60 -29.24
C GLU B 312 33.40 -2.55 -28.10
N ARG B 313 32.75 -2.40 -26.92
CA ARG B 313 32.97 -3.29 -25.77
C ARG B 313 32.39 -4.69 -26.04
N VAL B 314 31.20 -4.77 -26.68
CA VAL B 314 30.58 -6.05 -27.03
C VAL B 314 31.45 -6.75 -28.11
N ALA B 315 31.95 -5.99 -29.10
CA ALA B 315 32.81 -6.54 -30.16
C ALA B 315 34.13 -7.06 -29.58
N SER B 316 34.71 -6.35 -28.59
CA SER B 316 35.95 -6.75 -27.94
C SER B 316 35.72 -8.01 -27.10
N ASN B 317 34.57 -8.10 -26.41
CA ASN B 317 34.23 -9.26 -25.59
C ASN B 317 34.05 -10.53 -26.45
N ARG B 318 33.50 -10.39 -27.68
CA ARG B 318 33.37 -11.51 -28.65
C ARG B 318 34.78 -11.99 -29.07
N GLU B 319 35.70 -11.05 -29.28
CA GLU B 319 37.08 -11.38 -29.67
C GLU B 319 37.80 -12.09 -28.52
N HIS B 320 37.43 -11.76 -27.27
CA HIS B 320 38.00 -12.38 -26.09
C HIS B 320 37.58 -13.86 -25.99
N TRP B 321 36.31 -14.18 -26.32
CA TRP B 321 35.82 -15.57 -26.33
C TRP B 321 36.55 -16.40 -27.37
N THR B 322 36.83 -15.82 -28.57
CA THR B 322 37.57 -16.51 -29.63
C THR B 322 38.99 -16.78 -29.15
N LYS B 323 39.59 -15.80 -28.45
CA LYS B 323 40.94 -15.86 -27.89
C LYS B 323 41.09 -16.94 -26.81
N VAL B 324 40.04 -17.18 -26.01
CA VAL B 324 40.09 -18.18 -24.92
C VAL B 324 39.44 -19.53 -25.27
N SER B 325 38.82 -19.64 -26.47
CA SER B 325 38.15 -20.88 -26.92
C SER B 325 39.01 -22.12 -26.74
N HIS B 326 40.30 -22.03 -27.14
CA HIS B 326 41.30 -23.11 -27.06
C HIS B 326 41.44 -23.69 -25.66
N LYS B 327 41.18 -22.90 -24.59
CA LYS B 327 41.28 -23.34 -23.20
C LYS B 327 40.23 -24.39 -22.83
N PHE B 328 39.19 -24.56 -23.66
CA PHE B 328 38.16 -25.57 -23.46
C PHE B 328 38.58 -26.96 -23.95
N THR B 329 39.74 -27.05 -24.61
CA THR B 329 40.34 -28.34 -25.00
C THR B 329 41.49 -28.56 -24.01
N ILE B 330 41.50 -29.68 -23.28
CA ILE B 330 42.55 -29.91 -22.28
C ILE B 330 43.88 -30.23 -22.95
N ARG B 331 44.79 -29.25 -22.91
CA ARG B 331 46.15 -29.42 -23.42
C ARG B 331 47.08 -29.57 -22.23
N GLY B 332 48.05 -30.46 -22.37
CA GLY B 332 48.94 -30.84 -21.29
C GLY B 332 48.14 -31.66 -20.29
N LEU B 333 48.51 -31.58 -19.01
CA LEU B 333 47.81 -32.30 -17.96
C LEU B 333 46.90 -31.33 -17.18
N PRO B 334 45.81 -31.82 -16.52
CA PRO B 334 45.04 -30.94 -15.63
C PRO B 334 45.89 -30.57 -14.39
N SER B 335 45.44 -29.58 -13.58
CA SER B 335 46.14 -29.04 -12.39
C SER B 335 46.74 -30.09 -11.45
N ASN B 336 45.99 -31.16 -11.15
CA ASN B 336 46.41 -32.27 -10.27
C ASN B 336 47.47 -33.16 -10.90
N ASN B 337 47.77 -32.97 -12.21
CA ASN B 337 48.70 -33.77 -13.04
C ASN B 337 48.19 -35.22 -13.14
N SER B 338 46.84 -35.37 -13.12
CA SER B 338 46.17 -36.67 -13.15
C SER B 338 45.23 -36.79 -14.32
N LEU B 339 45.08 -38.00 -14.86
CA LEU B 339 44.15 -38.26 -15.94
C LEU B 339 42.94 -39.04 -15.43
N ASP B 340 42.73 -39.02 -14.07
CA ASP B 340 41.61 -39.68 -13.36
C ASP B 340 40.22 -39.36 -13.93
N PHE B 341 40.05 -38.16 -14.52
CA PHE B 341 38.81 -37.68 -15.12
C PHE B 341 38.32 -38.55 -16.30
N ILE C 16 21.51 45.78 26.45
CA ILE C 16 22.01 44.94 25.35
C ILE C 16 23.31 45.51 24.78
N GLN C 17 24.41 44.74 24.90
CA GLN C 17 25.76 45.08 24.46
C GLN C 17 25.85 45.29 22.93
N PRO C 18 26.57 46.33 22.43
CA PRO C 18 26.73 46.48 20.97
C PRO C 18 27.55 45.30 20.45
N VAL C 19 27.24 44.82 19.24
CA VAL C 19 27.91 43.67 18.60
C VAL C 19 29.44 43.81 18.58
N ALA C 20 29.96 45.02 18.30
CA ALA C 20 31.40 45.31 18.24
C ALA C 20 32.14 45.08 19.56
N ALA C 21 31.42 45.22 20.70
CA ALA C 21 31.95 45.00 22.05
C ALA C 21 32.16 43.51 22.39
N ILE C 22 31.57 42.58 21.61
CA ILE C 22 31.74 41.13 21.79
C ILE C 22 33.12 40.72 21.26
N ASP C 23 33.40 41.08 19.99
CA ASP C 23 34.64 40.83 19.26
C ASP C 23 34.66 41.76 18.06
N SER C 24 35.84 42.28 17.71
CA SER C 24 35.99 43.19 16.56
C SER C 24 35.69 42.48 15.23
N ASN C 25 35.83 41.16 15.19
CA ASN C 25 35.60 40.33 14.02
C ASN C 25 34.27 39.56 14.07
N PHE C 26 33.38 39.89 15.04
CA PHE C 26 32.09 39.21 15.26
C PHE C 26 31.21 39.06 14.01
N ALA C 27 31.19 40.08 13.15
CA ALA C 27 30.36 40.11 11.93
C ALA C 27 31.05 39.61 10.67
N SER C 28 32.21 38.95 10.81
CA SER C 28 32.96 38.39 9.66
C SER C 28 32.75 36.89 9.49
N PHE C 29 32.83 36.41 8.23
CA PHE C 29 32.75 34.98 7.93
C PHE C 29 33.94 34.20 8.51
N THR C 30 35.04 34.89 8.89
CA THR C 30 36.22 34.25 9.48
C THR C 30 36.06 34.02 10.99
N TYR C 31 35.07 34.68 11.62
CA TYR C 31 34.81 34.52 13.06
C TYR C 31 34.26 33.14 13.38
N THR C 32 34.77 32.52 14.46
CA THR C 32 34.34 31.20 14.91
C THR C 32 33.47 31.39 16.16
N PRO C 33 32.12 31.33 16.03
CA PRO C 33 31.26 31.55 17.20
C PRO C 33 31.47 30.57 18.35
N ARG C 34 31.98 29.36 18.07
CA ARG C 34 32.23 28.38 19.13
C ARG C 34 33.36 28.84 20.10
N SER C 35 34.15 29.90 19.72
CA SER C 35 35.19 30.52 20.55
C SER C 35 34.57 31.37 21.67
N LEU C 36 33.29 31.74 21.54
CA LEU C 36 32.63 32.55 22.56
C LEU C 36 32.25 31.66 23.75
N PRO C 37 32.62 32.03 25.01
CA PRO C 37 32.24 31.20 26.18
C PRO C 37 30.73 31.00 26.24
N GLU C 38 30.27 29.79 26.61
CA GLU C 38 28.84 29.45 26.66
C GLU C 38 28.02 30.43 27.52
N ASP C 39 28.61 30.94 28.61
CA ASP C 39 27.97 31.88 29.52
C ASP C 39 27.65 33.24 28.88
N ASP C 40 28.30 33.58 27.74
CA ASP C 40 28.11 34.84 27.01
C ASP C 40 27.21 34.71 25.77
N THR C 41 26.76 33.49 25.45
CA THR C 41 25.96 33.25 24.24
C THR C 41 24.56 33.83 24.27
N SER C 42 23.83 33.78 25.41
CA SER C 42 22.49 34.36 25.49
C SER C 42 22.52 35.88 25.22
N MET C 43 23.55 36.57 25.76
CA MET C 43 23.71 38.00 25.54
C MET C 43 24.08 38.30 24.08
N ALA C 44 24.88 37.42 23.45
CA ALA C 44 25.27 37.56 22.04
C ALA C 44 24.05 37.44 21.12
N ILE C 45 23.08 36.57 21.47
CA ILE C 45 21.81 36.41 20.75
C ILE C 45 21.07 37.74 20.78
N LEU C 46 20.97 38.37 21.98
CA LEU C 46 20.30 39.66 22.14
C LEU C 46 21.00 40.76 21.35
N SER C 47 22.35 40.72 21.32
CA SER C 47 23.17 41.70 20.58
C SER C 47 22.96 41.60 19.08
N MET C 48 22.79 40.37 18.56
CA MET C 48 22.54 40.12 17.13
C MET C 48 21.17 40.60 16.70
N LEU C 49 20.12 40.27 17.47
CA LEU C 49 18.76 40.74 17.19
C LEU C 49 18.66 42.25 17.26
N GLN C 50 19.44 42.89 18.15
CA GLN C 50 19.46 44.35 18.26
C GLN C 50 20.20 44.97 17.09
N ASP C 51 21.32 44.35 16.67
CA ASP C 51 22.13 44.84 15.54
C ASP C 51 21.36 44.74 14.22
N MET C 52 20.49 43.73 14.11
CA MET C 52 19.62 43.54 12.95
C MET C 52 18.36 44.45 13.06
N ASN C 53 18.22 45.17 14.21
CA ASN C 53 17.14 46.08 14.60
C ASN C 53 15.75 45.41 14.66
N PHE C 54 15.71 44.08 14.87
CA PHE C 54 14.46 43.31 15.01
C PHE C 54 13.69 43.62 16.28
N ILE C 55 14.40 43.94 17.38
CA ILE C 55 13.78 44.29 18.67
C ILE C 55 12.90 45.54 18.49
N ASN C 56 13.47 46.63 17.94
CA ASN C 56 12.76 47.88 17.69
C ASN C 56 11.72 47.76 16.57
N ASN C 57 12.07 47.14 15.42
CA ASN C 57 11.17 46.98 14.28
C ASN C 57 9.86 46.26 14.62
N TYR C 58 9.96 45.13 15.31
CA TYR C 58 8.80 44.33 15.65
C TYR C 58 8.26 44.64 17.05
N LYS C 59 8.87 45.63 17.75
CA LYS C 59 8.50 46.11 19.10
C LYS C 59 8.49 44.94 20.11
N ILE C 60 9.54 44.11 20.03
CA ILE C 60 9.75 42.94 20.90
C ILE C 60 10.04 43.42 22.33
N ASP C 61 9.31 42.86 23.30
CA ASP C 61 9.48 43.18 24.72
C ASP C 61 10.78 42.52 25.17
N CYS C 62 11.73 43.31 25.72
CA CYS C 62 13.03 42.78 26.15
C CYS C 62 12.95 41.78 27.31
N PRO C 63 12.16 42.00 28.40
CA PRO C 63 12.04 40.93 29.41
C PRO C 63 11.54 39.61 28.80
N THR C 64 10.57 39.65 27.84
CA THR C 64 10.02 38.47 27.16
C THR C 64 11.08 37.79 26.26
N LEU C 65 11.92 38.60 25.59
CA LEU C 65 12.96 38.06 24.72
C LEU C 65 14.06 37.38 25.53
N ALA C 66 14.46 38.00 26.65
CA ALA C 66 15.46 37.47 27.56
C ALA C 66 15.03 36.11 28.10
N ARG C 67 13.76 35.99 28.54
CA ARG C 67 13.20 34.74 29.07
C ARG C 67 13.10 33.66 27.98
N PHE C 68 12.70 34.05 26.76
CA PHE C 68 12.62 33.15 25.62
C PHE C 68 13.99 32.55 25.30
N CYS C 69 15.03 33.42 25.15
CA CYS C 69 16.41 33.03 24.86
C CYS C 69 16.94 32.05 25.89
N LEU C 70 16.68 32.29 27.19
CA LEU C 70 17.11 31.38 28.26
C LEU C 70 16.40 30.03 28.21
N MET C 71 15.10 30.04 27.92
CA MET C 71 14.29 28.82 27.78
C MET C 71 14.76 27.98 26.60
N VAL C 72 15.12 28.62 25.47
CA VAL C 72 15.60 27.91 24.26
C VAL C 72 16.93 27.23 24.60
N LYS C 73 17.85 27.97 25.24
CA LYS C 73 19.15 27.43 25.67
C LYS C 73 18.98 26.21 26.60
N LYS C 74 18.08 26.33 27.59
CA LYS C 74 17.80 25.28 28.57
C LYS C 74 17.12 24.05 27.89
N GLY C 75 16.48 24.27 26.73
CA GLY C 75 15.77 23.24 25.97
C GLY C 75 16.67 22.30 25.19
N TYR C 76 17.98 22.57 25.16
CA TYR C 76 18.97 21.72 24.51
C TYR C 76 19.59 20.77 25.52
N ARG C 77 19.76 19.51 25.12
CA ARG C 77 20.38 18.51 25.97
C ARG C 77 21.90 18.59 25.74
N ASP C 78 22.65 17.61 26.24
CA ASP C 78 24.09 17.70 26.08
C ASP C 78 24.71 16.53 25.29
N PRO C 79 24.22 16.13 24.09
CA PRO C 79 24.96 15.11 23.34
C PRO C 79 26.25 15.79 22.81
N PRO C 80 27.24 15.07 22.27
CA PRO C 80 28.48 15.75 21.85
C PRO C 80 28.32 16.85 20.80
N TYR C 81 27.41 16.68 19.83
CA TYR C 81 27.25 17.69 18.78
C TYR C 81 25.95 18.50 18.85
N HIS C 82 24.77 17.85 18.89
CA HIS C 82 23.47 18.54 18.86
C HIS C 82 23.08 19.17 20.19
N ASN C 83 23.88 20.15 20.61
CA ASN C 83 23.71 20.86 21.88
C ASN C 83 23.48 22.36 21.62
N TRP C 84 23.39 23.17 22.68
CA TRP C 84 23.16 24.59 22.54
C TRP C 84 24.26 25.31 21.74
N MET C 85 25.55 24.90 21.89
CA MET C 85 26.64 25.53 21.16
C MET C 85 26.48 25.41 19.66
N HIS C 86 25.90 24.28 19.19
CA HIS C 86 25.57 24.07 17.78
C HIS C 86 24.47 25.05 17.36
N ALA C 87 23.36 25.09 18.12
CA ALA C 87 22.25 26.00 17.85
C ALA C 87 22.72 27.46 17.84
N PHE C 88 23.64 27.86 18.75
CA PHE C 88 24.20 29.23 18.81
C PHE C 88 25.04 29.55 17.58
N SER C 89 25.91 28.61 17.16
CA SER C 89 26.78 28.78 15.99
C SER C 89 25.97 28.85 14.70
N VAL C 90 24.86 28.09 14.61
CA VAL C 90 23.93 28.09 13.47
C VAL C 90 23.26 29.48 13.41
N SER C 91 22.80 29.99 14.56
CA SER C 91 22.16 31.32 14.68
C SER C 91 23.14 32.42 14.30
N HIS C 92 24.40 32.33 14.76
CA HIS C 92 25.43 33.30 14.42
C HIS C 92 25.65 33.34 12.91
N PHE C 93 25.62 32.19 12.23
CA PHE C 93 25.81 32.16 10.77
C PHE C 93 24.65 32.83 10.05
N CYS C 94 23.41 32.66 10.54
CA CYS C 94 22.24 33.35 9.99
C CYS C 94 22.48 34.87 10.05
N TYR C 95 22.99 35.34 11.20
CA TYR C 95 23.35 36.73 11.42
C TYR C 95 24.44 37.17 10.42
N LEU C 96 25.49 36.32 10.19
CA LEU C 96 26.54 36.59 9.20
C LEU C 96 25.97 36.75 7.80
N LEU C 97 25.01 35.88 7.43
CA LEU C 97 24.35 35.95 6.11
C LEU C 97 23.63 37.29 5.96
N TYR C 98 22.90 37.73 7.01
CA TYR C 98 22.22 39.01 7.03
C TYR C 98 23.23 40.16 6.82
N LYS C 99 24.34 40.17 7.59
CA LYS C 99 25.36 41.23 7.58
C LYS C 99 26.20 41.30 6.31
N ASN C 100 26.52 40.14 5.72
CA ASN C 100 27.43 40.10 4.57
C ASN C 100 26.75 39.93 3.22
N LEU C 101 25.55 39.31 3.15
CA LEU C 101 24.89 39.06 1.88
C LEU C 101 23.73 39.99 1.55
N GLU C 102 23.35 40.87 2.50
CA GLU C 102 22.26 41.84 2.33
C GLU C 102 20.97 41.12 1.94
N LEU C 103 20.48 40.26 2.85
CA LEU C 103 19.29 39.44 2.67
C LEU C 103 18.01 40.23 2.42
N THR C 104 17.93 41.48 2.90
CA THR C 104 16.78 42.38 2.73
C THR C 104 16.51 42.70 1.25
N ASN C 105 17.48 42.41 0.36
CA ASN C 105 17.32 42.61 -1.09
C ASN C 105 16.62 41.40 -1.73
N TYR C 106 16.42 40.33 -0.94
CA TYR C 106 15.87 39.04 -1.40
C TYR C 106 14.67 38.56 -0.60
N LEU C 107 14.68 38.78 0.73
CA LEU C 107 13.64 38.29 1.62
C LEU C 107 12.95 39.37 2.41
N GLU C 108 11.73 39.06 2.89
CA GLU C 108 10.95 39.96 3.74
C GLU C 108 11.60 39.97 5.11
N ASP C 109 11.46 41.08 5.84
CA ASP C 109 12.02 41.24 7.18
C ASP C 109 11.48 40.18 8.16
N ILE C 110 10.22 39.75 7.97
CA ILE C 110 9.59 38.72 8.80
C ILE C 110 10.23 37.33 8.53
N GLU C 111 10.60 37.07 7.27
CA GLU C 111 11.22 35.82 6.86
C GLU C 111 12.63 35.70 7.43
N ILE C 112 13.41 36.81 7.43
CA ILE C 112 14.77 36.83 7.97
C ILE C 112 14.71 36.64 9.49
N PHE C 113 13.71 37.27 10.14
CA PHE C 113 13.50 37.14 11.58
C PHE C 113 13.12 35.70 11.93
N ALA C 114 12.18 35.10 11.14
CA ALA C 114 11.76 33.70 11.33
C ALA C 114 12.92 32.75 11.14
N LEU C 115 13.80 33.03 10.16
CA LEU C 115 14.97 32.22 9.89
C LEU C 115 15.88 32.21 11.12
N PHE C 116 16.13 33.40 11.71
CA PHE C 116 16.96 33.53 12.90
C PHE C 116 16.39 32.78 14.09
N ILE C 117 15.09 33.01 14.42
CA ILE C 117 14.44 32.30 15.53
C ILE C 117 14.43 30.78 15.29
N SER C 118 14.23 30.35 14.02
CA SER C 118 14.23 28.94 13.69
C SER C 118 15.62 28.33 13.92
N CYS C 119 16.70 29.07 13.59
CA CYS C 119 18.09 28.64 13.83
C CYS C 119 18.29 28.34 15.33
N MET C 120 17.78 29.21 16.21
CA MET C 120 17.88 29.03 17.66
C MET C 120 17.19 27.75 18.15
N CYS C 121 16.01 27.46 17.61
CA CYS C 121 15.11 26.35 18.00
C CYS C 121 15.27 25.04 17.23
N HIS C 122 15.99 25.06 16.10
CA HIS C 122 15.94 23.99 15.10
C HIS C 122 16.34 22.59 15.58
N ASP C 123 17.09 22.45 16.67
CA ASP C 123 17.48 21.11 17.17
C ASP C 123 17.05 20.91 18.63
N LEU C 124 16.05 21.70 19.12
CA LEU C 124 15.58 21.63 20.52
C LEU C 124 15.31 20.19 21.00
N ASP C 125 15.84 19.84 22.18
CA ASP C 125 15.68 18.54 22.83
C ASP C 125 16.22 17.36 21.99
N HIS C 126 17.26 17.60 21.15
CA HIS C 126 17.90 16.52 20.36
C HIS C 126 18.51 15.52 21.35
N ARG C 127 18.34 14.23 21.07
CA ARG C 127 18.83 13.17 21.97
C ARG C 127 20.13 12.51 21.46
N GLY C 128 20.73 13.10 20.43
CA GLY C 128 21.97 12.58 19.84
C GLY C 128 21.76 11.38 18.94
N THR C 129 20.52 11.13 18.51
CA THR C 129 20.19 10.02 17.62
C THR C 129 19.36 10.56 16.46
N ASN C 130 19.51 9.95 15.26
CA ASN C 130 18.79 10.40 14.07
C ASN C 130 17.34 9.89 13.99
N ASN C 131 16.67 10.18 12.86
CA ASN C 131 15.29 9.82 12.64
C ASN C 131 15.05 8.33 12.55
N SER C 132 15.93 7.64 11.81
CA SER C 132 15.84 6.19 11.65
C SER C 132 15.94 5.47 13.01
N PHE C 133 16.78 5.98 13.92
CA PHE C 133 16.92 5.40 15.27
C PHE C 133 15.62 5.53 16.06
N GLN C 134 14.93 6.69 15.96
CA GLN C 134 13.66 6.90 16.66
C GLN C 134 12.65 5.82 16.28
N VAL C 135 12.56 5.55 14.96
CA VAL C 135 11.64 4.56 14.39
C VAL C 135 12.03 3.15 14.80
N ALA C 136 13.33 2.80 14.63
CA ALA C 136 13.85 1.46 14.97
C ALA C 136 13.69 1.15 16.46
N SER C 137 13.93 2.15 17.33
CA SER C 137 13.81 1.97 18.78
C SER C 137 12.37 2.13 19.30
N LYS C 138 11.41 2.45 18.40
CA LYS C 138 9.98 2.67 18.70
C LYS C 138 9.83 3.65 19.84
N SER C 139 10.54 4.78 19.74
CA SER C 139 10.49 5.83 20.75
C SER C 139 9.10 6.49 20.71
N VAL C 140 8.74 7.26 21.77
CA VAL C 140 7.46 7.98 21.81
C VAL C 140 7.41 8.98 20.65
N LEU C 141 8.56 9.60 20.30
CA LEU C 141 8.66 10.54 19.19
C LEU C 141 8.25 9.88 17.87
N ALA C 142 8.68 8.63 17.65
CA ALA C 142 8.30 7.86 16.45
C ALA C 142 6.81 7.56 16.48
N ALA C 143 6.25 7.17 17.66
CA ALA C 143 4.80 6.90 17.79
C ALA C 143 4.01 8.15 17.39
N LEU C 144 4.52 9.34 17.78
CA LEU C 144 3.84 10.60 17.47
C LEU C 144 4.01 11.06 16.03
N TYR C 145 5.23 10.95 15.46
CA TYR C 145 5.55 11.56 14.17
C TYR C 145 6.03 10.69 13.01
N SER C 146 6.31 9.39 13.18
CA SER C 146 6.85 8.58 12.09
C SER C 146 6.01 8.53 10.80
N SER C 147 4.67 8.56 10.93
CA SER C 147 3.76 8.49 9.77
C SER C 147 3.81 9.78 8.93
N GLU C 148 4.24 10.89 9.52
CA GLU C 148 4.38 12.17 8.82
C GLU C 148 5.82 12.41 8.30
N GLY C 149 6.79 11.67 8.84
CA GLY C 149 8.20 11.81 8.49
C GLY C 149 8.88 12.89 9.29
N SER C 150 10.21 13.04 9.14
CA SER C 150 11.03 14.04 9.82
C SER C 150 10.73 14.04 11.32
N VAL C 151 10.82 12.86 11.95
CA VAL C 151 10.48 12.66 13.36
C VAL C 151 11.10 13.71 14.29
N MET C 152 12.42 13.84 14.28
CA MET C 152 13.09 14.78 15.17
C MET C 152 12.71 16.23 14.88
N GLU C 153 12.63 16.60 13.59
CA GLU C 153 12.30 17.99 13.19
C GLU C 153 10.88 18.38 13.63
N ARG C 154 9.93 17.43 13.59
CA ARG C 154 8.59 17.67 14.09
C ARG C 154 8.62 17.88 15.62
N HIS C 155 9.48 17.14 16.32
CA HIS C 155 9.67 17.32 17.77
C HIS C 155 10.30 18.69 18.08
N HIS C 156 11.35 19.10 17.33
CA HIS C 156 12.03 20.39 17.51
C HIS C 156 11.01 21.54 17.40
N PHE C 157 10.16 21.49 16.36
CA PHE C 157 9.11 22.49 16.17
C PHE C 157 8.10 22.47 17.33
N ALA C 158 7.64 21.27 17.75
CA ALA C 158 6.69 21.15 18.86
C ALA C 158 7.29 21.69 20.18
N GLN C 159 8.60 21.50 20.37
CA GLN C 159 9.32 22.03 21.54
C GLN C 159 9.35 23.56 21.48
N ALA C 160 9.52 24.14 20.27
CA ALA C 160 9.56 25.60 20.08
C ALA C 160 8.19 26.21 20.39
N ILE C 161 7.07 25.53 19.97
CA ILE C 161 5.70 25.92 20.27
C ILE C 161 5.44 25.89 21.78
N ALA C 162 5.96 24.86 22.48
CA ALA C 162 5.79 24.71 23.94
C ALA C 162 6.50 25.85 24.67
N ILE C 163 7.70 26.25 24.19
CA ILE C 163 8.47 27.38 24.76
C ILE C 163 7.68 28.68 24.57
N LEU C 164 7.22 28.97 23.33
CA LEU C 164 6.43 30.18 23.06
C LEU C 164 5.17 30.24 23.88
N ASN C 165 4.57 29.09 24.21
CA ASN C 165 3.34 29.09 25.00
C ASN C 165 3.60 28.98 26.53
N THR C 166 4.86 29.09 26.96
CA THR C 166 5.19 29.14 28.38
C THR C 166 5.01 30.60 28.81
N HIS C 167 4.41 30.82 30.00
CA HIS C 167 4.18 32.15 30.55
C HIS C 167 5.45 33.01 30.53
N GLY C 168 5.33 34.20 29.96
CA GLY C 168 6.41 35.18 29.87
C GLY C 168 7.39 34.97 28.74
N CYS C 169 7.18 33.95 27.87
CA CYS C 169 8.09 33.64 26.77
C CYS C 169 7.52 33.90 25.37
N ASN C 170 6.25 34.32 25.23
CA ASN C 170 5.72 34.54 23.88
C ASN C 170 6.22 35.85 23.29
N ILE C 171 7.34 35.78 22.57
CA ILE C 171 7.97 36.97 21.95
C ILE C 171 7.11 37.59 20.81
N PHE C 172 6.07 36.87 20.35
CA PHE C 172 5.18 37.32 19.28
C PHE C 172 3.73 37.58 19.74
N ASP C 173 3.44 37.55 21.05
CA ASP C 173 2.08 37.69 21.56
C ASP C 173 1.40 39.04 21.23
N HIS C 174 2.19 40.11 20.96
CA HIS C 174 1.68 41.43 20.60
C HIS C 174 1.52 41.60 19.09
N PHE C 175 2.07 40.67 18.28
CA PHE C 175 2.00 40.70 16.82
C PHE C 175 0.56 40.68 16.31
N SER C 176 0.35 41.20 15.08
CA SER C 176 -0.97 41.15 14.44
C SER C 176 -1.26 39.66 14.12
N ARG C 177 -2.55 39.30 14.02
CA ARG C 177 -3.01 37.93 13.73
C ARG C 177 -2.30 37.38 12.49
N LYS C 178 -2.18 38.20 11.43
CA LYS C 178 -1.51 37.85 10.18
C LYS C 178 -0.01 37.62 10.40
N ASP C 179 0.69 38.51 11.13
CA ASP C 179 2.13 38.36 11.39
C ASP C 179 2.43 37.18 12.30
N TYR C 180 1.57 36.95 13.31
CA TYR C 180 1.71 35.82 14.24
C TYR C 180 1.63 34.52 13.46
N GLN C 181 0.63 34.41 12.57
CA GLN C 181 0.43 33.23 11.73
C GLN C 181 1.58 33.02 10.78
N ARG C 182 2.07 34.10 10.17
CA ARG C 182 3.21 34.07 9.24
C ARG C 182 4.44 33.52 9.96
N MET C 183 4.68 33.95 11.21
CA MET C 183 5.80 33.48 12.03
C MET C 183 5.75 31.98 12.28
N LEU C 184 4.60 31.49 12.76
CA LEU C 184 4.37 30.07 13.04
C LEU C 184 4.58 29.23 11.80
N ASP C 185 4.03 29.66 10.66
CA ASP C 185 4.12 28.96 9.38
C ASP C 185 5.54 28.88 8.86
N LEU C 186 6.29 30.01 8.97
CA LEU C 186 7.70 30.09 8.53
C LEU C 186 8.59 29.21 9.42
N MET C 187 8.48 29.33 10.75
CA MET C 187 9.24 28.49 11.70
C MET C 187 9.03 27.00 11.43
N ARG C 188 7.76 26.55 11.17
CA ARG C 188 7.47 25.15 10.86
C ARG C 188 8.20 24.72 9.60
N ASP C 189 8.03 25.47 8.49
CA ASP C 189 8.67 25.19 7.20
C ASP C 189 10.21 25.17 7.30
N ILE C 190 10.77 26.15 7.99
CA ILE C 190 12.22 26.29 8.15
C ILE C 190 12.76 25.16 9.03
N ILE C 191 12.12 24.88 10.18
CA ILE C 191 12.59 23.77 11.05
C ILE C 191 12.47 22.42 10.30
N LEU C 192 11.40 22.23 9.52
CA LEU C 192 11.25 21.00 8.74
C LEU C 192 12.31 20.88 7.65
N ALA C 193 12.76 22.03 7.08
CA ALA C 193 13.82 22.09 6.05
C ALA C 193 15.19 21.62 6.58
N THR C 194 15.37 21.56 7.92
CA THR C 194 16.63 21.10 8.52
C THR C 194 16.83 19.60 8.37
N ASP C 195 15.78 18.84 7.99
CA ASP C 195 15.97 17.41 7.73
C ASP C 195 16.74 17.35 6.42
N LEU C 196 17.98 16.78 6.45
CA LEU C 196 18.78 16.71 5.21
C LEU C 196 18.09 15.86 4.12
N ALA C 197 17.14 14.96 4.52
CA ALA C 197 16.36 14.17 3.55
C ALA C 197 15.45 15.14 2.75
N HIS C 198 14.93 16.20 3.42
CA HIS C 198 14.12 17.22 2.76
C HIS C 198 15.01 18.02 1.81
N HIS C 199 16.24 18.38 2.25
CA HIS C 199 17.18 19.12 1.40
C HIS C 199 17.46 18.35 0.11
N LEU C 200 17.73 17.03 0.23
CA LEU C 200 18.02 16.17 -0.93
C LEU C 200 16.83 16.04 -1.86
N ARG C 201 15.59 16.06 -1.32
CA ARG C 201 14.36 16.01 -2.13
C ARG C 201 14.18 17.30 -2.94
N ILE C 202 14.47 18.47 -2.34
CA ILE C 202 14.28 19.78 -3.01
C ILE C 202 15.52 20.26 -3.78
N PHE C 203 16.64 19.48 -3.76
CA PHE C 203 17.90 19.89 -4.39
C PHE C 203 17.73 20.33 -5.86
N LYS C 204 16.97 19.57 -6.68
CA LYS C 204 16.74 19.91 -8.08
C LYS C 204 15.94 21.22 -8.24
N ASP C 205 14.99 21.50 -7.32
CA ASP C 205 14.22 22.76 -7.35
C ASP C 205 15.14 23.94 -7.01
N LEU C 206 16.12 23.71 -6.10
CA LEU C 206 17.12 24.71 -5.71
C LEU C 206 18.04 25.04 -6.89
N GLN C 207 18.48 23.99 -7.63
CA GLN C 207 19.32 24.14 -8.82
C GLN C 207 18.57 24.92 -9.91
N LYS C 208 17.26 24.60 -10.11
CA LYS C 208 16.42 25.26 -11.11
C LYS C 208 16.29 26.76 -10.80
N MET C 209 16.06 27.12 -9.52
CA MET C 209 15.95 28.52 -9.08
C MET C 209 17.25 29.29 -9.35
N ALA C 210 18.42 28.66 -9.06
CA ALA C 210 19.73 29.26 -9.30
C ALA C 210 19.99 29.48 -10.79
N GLU C 211 19.51 28.55 -11.64
CA GLU C 211 19.68 28.65 -13.10
C GLU C 211 18.79 29.74 -13.73
N VAL C 212 17.50 29.81 -13.35
CA VAL C 212 16.60 30.83 -13.89
C VAL C 212 16.87 32.20 -13.27
N GLY C 213 17.45 32.20 -12.07
CA GLY C 213 17.75 33.40 -11.31
C GLY C 213 16.66 33.66 -10.31
N TYR C 214 17.07 34.08 -9.10
CA TYR C 214 16.15 34.38 -8.02
C TYR C 214 15.16 35.48 -8.40
N ASP C 215 13.86 35.19 -8.25
CA ASP C 215 12.79 36.13 -8.53
C ASP C 215 12.16 36.55 -7.20
N ARG C 216 12.53 37.74 -6.71
CA ARG C 216 12.04 38.32 -5.46
C ARG C 216 10.50 38.47 -5.41
N ASN C 217 9.81 38.43 -6.57
CA ASN C 217 8.35 38.50 -6.64
C ASN C 217 7.69 37.11 -6.70
N ASN C 218 8.51 36.03 -6.66
CA ASN C 218 8.05 34.65 -6.69
C ASN C 218 8.07 34.09 -5.27
N LYS C 219 6.87 33.82 -4.69
CA LYS C 219 6.75 33.30 -3.33
C LYS C 219 7.36 31.90 -3.17
N GLN C 220 7.37 31.07 -4.23
CA GLN C 220 8.02 29.76 -4.17
C GLN C 220 9.55 29.92 -4.07
N HIS C 221 10.11 30.96 -4.71
CA HIS C 221 11.55 31.26 -4.63
C HIS C 221 11.93 31.68 -3.20
N HIS C 222 11.05 32.43 -2.52
CA HIS C 222 11.25 32.83 -1.13
C HIS C 222 11.32 31.58 -0.23
N ARG C 223 10.37 30.63 -0.41
CA ARG C 223 10.33 29.38 0.35
C ARG C 223 11.60 28.57 0.13
N LEU C 224 12.03 28.44 -1.15
CA LEU C 224 13.24 27.68 -1.50
C LEU C 224 14.51 28.31 -0.94
N LEU C 225 14.64 29.65 -1.03
CA LEU C 225 15.81 30.37 -0.50
C LEU C 225 15.91 30.19 1.01
N LEU C 226 14.77 30.26 1.72
CA LEU C 226 14.75 30.04 3.17
C LEU C 226 15.28 28.64 3.51
N CYS C 227 14.89 27.61 2.72
CA CYS C 227 15.36 26.24 2.90
C CYS C 227 16.87 26.17 2.72
N LEU C 228 17.40 26.73 1.60
CA LEU C 228 18.84 26.74 1.32
C LEU C 228 19.65 27.47 2.39
N LEU C 229 19.17 28.63 2.84
CA LEU C 229 19.85 29.41 3.87
C LEU C 229 19.88 28.68 5.19
N MET C 230 18.77 27.99 5.57
CA MET C 230 18.70 27.20 6.80
C MET C 230 19.74 26.06 6.73
N THR C 231 19.81 25.35 5.59
CA THR C 231 20.79 24.26 5.44
C THR C 231 22.21 24.82 5.52
N SER C 232 22.47 25.97 4.88
N SER C 232 22.46 25.98 4.88
CA SER C 232 23.78 26.62 4.91
CA SER C 232 23.75 26.66 4.89
C SER C 232 24.18 26.98 6.35
C SER C 232 24.18 27.07 6.31
N CYS C 233 23.21 27.42 7.18
CA CYS C 233 23.49 27.76 8.58
C CYS C 233 23.81 26.48 9.36
N ASP C 234 23.02 25.40 9.13
CA ASP C 234 23.17 24.13 9.83
C ASP C 234 24.53 23.49 9.57
N LEU C 235 25.10 23.65 8.34
CA LEU C 235 26.42 23.07 7.99
C LEU C 235 27.59 24.05 8.07
N SER C 236 27.35 25.26 8.59
CA SER C 236 28.33 26.35 8.62
C SER C 236 29.65 26.09 9.35
N ASP C 237 29.73 25.05 10.20
CA ASP C 237 30.98 24.69 10.86
C ASP C 237 32.03 24.29 9.81
N GLN C 238 31.59 23.92 8.59
CA GLN C 238 32.45 23.52 7.48
C GLN C 238 33.06 24.71 6.72
N THR C 239 32.57 25.94 6.99
CA THR C 239 33.03 27.16 6.33
C THR C 239 34.12 27.92 7.11
N LYS C 240 34.54 27.39 8.27
CA LYS C 240 35.58 28.01 9.08
C LYS C 240 36.94 27.36 8.75
N GLY C 241 37.90 27.43 9.65
CA GLY C 241 39.22 26.83 9.41
C GLY C 241 39.25 25.33 9.62
N TRP C 242 40.42 24.72 9.38
CA TRP C 242 40.64 23.29 9.56
C TRP C 242 40.34 22.87 10.98
N LYS C 243 40.80 23.66 11.98
CA LYS C 243 40.62 23.41 13.41
C LYS C 243 39.15 23.15 13.76
N THR C 244 38.22 23.93 13.16
CA THR C 244 36.78 23.77 13.39
C THR C 244 36.26 22.46 12.77
N THR C 245 36.59 22.19 11.49
N THR C 245 36.57 22.16 11.48
CA THR C 245 36.18 20.97 10.77
CA THR C 245 36.13 20.92 10.81
C THR C 245 36.62 19.69 11.50
C THR C 245 36.61 19.67 11.52
N ARG C 246 37.85 19.69 12.05
CA ARG C 246 38.43 18.57 12.78
C ARG C 246 37.67 18.36 14.09
N LYS C 247 37.42 19.44 14.86
CA LYS C 247 36.72 19.38 16.14
C LYS C 247 35.29 18.89 15.98
N ILE C 248 34.60 19.38 14.93
CA ILE C 248 33.23 19.01 14.63
C ILE C 248 33.15 17.54 14.18
N ALA C 249 34.16 17.05 13.43
CA ALA C 249 34.20 15.64 13.03
C ALA C 249 34.29 14.77 14.28
N GLU C 250 35.12 15.16 15.24
CA GLU C 250 35.26 14.43 16.51
C GLU C 250 33.91 14.33 17.25
N LEU C 251 33.20 15.45 17.37
CA LEU C 251 31.89 15.53 18.05
C LEU C 251 30.82 14.72 17.35
N ILE C 252 30.70 14.90 16.02
CA ILE C 252 29.73 14.19 15.18
C ILE C 252 29.95 12.67 15.25
N TYR C 253 31.20 12.19 15.07
CA TYR C 253 31.44 10.76 15.12
C TYR C 253 31.30 10.19 16.53
N LYS C 254 31.62 10.96 17.60
CA LYS C 254 31.38 10.50 18.98
C LYS C 254 29.84 10.25 19.13
N GLU C 255 29.03 11.20 18.66
CA GLU C 255 27.56 11.09 18.69
C GLU C 255 27.07 9.90 17.84
N PHE C 256 27.54 9.77 16.58
CA PHE C 256 27.15 8.67 15.68
C PHE C 256 27.53 7.30 16.23
N PHE C 257 28.75 7.16 16.78
CA PHE C 257 29.22 5.87 17.28
C PHE C 257 28.45 5.44 18.53
N SER C 258 27.99 6.41 19.34
CA SER C 258 27.17 6.14 20.52
C SER C 258 25.83 5.53 20.05
N GLN C 259 25.25 6.07 18.93
CA GLN C 259 24.01 5.55 18.36
C GLN C 259 24.24 4.12 17.83
N GLY C 260 25.32 3.92 17.08
CA GLY C 260 25.68 2.61 16.51
C GLY C 260 25.84 1.54 17.57
N ASP C 261 26.40 1.91 18.75
CA ASP C 261 26.55 1.02 19.90
C ASP C 261 25.17 0.63 20.44
N LEU C 262 24.22 1.58 20.49
CA LEU C 262 22.85 1.30 20.95
C LEU C 262 22.15 0.36 19.97
N GLU C 263 22.36 0.57 18.65
CA GLU C 263 21.80 -0.24 17.56
C GLU C 263 22.28 -1.69 17.64
N LYS C 264 23.57 -1.91 17.95
CA LYS C 264 24.17 -3.24 18.11
C LYS C 264 23.54 -3.95 19.32
N ALA C 265 23.34 -3.22 20.44
CA ALA C 265 22.70 -3.73 21.66
C ALA C 265 21.23 -4.11 21.43
N MET C 266 20.60 -3.53 20.39
CA MET C 266 19.21 -3.79 19.98
C MET C 266 19.16 -5.01 19.02
N GLY C 267 20.32 -5.46 18.57
CA GLY C 267 20.45 -6.58 17.66
C GLY C 267 20.41 -6.18 16.20
N ASN C 268 20.51 -4.86 15.93
CA ASN C 268 20.51 -4.31 14.59
C ASN C 268 21.93 -4.05 14.08
N ARG C 269 22.10 -4.02 12.77
CA ARG C 269 23.39 -3.74 12.17
C ARG C 269 23.41 -2.24 11.78
N PRO C 270 24.19 -1.40 12.51
CA PRO C 270 24.22 0.04 12.18
C PRO C 270 24.84 0.31 10.82
N MET C 271 24.53 1.48 10.21
CA MET C 271 25.18 1.85 8.96
C MET C 271 26.68 2.08 9.23
N GLU C 272 27.53 1.86 8.21
CA GLU C 272 29.00 1.97 8.30
C GLU C 272 29.48 3.21 9.08
N MET C 273 28.95 4.42 8.76
CA MET C 273 29.38 5.66 9.40
C MET C 273 29.07 5.75 10.91
N MET C 274 28.19 4.88 11.43
CA MET C 274 27.86 4.88 12.85
C MET C 274 28.48 3.68 13.57
N ASP C 275 29.21 2.84 12.81
CA ASP C 275 29.89 1.66 13.33
C ASP C 275 31.35 2.01 13.58
N ARG C 276 31.72 2.18 14.87
CA ARG C 276 33.08 2.54 15.27
C ARG C 276 34.14 1.52 14.84
N GLU C 277 33.73 0.27 14.51
CA GLU C 277 34.62 -0.78 14.07
C GLU C 277 34.82 -0.76 12.54
N LYS C 278 33.90 -0.10 11.80
CA LYS C 278 33.95 -0.06 10.33
C LYS C 278 34.21 1.31 9.72
N ALA C 279 33.76 2.40 10.39
CA ALA C 279 33.87 3.77 9.91
C ALA C 279 35.32 4.24 9.68
N TYR C 280 35.58 4.83 8.50
CA TYR C 280 36.87 5.39 8.15
C TYR C 280 36.66 6.88 7.93
N ILE C 281 36.83 7.65 9.03
CA ILE C 281 36.55 9.08 9.16
C ILE C 281 37.05 9.94 7.97
N PRO C 282 38.31 9.90 7.49
CA PRO C 282 38.69 10.80 6.39
C PRO C 282 37.86 10.60 5.11
N GLU C 283 37.57 9.34 4.74
CA GLU C 283 36.74 8.97 3.59
C GLU C 283 35.31 9.49 3.76
N LEU C 284 34.73 9.27 4.96
CA LEU C 284 33.37 9.74 5.29
C LEU C 284 33.28 11.25 5.25
N GLN C 285 34.30 11.95 5.80
CA GLN C 285 34.37 13.40 5.78
C GLN C 285 34.51 13.94 4.36
N ILE C 286 35.39 13.34 3.53
CA ILE C 286 35.58 13.75 2.13
C ILE C 286 34.26 13.61 1.37
N SER C 287 33.59 12.47 1.56
CA SER C 287 32.30 12.17 0.91
C SER C 287 31.22 13.19 1.30
N PHE C 288 31.11 13.49 2.62
CA PHE C 288 30.12 14.46 3.08
C PHE C 288 30.39 15.85 2.47
N MET C 289 31.67 16.25 2.41
N MET C 289 31.68 16.25 2.43
CA MET C 289 32.06 17.55 1.88
CA MET C 289 32.13 17.53 1.88
C MET C 289 31.82 17.67 0.38
C MET C 289 31.81 17.66 0.39
N GLU C 290 32.20 16.65 -0.41
CA GLU C 290 32.02 16.61 -1.85
C GLU C 290 30.57 16.50 -2.29
N HIS C 291 29.77 15.65 -1.64
CA HIS C 291 28.41 15.37 -2.11
C HIS C 291 27.29 16.10 -1.37
N ILE C 292 27.54 16.66 -0.19
CA ILE C 292 26.53 17.41 0.57
C ILE C 292 26.90 18.89 0.74
N ALA C 293 27.98 19.18 1.49
CA ALA C 293 28.39 20.56 1.81
C ALA C 293 28.78 21.42 0.61
N MET C 294 29.77 21.01 -0.20
CA MET C 294 30.20 21.79 -1.38
C MET C 294 29.05 22.12 -2.34
N PRO C 295 28.13 21.20 -2.72
CA PRO C 295 27.00 21.61 -3.59
C PRO C 295 26.07 22.65 -2.96
N ILE C 296 25.89 22.63 -1.60
CA ILE C 296 25.09 23.63 -0.88
C ILE C 296 25.74 25.03 -1.01
N TYR C 297 27.05 25.13 -0.72
CA TYR C 297 27.75 26.42 -0.79
C TYR C 297 28.01 26.87 -2.22
N LYS C 298 28.02 25.94 -3.21
CA LYS C 298 28.13 26.30 -4.63
C LYS C 298 26.81 26.96 -5.07
N LEU C 299 25.65 26.41 -4.61
CA LEU C 299 24.34 26.98 -4.88
C LEU C 299 24.26 28.37 -4.25
N LEU C 300 24.76 28.52 -3.01
CA LEU C 300 24.79 29.80 -2.30
C LEU C 300 25.64 30.83 -3.06
N GLN C 301 26.78 30.40 -3.60
CA GLN C 301 27.70 31.23 -4.40
C GLN C 301 27.01 31.68 -5.69
N ASP C 302 26.27 30.77 -6.35
CA ASP C 302 25.55 31.06 -7.61
C ASP C 302 24.49 32.14 -7.42
N LEU C 303 23.84 32.15 -6.25
CA LEU C 303 22.80 33.11 -5.91
C LEU C 303 23.37 34.41 -5.31
N PHE C 304 24.44 34.30 -4.52
CA PHE C 304 25.08 35.46 -3.86
C PHE C 304 26.58 35.46 -4.17
N PRO C 305 27.05 36.29 -5.13
CA PRO C 305 28.50 36.33 -5.43
C PRO C 305 29.41 36.53 -4.22
N LYS C 306 28.94 37.29 -3.19
CA LYS C 306 29.68 37.55 -1.94
C LYS C 306 29.88 36.28 -1.08
N ALA C 307 29.12 35.20 -1.36
CA ALA C 307 29.24 33.92 -0.65
C ALA C 307 30.35 33.01 -1.24
N ALA C 308 31.14 33.52 -2.23
CA ALA C 308 32.23 32.79 -2.87
C ALA C 308 33.27 32.23 -1.89
N GLU C 309 33.66 33.02 -0.88
CA GLU C 309 34.64 32.62 0.13
C GLU C 309 34.21 31.41 0.96
N LEU C 310 32.88 31.23 1.16
CA LEU C 310 32.34 30.10 1.92
C LEU C 310 32.57 28.81 1.19
N TYR C 311 32.26 28.78 -0.14
CA TYR C 311 32.49 27.61 -0.98
C TYR C 311 33.98 27.26 -1.03
N GLU C 312 34.85 28.27 -1.20
CA GLU C 312 36.31 28.09 -1.27
C GLU C 312 36.86 27.53 0.02
N ARG C 313 36.30 27.95 1.17
CA ARG C 313 36.71 27.46 2.49
C ARG C 313 36.32 25.98 2.68
N VAL C 314 35.10 25.59 2.25
CA VAL C 314 34.61 24.21 2.29
C VAL C 314 35.49 23.35 1.38
N ALA C 315 35.80 23.83 0.17
CA ALA C 315 36.65 23.13 -0.79
C ALA C 315 38.07 22.91 -0.25
N SER C 316 38.62 23.93 0.44
CA SER C 316 39.96 23.85 1.04
C SER C 316 39.98 22.89 2.23
N ASN C 317 38.91 22.88 3.03
CA ASN C 317 38.80 21.94 4.16
C ASN C 317 38.73 20.48 3.68
N ARG C 318 38.09 20.22 2.51
CA ARG C 318 38.02 18.90 1.86
C ARG C 318 39.43 18.46 1.44
N GLU C 319 40.24 19.40 0.92
CA GLU C 319 41.63 19.12 0.51
C GLU C 319 42.50 18.82 1.72
N HIS C 320 42.17 19.42 2.88
CA HIS C 320 42.90 19.19 4.13
C HIS C 320 42.67 17.76 4.64
N TRP C 321 41.42 17.23 4.49
CA TRP C 321 41.11 15.84 4.89
C TRP C 321 41.88 14.85 4.03
N THR C 322 42.01 15.13 2.71
CA THR C 322 42.77 14.29 1.77
C THR C 322 44.24 14.30 2.19
N LYS C 323 44.75 15.49 2.56
CA LYS C 323 46.13 15.73 3.00
C LYS C 323 46.49 14.99 4.30
N VAL C 324 45.52 14.81 5.23
CA VAL C 324 45.79 14.14 6.51
C VAL C 324 45.32 12.68 6.54
N SER C 325 44.67 12.19 5.46
CA SER C 325 44.15 10.82 5.35
C SER C 325 45.19 9.76 5.73
N HIS C 326 46.43 9.90 5.21
CA HIS C 326 47.56 9.00 5.45
C HIS C 326 47.88 8.80 6.93
N LYS C 327 47.56 9.78 7.79
CA LYS C 327 47.80 9.70 9.23
C LYS C 327 46.90 8.66 9.92
N PHE C 328 45.85 8.20 9.23
CA PHE C 328 44.95 7.17 9.77
C PHE C 328 45.54 5.75 9.58
N THR C 329 46.67 5.63 8.86
CA THR C 329 47.39 4.36 8.69
C THR C 329 48.63 4.45 9.59
N ILE C 330 48.81 3.45 10.47
CA ILE C 330 49.96 3.41 11.37
C ILE C 330 51.22 3.02 10.62
N ARG C 331 52.08 4.02 10.40
CA ARG C 331 53.39 3.84 9.78
C ARG C 331 54.46 3.89 10.86
N GLY C 332 55.45 3.03 10.72
CA GLY C 332 56.49 2.82 11.71
C GLY C 332 55.88 2.09 12.89
N LEU C 333 56.38 2.39 14.09
CA LEU C 333 55.85 1.80 15.32
C LEU C 333 55.03 2.85 16.08
N PRO C 334 54.06 2.45 16.94
CA PRO C 334 53.39 3.45 17.80
C PRO C 334 54.38 4.02 18.84
N SER C 335 54.00 5.12 19.55
CA SER C 335 54.84 5.84 20.53
C SER C 335 55.62 4.95 21.53
N ASN C 336 54.96 3.93 22.08
CA ASN C 336 55.53 2.98 23.04
C ASN C 336 56.53 2.00 22.40
N ASN C 337 56.62 2.01 21.04
CA ASN C 337 57.45 1.11 20.22
C ASN C 337 56.99 -0.35 20.41
N SER C 338 55.68 -0.53 20.65
CA SER C 338 55.06 -1.83 20.90
C SER C 338 53.95 -2.12 19.90
N LEU C 339 53.78 -3.40 19.58
CA LEU C 339 52.71 -3.84 18.68
C LEU C 339 51.59 -4.52 19.47
N ASP C 340 51.54 -4.28 20.81
CA ASP C 340 50.55 -4.80 21.76
C ASP C 340 49.07 -4.56 21.35
N PHE C 341 48.82 -3.49 20.57
CA PHE C 341 47.50 -3.12 20.07
C PHE C 341 46.87 -4.20 19.15
N LEU C 342 47.69 -5.15 18.65
CA LEU C 342 47.26 -6.23 17.78
C LEU C 342 46.52 -7.34 18.52
N ILE D 16 -14.04 -8.76 37.80
CA ILE D 16 -14.73 -8.40 36.56
C ILE D 16 -16.09 -9.11 36.48
N GLN D 17 -17.17 -8.33 36.50
CA GLN D 17 -18.55 -8.78 36.47
C GLN D 17 -18.93 -9.39 35.11
N PRO D 18 -19.67 -10.53 35.05
CA PRO D 18 -20.11 -11.03 33.72
C PRO D 18 -21.11 -10.04 33.12
N VAL D 19 -21.12 -9.90 31.77
CA VAL D 19 -21.95 -8.95 31.01
C VAL D 19 -23.47 -9.10 31.34
N ALA D 20 -23.94 -10.33 31.58
CA ALA D 20 -25.33 -10.59 31.93
C ALA D 20 -25.78 -9.94 33.25
N ALA D 21 -24.86 -9.81 34.23
CA ALA D 21 -25.16 -9.19 35.51
C ALA D 21 -25.34 -7.65 35.42
N ILE D 22 -24.81 -7.00 34.34
CA ILE D 22 -24.94 -5.53 34.12
C ILE D 22 -26.39 -5.23 33.75
N ASP D 23 -26.90 -5.92 32.71
CA ASP D 23 -28.25 -5.81 32.18
C ASP D 23 -28.48 -7.03 31.30
N SER D 24 -29.71 -7.59 31.34
CA SER D 24 -30.08 -8.77 30.54
C SER D 24 -30.05 -8.46 29.03
N ASN D 25 -30.21 -7.18 28.67
CA ASN D 25 -30.22 -6.71 27.29
C ASN D 25 -28.92 -6.01 26.88
N PHE D 26 -27.86 -6.11 27.72
CA PHE D 26 -26.56 -5.44 27.49
C PHE D 26 -25.94 -5.68 26.09
N ALA D 27 -26.08 -6.90 25.55
CA ALA D 27 -25.52 -7.26 24.24
C ALA D 27 -26.46 -7.08 23.05
N SER D 28 -27.58 -6.36 23.24
CA SER D 28 -28.53 -6.12 22.16
C SER D 28 -28.39 -4.73 21.55
N PHE D 29 -28.72 -4.58 20.24
CA PHE D 29 -28.73 -3.29 19.54
C PHE D 29 -29.82 -2.34 20.11
N THR D 30 -30.79 -2.89 20.88
CA THR D 30 -31.85 -2.08 21.51
C THR D 30 -31.39 -1.45 22.83
N TYR D 31 -30.28 -1.94 23.41
CA TYR D 31 -29.75 -1.42 24.67
C TYR D 31 -29.16 -0.02 24.48
N THR D 32 -29.46 0.88 25.42
CA THR D 32 -28.98 2.27 25.42
C THR D 32 -27.88 2.39 26.48
N PRO D 33 -26.58 2.36 26.08
CA PRO D 33 -25.50 2.44 27.09
C PRO D 33 -25.51 3.69 27.95
N ARG D 34 -26.12 4.78 27.45
CA ARG D 34 -26.21 6.01 28.22
C ARG D 34 -27.08 5.86 29.48
N SER D 35 -27.87 4.76 29.58
CA SER D 35 -28.71 4.43 30.74
C SER D 35 -27.87 3.91 31.91
N LEU D 36 -26.64 3.46 31.63
CA LEU D 36 -25.77 2.95 32.68
C LEU D 36 -25.18 4.11 33.49
N PRO D 37 -25.29 4.09 34.85
CA PRO D 37 -24.71 5.19 35.65
C PRO D 37 -23.22 5.35 35.36
N GLU D 38 -22.72 6.61 35.33
CA GLU D 38 -21.32 6.89 35.00
C GLU D 38 -20.32 6.15 35.90
N ASP D 39 -20.66 5.97 37.17
CA ASP D 39 -19.82 5.27 38.14
C ASP D 39 -19.62 3.77 37.84
N ASP D 40 -20.49 3.18 37.00
CA ASP D 40 -20.42 1.77 36.61
C ASP D 40 -19.79 1.53 35.24
N THR D 41 -19.43 2.60 34.51
CA THR D 41 -18.90 2.49 33.15
C THR D 41 -17.50 1.89 33.06
N SER D 42 -16.57 2.20 33.99
CA SER D 42 -15.23 1.61 33.95
C SER D 42 -15.29 0.07 34.12
N MET D 43 -16.19 -0.40 35.00
CA MET D 43 -16.35 -1.83 35.23
C MET D 43 -17.00 -2.50 33.99
N ALA D 44 -17.92 -1.79 33.30
CA ALA D 44 -18.58 -2.28 32.08
C ALA D 44 -17.56 -2.44 30.95
N ILE D 45 -16.56 -1.52 30.85
CA ILE D 45 -15.48 -1.61 29.89
C ILE D 45 -14.70 -2.91 30.13
N LEU D 46 -14.34 -3.19 31.39
CA LEU D 46 -13.63 -4.42 31.76
C LEU D 46 -14.45 -5.67 31.45
N SER D 47 -15.78 -5.59 31.66
CA SER D 47 -16.70 -6.69 31.41
C SER D 47 -16.78 -7.00 29.93
N MET D 48 -16.78 -5.94 29.08
CA MET D 48 -16.84 -6.11 27.62
C MET D 48 -15.57 -6.74 27.10
N LEU D 49 -14.42 -6.26 27.55
CA LEU D 49 -13.12 -6.81 27.17
C LEU D 49 -13.03 -8.27 27.58
N GLN D 50 -13.49 -8.60 28.80
CA GLN D 50 -13.51 -9.98 29.31
C GLN D 50 -14.44 -10.86 28.45
N ASP D 51 -15.64 -10.34 28.12
CA ASP D 51 -16.62 -11.07 27.30
C ASP D 51 -16.11 -11.34 25.86
N MET D 52 -15.33 -10.41 25.29
CA MET D 52 -14.74 -10.61 23.97
C MET D 52 -13.46 -11.45 24.10
N ASN D 53 -13.12 -11.82 25.36
CA ASN D 53 -11.98 -12.63 25.78
C ASN D 53 -10.63 -12.00 25.39
N PHE D 54 -10.59 -10.66 25.26
CA PHE D 54 -9.35 -9.96 24.93
C PHE D 54 -8.32 -9.97 26.04
N ILE D 55 -8.77 -9.99 27.32
CA ILE D 55 -7.88 -10.00 28.49
C ILE D 55 -7.03 -11.29 28.49
N ASN D 56 -7.67 -12.46 28.41
CA ASN D 56 -6.99 -13.76 28.39
C ASN D 56 -6.24 -14.00 27.09
N ASN D 57 -6.86 -13.72 25.93
CA ASN D 57 -6.21 -13.96 24.62
C ASN D 57 -4.96 -13.09 24.37
N TYR D 58 -4.90 -11.85 24.91
CA TYR D 58 -3.72 -10.99 24.79
C TYR D 58 -2.89 -10.92 26.06
N LYS D 59 -3.24 -11.74 27.07
CA LYS D 59 -2.60 -11.84 28.38
C LYS D 59 -2.39 -10.45 29.01
N ILE D 60 -3.44 -9.61 28.91
CA ILE D 60 -3.44 -8.24 29.46
C ILE D 60 -3.43 -8.32 30.99
N ASP D 61 -2.51 -7.59 31.63
CA ASP D 61 -2.43 -7.49 33.08
C ASP D 61 -3.64 -6.68 33.57
N CYS D 62 -4.46 -7.26 34.48
CA CYS D 62 -5.66 -6.61 34.99
C CYS D 62 -5.37 -5.32 35.79
N PRO D 63 -4.40 -5.25 36.73
CA PRO D 63 -4.09 -3.96 37.37
C PRO D 63 -3.74 -2.86 36.34
N THR D 64 -2.95 -3.19 35.27
CA THR D 64 -2.61 -2.22 34.22
C THR D 64 -3.85 -1.79 33.43
N LEU D 65 -4.73 -2.76 33.08
CA LEU D 65 -5.94 -2.45 32.32
C LEU D 65 -6.87 -1.54 33.11
N ALA D 66 -7.03 -1.81 34.41
CA ALA D 66 -7.83 -1.00 35.33
C ALA D 66 -7.30 0.43 35.37
N ARG D 67 -5.97 0.60 35.49
CA ARG D 67 -5.33 1.92 35.55
C ARG D 67 -5.51 2.67 34.23
N PHE D 68 -5.35 1.96 33.08
CA PHE D 68 -5.54 2.52 31.74
C PHE D 68 -6.97 3.04 31.56
N CYS D 69 -7.98 2.21 31.88
CA CYS D 69 -9.41 2.56 31.76
C CYS D 69 -9.73 3.79 32.58
N LEU D 70 -9.21 3.88 33.82
CA LEU D 70 -9.44 5.06 34.67
C LEU D 70 -8.79 6.33 34.13
N MET D 71 -7.56 6.20 33.55
N MET D 71 -7.56 6.20 33.55
CA MET D 71 -6.82 7.32 32.96
CA MET D 71 -6.85 7.34 32.98
C MET D 71 -7.51 7.84 31.72
C MET D 71 -7.55 7.85 31.73
N VAL D 72 -8.10 6.93 30.90
CA VAL D 72 -8.83 7.27 29.70
C VAL D 72 -10.08 8.08 30.08
N LYS D 73 -10.84 7.58 31.08
CA LYS D 73 -12.03 8.24 31.59
C LYS D 73 -11.71 9.66 32.10
N LYS D 74 -10.63 9.80 32.89
CA LYS D 74 -10.16 11.06 33.44
C LYS D 74 -9.69 12.04 32.34
N GLY D 75 -9.28 11.49 31.19
CA GLY D 75 -8.78 12.26 30.04
C GLY D 75 -9.85 13.00 29.24
N TYR D 76 -11.13 12.75 29.57
CA TYR D 76 -12.25 13.45 28.91
C TYR D 76 -12.67 14.64 29.76
N ARG D 77 -12.94 15.77 29.08
CA ARG D 77 -13.42 17.01 29.70
C ARG D 77 -14.95 16.87 29.83
N ASP D 78 -15.65 17.96 30.20
CA ASP D 78 -17.10 17.90 30.34
C ASP D 78 -17.86 18.86 29.40
N PRO D 79 -17.61 18.90 28.07
CA PRO D 79 -18.50 19.71 27.22
C PRO D 79 -19.86 18.96 27.14
N PRO D 80 -20.95 19.55 26.62
CA PRO D 80 -22.23 18.82 26.63
C PRO D 80 -22.25 17.46 25.90
N TYR D 81 -21.51 17.32 24.79
CA TYR D 81 -21.55 16.07 24.05
C TYR D 81 -20.26 15.26 24.09
N HIS D 82 -19.09 15.86 23.75
CA HIS D 82 -17.82 15.14 23.63
C HIS D 82 -17.15 14.88 24.99
N ASN D 83 -17.84 14.08 25.82
CA ASN D 83 -17.41 13.73 27.16
C ASN D 83 -17.21 12.22 27.28
N TRP D 84 -16.88 11.71 28.49
CA TRP D 84 -16.66 10.28 28.67
C TRP D 84 -17.88 9.42 28.34
N MET D 85 -19.12 9.91 28.62
CA MET D 85 -20.32 9.12 28.31
C MET D 85 -20.46 8.84 26.81
N HIS D 86 -19.98 9.78 25.97
CA HIS D 86 -19.93 9.60 24.51
C HIS D 86 -18.92 8.52 24.17
N ALA D 87 -17.70 8.59 24.75
CA ALA D 87 -16.65 7.59 24.48
C ALA D 87 -17.10 6.21 24.93
N PHE D 88 -17.78 6.13 26.09
CA PHE D 88 -18.29 4.86 26.61
C PHE D 88 -19.35 4.26 25.67
N SER D 89 -20.32 5.10 25.22
CA SER D 89 -21.39 4.64 24.33
C SER D 89 -20.85 4.18 22.97
N VAL D 90 -19.80 4.86 22.47
CA VAL D 90 -19.12 4.53 21.20
C VAL D 90 -18.45 3.17 21.37
N SER D 91 -17.76 2.95 22.52
CA SER D 91 -17.09 1.69 22.87
C SER D 91 -18.11 0.55 22.99
N HIS D 92 -19.26 0.82 23.67
CA HIS D 92 -20.32 -0.17 23.80
C HIS D 92 -20.83 -0.62 22.42
N PHE D 93 -20.97 0.32 21.46
CA PHE D 93 -21.43 -0.04 20.13
C PHE D 93 -20.43 -0.91 19.39
N CYS D 94 -19.11 -0.66 19.58
CA CYS D 94 -18.07 -1.53 18.99
C CYS D 94 -18.27 -2.97 19.52
N TYR D 95 -18.53 -3.09 20.83
CA TYR D 95 -18.80 -4.37 21.48
C TYR D 95 -20.07 -5.02 20.86
N LEU D 96 -21.13 -4.23 20.61
CA LEU D 96 -22.36 -4.71 19.96
C LEU D 96 -22.08 -5.27 18.58
N LEU D 97 -21.23 -4.58 17.80
CA LEU D 97 -20.84 -5.01 16.45
C LEU D 97 -20.14 -6.37 16.53
N TYR D 98 -19.22 -6.53 17.50
CA TYR D 98 -18.53 -7.80 17.74
C TYR D 98 -19.55 -8.93 18.06
N LYS D 99 -20.47 -8.68 18.99
CA LYS D 99 -21.46 -9.67 19.45
C LYS D 99 -22.54 -10.03 18.45
N ASN D 100 -22.99 -9.06 17.63
CA ASN D 100 -24.11 -9.29 16.71
C ASN D 100 -23.74 -9.52 15.25
N LEU D 101 -22.65 -8.94 14.81
CA LEU D 101 -22.21 -9.10 13.43
C LEU D 101 -21.06 -10.09 13.45
N GLU D 102 -20.76 -10.68 12.31
CA GLU D 102 -19.70 -11.68 12.25
C GLU D 102 -18.36 -10.99 11.99
N LEU D 103 -17.92 -10.08 12.93
CA LEU D 103 -16.69 -9.30 12.76
C LEU D 103 -15.44 -10.16 12.57
N THR D 104 -15.32 -11.28 13.33
CA THR D 104 -14.20 -12.24 13.27
C THR D 104 -14.10 -12.94 11.91
N ASN D 105 -15.20 -12.98 11.14
CA ASN D 105 -15.20 -13.54 9.80
C ASN D 105 -14.49 -12.60 8.82
N TYR D 106 -14.48 -11.27 9.11
CA TYR D 106 -13.95 -10.27 8.21
C TYR D 106 -12.67 -9.58 8.65
N LEU D 107 -12.45 -9.45 9.98
CA LEU D 107 -11.29 -8.77 10.53
C LEU D 107 -10.47 -9.65 11.43
N GLU D 108 -9.18 -9.31 11.58
CA GLU D 108 -8.27 -10.00 12.48
C GLU D 108 -8.63 -9.62 13.90
N ASP D 109 -8.29 -10.48 14.88
CA ASP D 109 -8.60 -10.19 16.29
C ASP D 109 -7.94 -8.93 16.81
N ILE D 110 -6.69 -8.66 16.36
CA ILE D 110 -5.93 -7.46 16.74
C ILE D 110 -6.61 -6.19 16.21
N GLU D 111 -7.25 -6.29 15.03
CA GLU D 111 -7.98 -5.17 14.44
C GLU D 111 -9.22 -4.85 15.26
N ILE D 112 -9.95 -5.87 15.77
CA ILE D 112 -11.17 -5.65 16.58
C ILE D 112 -10.78 -5.07 17.96
N PHE D 113 -9.70 -5.58 18.55
CA PHE D 113 -9.18 -5.08 19.83
C PHE D 113 -8.69 -3.62 19.66
N ALA D 114 -8.00 -3.29 18.54
CA ALA D 114 -7.55 -1.92 18.26
C ALA D 114 -8.74 -0.98 18.06
N LEU D 115 -9.78 -1.48 17.38
CA LEU D 115 -11.01 -0.71 17.15
C LEU D 115 -11.65 -0.36 18.49
N PHE D 116 -11.76 -1.34 19.41
CA PHE D 116 -12.32 -1.12 20.75
C PHE D 116 -11.54 -0.09 21.57
N ILE D 117 -10.20 -0.27 21.67
CA ILE D 117 -9.34 0.68 22.40
C ILE D 117 -9.42 2.07 21.77
N SER D 118 -9.48 2.15 20.42
CA SER D 118 -9.59 3.42 19.71
C SER D 118 -10.89 4.11 20.04
N CYS D 119 -12.02 3.36 20.14
CA CYS D 119 -13.32 3.90 20.54
C CYS D 119 -13.23 4.59 21.91
N MET D 120 -12.55 3.96 22.88
CA MET D 120 -12.37 4.53 24.22
C MET D 120 -11.62 5.87 24.19
N CYS D 121 -10.54 5.95 23.38
CA CYS D 121 -9.62 7.08 23.26
C CYS D 121 -9.95 8.16 22.22
N HIS D 122 -10.88 7.87 21.30
CA HIS D 122 -11.06 8.63 20.06
C HIS D 122 -11.37 10.12 20.21
N ASP D 123 -11.91 10.59 21.36
CA ASP D 123 -12.23 12.00 21.56
C ASP D 123 -11.52 12.58 22.79
N LEU D 124 -10.43 11.93 23.24
CA LEU D 124 -9.68 12.37 24.46
C LEU D 124 -9.36 13.86 24.47
N ASP D 125 -9.66 14.53 25.61
CA ASP D 125 -9.39 15.96 25.82
C ASP D 125 -10.15 16.89 24.84
N HIS D 126 -11.31 16.45 24.31
CA HIS D 126 -12.12 17.30 23.41
C HIS D 126 -12.56 18.53 24.21
N ARG D 127 -12.47 19.71 23.57
CA ARG D 127 -12.81 20.98 24.23
C ARG D 127 -14.19 21.51 23.81
N GLY D 128 -14.97 20.70 23.10
CA GLY D 128 -16.30 21.09 22.64
C GLY D 128 -16.30 22.00 21.42
N THR D 129 -15.16 22.11 20.72
CA THR D 129 -15.02 22.91 19.51
C THR D 129 -14.43 22.05 18.41
N ASN D 130 -14.80 22.29 17.16
CA ASN D 130 -14.34 21.50 16.02
C ASN D 130 -12.95 21.92 15.48
N ASN D 131 -12.52 21.31 14.36
CA ASN D 131 -11.23 21.57 13.73
C ASN D 131 -11.08 23.00 13.19
N SER D 132 -12.10 23.52 12.48
N SER D 132 -12.08 23.53 12.46
CA SER D 132 -12.05 24.89 11.94
CA SER D 132 -11.98 24.90 11.93
C SER D 132 -11.89 25.91 13.05
C SER D 132 -11.86 25.91 13.06
N PHE D 133 -12.54 25.67 14.22
CA PHE D 133 -12.43 26.57 15.39
C PHE D 133 -10.98 26.64 15.90
N GLN D 134 -10.31 25.48 15.98
CA GLN D 134 -8.90 25.41 16.42
C GLN D 134 -8.02 26.33 15.55
N VAL D 135 -8.21 26.25 14.23
CA VAL D 135 -7.49 27.04 13.23
C VAL D 135 -7.84 28.53 13.33
N ALA D 136 -9.15 28.85 13.35
CA ALA D 136 -9.63 30.24 13.43
C ALA D 136 -9.19 30.92 14.72
N SER D 137 -9.21 30.20 15.86
CA SER D 137 -8.80 30.75 17.15
C SER D 137 -7.29 30.69 17.40
N LYS D 138 -6.52 30.14 16.44
CA LYS D 138 -5.06 29.99 16.50
C LYS D 138 -4.64 29.30 17.79
N SER D 139 -5.32 28.20 18.13
CA SER D 139 -5.03 27.44 19.35
C SER D 139 -3.66 26.76 19.20
N VAL D 140 -3.07 26.30 20.32
CA VAL D 140 -1.78 25.57 20.29
C VAL D 140 -1.96 24.29 19.44
N LEU D 141 -3.14 23.66 19.50
CA LEU D 141 -3.43 22.45 18.73
C LEU D 141 -3.31 22.72 17.23
N ALA D 142 -3.80 23.88 16.78
CA ALA D 142 -3.70 24.29 15.38
C ALA D 142 -2.25 24.54 15.01
N ALA D 143 -1.48 25.22 15.90
CA ALA D 143 -0.05 25.47 15.67
C ALA D 143 0.69 24.14 15.47
N LEU D 144 0.32 23.12 16.25
CA LEU D 144 0.93 21.80 16.15
C LEU D 144 0.48 20.96 14.96
N TYR D 145 -0.83 20.97 14.63
CA TYR D 145 -1.37 20.04 13.65
C TYR D 145 -2.11 20.57 12.41
N SER D 146 -2.38 21.88 12.29
CA SER D 146 -3.16 22.39 11.15
C SER D 146 -2.61 22.05 9.78
N SER D 147 -1.26 22.02 9.61
CA SER D 147 -0.63 21.73 8.31
C SER D 147 -0.87 20.30 7.83
N GLU D 148 -1.09 19.36 8.77
CA GLU D 148 -1.37 17.96 8.48
C GLU D 148 -2.87 17.63 8.39
N GLY D 149 -3.72 18.52 8.93
CA GLY D 149 -5.16 18.34 8.96
C GLY D 149 -5.61 17.51 10.15
N SER D 150 -6.94 17.39 10.32
CA SER D 150 -7.60 16.64 11.40
C SER D 150 -7.00 17.00 12.75
N VAL D 151 -6.98 18.31 13.06
CA VAL D 151 -6.34 18.89 14.25
C VAL D 151 -6.73 18.16 15.54
N MET D 152 -8.03 18.06 15.83
CA MET D 152 -8.50 17.40 17.07
C MET D 152 -8.14 15.94 17.10
N GLU D 153 -8.33 15.22 15.99
CA GLU D 153 -8.03 13.78 15.91
C GLU D 153 -6.54 13.49 16.14
N ARG D 154 -5.64 14.36 15.65
CA ARG D 154 -4.22 14.22 15.91
C ARG D 154 -3.93 14.44 17.42
N HIS D 155 -4.68 15.35 18.06
CA HIS D 155 -4.55 15.58 19.52
C HIS D 155 -5.09 14.37 20.31
N HIS D 156 -6.26 13.81 19.90
CA HIS D 156 -6.85 12.63 20.56
C HIS D 156 -5.85 11.46 20.56
N PHE D 157 -5.22 11.19 19.39
CA PHE D 157 -4.22 10.13 19.28
C PHE D 157 -3.00 10.43 20.17
N ALA D 158 -2.48 11.68 20.14
CA ALA D 158 -1.32 12.08 20.97
C ALA D 158 -1.64 11.94 22.47
N GLN D 159 -2.89 12.18 22.87
CA GLN D 159 -3.33 12.02 24.26
C GLN D 159 -3.35 10.54 24.63
N ALA D 160 -3.76 9.66 23.69
CA ALA D 160 -3.79 8.21 23.93
C ALA D 160 -2.36 7.67 24.11
N ILE D 161 -1.41 8.17 23.29
CA ILE D 161 0.03 7.82 23.39
C ILE D 161 0.59 8.23 24.75
N ALA D 162 0.21 9.45 25.23
CA ALA D 162 0.67 9.96 26.54
C ALA D 162 0.16 9.07 27.68
N ILE D 163 -1.12 8.58 27.59
CA ILE D 163 -1.69 7.69 28.59
C ILE D 163 -0.92 6.36 28.60
N LEU D 164 -0.71 5.76 27.43
CA LEU D 164 0.02 4.49 27.31
C LEU D 164 1.44 4.61 27.84
N ASN D 165 2.06 5.78 27.72
CA ASN D 165 3.42 5.96 28.20
C ASN D 165 3.49 6.48 29.66
N THR D 166 2.33 6.52 30.36
CA THR D 166 2.28 6.88 31.78
C THR D 166 2.61 5.60 32.55
N HIS D 167 3.43 5.72 33.60
CA HIS D 167 3.84 4.56 34.42
C HIS D 167 2.62 3.80 34.96
N GLY D 168 2.61 2.49 34.70
CA GLY D 168 1.55 1.58 35.13
C GLY D 168 0.33 1.53 34.23
N CYS D 169 0.37 2.20 33.07
CA CYS D 169 -0.77 2.26 32.15
C CYS D 169 -0.53 1.59 30.78
N ASN D 170 0.68 1.07 30.48
CA ASN D 170 0.91 0.47 29.17
C ASN D 170 0.34 -0.94 29.06
N ILE D 171 -0.91 -1.03 28.60
CA ILE D 171 -1.63 -2.32 28.45
C ILE D 171 -1.01 -3.24 27.38
N PHE D 172 -0.10 -2.71 26.54
CA PHE D 172 0.56 -3.46 25.48
C PHE D 172 2.07 -3.65 25.69
N ASP D 173 2.62 -3.27 26.84
CA ASP D 173 4.06 -3.33 27.09
C ASP D 173 4.67 -4.74 27.00
N HIS D 174 3.86 -5.81 27.20
CA HIS D 174 4.32 -7.21 27.09
C HIS D 174 4.14 -7.77 25.67
N PHE D 175 3.51 -7.02 24.75
CA PHE D 175 3.30 -7.46 23.36
C PHE D 175 4.65 -7.57 22.64
N SER D 176 4.70 -8.43 21.61
CA SER D 176 5.87 -8.55 20.74
C SER D 176 6.01 -7.21 19.98
N ARG D 177 7.25 -6.90 19.54
CA ARG D 177 7.57 -5.68 18.78
C ARG D 177 6.61 -5.48 17.60
N LYS D 178 6.33 -6.58 16.87
CA LYS D 178 5.41 -6.57 15.73
C LYS D 178 3.97 -6.27 16.17
N ASP D 179 3.48 -6.92 17.25
CA ASP D 179 2.10 -6.68 17.72
C ASP D 179 1.93 -5.30 18.32
N TYR D 180 2.95 -4.79 19.03
CA TYR D 180 2.95 -3.46 19.63
C TYR D 180 2.83 -2.42 18.53
N GLN D 181 3.64 -2.56 17.46
CA GLN D 181 3.63 -1.65 16.31
C GLN D 181 2.29 -1.69 15.59
N ARG D 182 1.73 -2.91 15.42
CA ARG D 182 0.44 -3.11 14.76
C ARG D 182 -0.65 -2.34 15.52
N MET D 183 -0.62 -2.39 16.86
CA MET D 183 -1.59 -1.69 17.72
C MET D 183 -1.53 -0.18 17.52
N LEU D 184 -0.32 0.42 17.60
CA LEU D 184 -0.14 1.86 17.40
C LEU D 184 -0.56 2.31 16.03
N ASP D 185 -0.23 1.53 14.98
CA ASP D 185 -0.58 1.88 13.60
C ASP D 185 -2.08 1.83 13.40
N LEU D 186 -2.74 0.81 13.96
CA LEU D 186 -4.19 0.67 13.89
C LEU D 186 -4.88 1.81 14.66
N MET D 187 -4.46 2.08 15.92
CA MET D 187 -5.05 3.16 16.72
C MET D 187 -4.94 4.52 15.99
N ARG D 188 -3.78 4.82 15.39
CA ARG D 188 -3.58 6.07 14.66
C ARG D 188 -4.56 6.19 13.49
N ASP D 189 -4.63 5.15 12.64
CA ASP D 189 -5.53 5.11 11.48
C ASP D 189 -7.00 5.23 11.87
N ILE D 190 -7.42 4.47 12.90
CA ILE D 190 -8.79 4.44 13.37
C ILE D 190 -9.16 5.79 14.00
N ILE D 191 -8.30 6.34 14.88
CA ILE D 191 -8.61 7.65 15.49
C ILE D 191 -8.69 8.75 14.42
N LEU D 192 -7.76 8.73 13.44
CA LEU D 192 -7.79 9.70 12.34
C LEU D 192 -9.06 9.58 11.49
N ALA D 193 -9.58 8.34 11.35
CA ALA D 193 -10.82 8.04 10.59
C ALA D 193 -12.07 8.66 11.21
N THR D 194 -12.00 9.06 12.50
CA THR D 194 -13.14 9.70 13.19
C THR D 194 -13.42 11.11 12.70
N ASP D 195 -12.48 11.72 11.94
CA ASP D 195 -12.72 13.04 11.35
C ASP D 195 -13.73 12.79 10.23
N LEU D 196 -14.94 13.36 10.33
CA LEU D 196 -15.97 13.16 9.31
C LEU D 196 -15.51 13.68 7.92
N ALA D 197 -14.53 14.60 7.89
CA ALA D 197 -13.96 15.10 6.62
C ALA D 197 -13.20 13.95 5.94
N HIS D 198 -12.53 13.08 6.74
CA HIS D 198 -11.83 11.89 6.23
C HIS D 198 -12.88 10.91 5.71
N HIS D 199 -14.00 10.71 6.45
CA HIS D 199 -15.07 9.80 6.03
C HIS D 199 -15.61 10.22 4.66
N LEU D 200 -15.86 11.54 4.49
CA LEU D 200 -16.40 12.06 3.24
C LEU D 200 -15.42 11.90 2.08
N ARG D 201 -14.11 12.03 2.35
CA ARG D 201 -13.06 11.83 1.34
C ARG D 201 -13.00 10.35 0.88
N ILE D 202 -13.13 9.37 1.83
CA ILE D 202 -13.05 7.93 1.50
C ILE D 202 -14.41 7.31 1.14
N PHE D 203 -15.51 8.09 1.18
CA PHE D 203 -16.86 7.56 0.92
C PHE D 203 -16.96 6.76 -0.40
N LYS D 204 -16.38 7.27 -1.50
CA LYS D 204 -16.41 6.58 -2.79
C LYS D 204 -15.63 5.27 -2.74
N ASP D 205 -14.51 5.20 -1.98
CA ASP D 205 -13.75 3.95 -1.82
C ASP D 205 -14.56 2.93 -1.02
N LEU D 206 -15.35 3.40 -0.02
CA LEU D 206 -16.24 2.55 0.77
C LEU D 206 -17.35 1.97 -0.10
N GLN D 207 -17.95 2.80 -0.99
CA GLN D 207 -18.99 2.38 -1.93
C GLN D 207 -18.43 1.35 -2.90
N LYS D 208 -17.19 1.57 -3.40
CA LYS D 208 -16.54 0.66 -4.34
C LYS D 208 -16.32 -0.72 -3.71
N MET D 209 -15.87 -0.76 -2.45
CA MET D 209 -15.67 -1.98 -1.70
C MET D 209 -16.97 -2.76 -1.52
N ALA D 210 -18.09 -2.06 -1.19
CA ALA D 210 -19.41 -2.67 -1.03
C ALA D 210 -19.93 -3.21 -2.40
N GLU D 211 -19.58 -2.52 -3.51
CA GLU D 211 -19.95 -2.86 -4.89
C GLU D 211 -19.25 -4.14 -5.37
N VAL D 212 -17.93 -4.25 -5.15
CA VAL D 212 -17.16 -5.42 -5.59
C VAL D 212 -17.29 -6.58 -4.58
N GLY D 213 -17.62 -6.24 -3.34
CA GLY D 213 -17.77 -7.19 -2.25
C GLY D 213 -16.49 -7.22 -1.43
N TYR D 214 -16.64 -7.28 -0.12
CA TYR D 214 -15.51 -7.34 0.81
C TYR D 214 -14.59 -8.51 0.51
N ASP D 215 -13.29 -8.21 0.33
CA ASP D 215 -12.26 -9.21 0.06
C ASP D 215 -11.41 -9.36 1.30
N ARG D 216 -11.59 -10.50 2.00
CA ARG D 216 -10.90 -10.88 3.25
C ARG D 216 -9.38 -10.94 3.09
N ASN D 217 -8.88 -11.10 1.84
CA ASN D 217 -7.45 -11.14 1.53
C ASN D 217 -6.88 -9.80 1.07
N ASN D 218 -7.72 -8.74 1.04
CA ASN D 218 -7.32 -7.41 0.60
C ASN D 218 -7.08 -6.54 1.83
N LYS D 219 -5.82 -6.15 2.09
CA LYS D 219 -5.44 -5.34 3.26
C LYS D 219 -6.06 -3.93 3.21
N GLN D 220 -6.30 -3.38 2.01
CA GLN D 220 -6.95 -2.07 1.88
C GLN D 220 -8.43 -2.18 2.28
N HIS D 221 -9.08 -3.34 2.00
CA HIS D 221 -10.47 -3.58 2.44
C HIS D 221 -10.57 -3.65 3.97
N HIS D 222 -9.55 -4.24 4.62
CA HIS D 222 -9.49 -4.31 6.09
C HIS D 222 -9.42 -2.89 6.66
N ARG D 223 -8.54 -2.07 6.10
CA ARG D 223 -8.36 -0.67 6.51
C ARG D 223 -9.67 0.12 6.32
N LEU D 224 -10.33 -0.01 5.14
CA LEU D 224 -11.60 0.67 4.85
C LEU D 224 -12.73 0.24 5.76
N LEU D 225 -12.86 -1.08 6.04
CA LEU D 225 -13.90 -1.61 6.94
C LEU D 225 -13.69 -1.04 8.36
N LEU D 226 -12.44 -0.95 8.82
CA LEU D 226 -12.13 -0.37 10.13
C LEU D 226 -12.60 1.08 10.21
N CYS D 227 -12.40 1.85 9.14
CA CYS D 227 -12.85 3.24 9.03
C CYS D 227 -14.37 3.30 9.13
N LEU D 228 -15.09 2.47 8.35
CA LEU D 228 -16.56 2.42 8.35
C LEU D 228 -17.13 2.03 9.71
N LEU D 229 -16.54 1.01 10.36
CA LEU D 229 -17.00 0.56 11.66
C LEU D 229 -16.80 1.63 12.71
N MET D 230 -15.65 2.36 12.67
CA MET D 230 -15.37 3.43 13.61
C MET D 230 -16.41 4.55 13.45
N THR D 231 -16.71 4.93 12.19
CA THR D 231 -17.74 5.96 11.94
C THR D 231 -19.10 5.50 12.44
N SER D 232 -19.44 4.21 12.21
CA SER D 232 -20.69 3.56 12.67
C SER D 232 -20.79 3.62 14.21
N CYS D 233 -19.68 3.45 14.91
CA CYS D 233 -19.67 3.53 16.38
C CYS D 233 -19.87 4.99 16.84
N ASP D 234 -19.15 5.93 16.19
CA ASP D 234 -19.19 7.34 16.54
C ASP D 234 -20.60 7.94 16.38
N LEU D 235 -21.38 7.49 15.38
CA LEU D 235 -22.75 7.99 15.13
C LEU D 235 -23.87 7.08 15.70
N SER D 236 -23.51 6.05 16.47
CA SER D 236 -24.42 5.04 16.98
C SER D 236 -25.58 5.52 17.86
N ASP D 237 -25.51 6.76 18.41
CA ASP D 237 -26.64 7.31 19.18
C ASP D 237 -27.87 7.46 18.28
N GLN D 238 -27.68 7.48 16.95
CA GLN D 238 -28.76 7.60 15.96
C GLN D 238 -29.46 6.26 15.68
N THR D 239 -28.91 5.14 16.18
CA THR D 239 -29.46 3.79 15.97
C THR D 239 -30.37 3.32 17.10
N LYS D 240 -30.56 4.15 18.13
CA LYS D 240 -31.42 3.79 19.27
C LYS D 240 -32.82 4.36 19.02
N GLY D 241 -33.60 4.57 20.08
CA GLY D 241 -34.94 5.12 19.93
C GLY D 241 -34.98 6.63 19.75
N TRP D 242 -36.19 7.17 19.57
CA TRP D 242 -36.40 8.61 19.41
C TRP D 242 -35.85 9.39 20.60
N LYS D 243 -36.08 8.89 21.83
CA LYS D 243 -35.64 9.52 23.08
C LYS D 243 -34.13 9.81 23.08
N THR D 244 -33.33 8.88 22.54
CA THR D 244 -31.88 9.05 22.44
C THR D 244 -31.53 10.15 21.41
N THR D 245 -32.10 10.09 20.19
N THR D 245 -32.08 10.10 20.17
CA THR D 245 -31.86 11.04 19.11
CA THR D 245 -31.79 11.11 19.12
C THR D 245 -32.18 12.49 19.54
C THR D 245 -32.17 12.51 19.54
N ARG D 246 -33.28 12.67 20.28
CA ARG D 246 -33.74 13.97 20.79
C ARG D 246 -32.76 14.52 21.83
N LYS D 247 -32.37 13.67 22.81
CA LYS D 247 -31.43 14.05 23.86
C LYS D 247 -30.06 14.41 23.29
N ILE D 248 -29.59 13.61 22.33
CA ILE D 248 -28.30 13.81 21.67
C ILE D 248 -28.31 15.10 20.86
N ALA D 249 -29.42 15.43 20.16
CA ALA D 249 -29.56 16.69 19.43
C ALA D 249 -29.42 17.88 20.39
N GLU D 250 -30.05 17.80 21.59
CA GLU D 250 -29.93 18.84 22.61
C GLU D 250 -28.46 19.09 23.00
N LEU D 251 -27.69 18.01 23.29
CA LEU D 251 -26.29 18.08 23.70
C LEU D 251 -25.40 18.63 22.61
N ILE D 252 -25.55 18.10 21.37
CA ILE D 252 -24.80 18.51 20.18
C ILE D 252 -25.02 20.00 19.88
N TYR D 253 -26.29 20.45 19.81
CA TYR D 253 -26.55 21.84 19.49
C TYR D 253 -26.14 22.76 20.63
N LYS D 254 -26.22 22.33 21.92
CA LYS D 254 -25.74 23.19 23.02
C LYS D 254 -24.22 23.43 22.81
N GLU D 255 -23.48 22.36 22.48
CA GLU D 255 -22.05 22.41 22.20
C GLU D 255 -21.74 23.30 20.97
N PHE D 256 -22.46 23.08 19.84
CA PHE D 256 -22.28 23.86 18.61
C PHE D 256 -22.57 25.35 18.82
N PHE D 257 -23.69 25.68 19.50
CA PHE D 257 -24.08 27.07 19.71
C PHE D 257 -23.10 27.81 20.60
N SER D 258 -22.45 27.09 21.54
CA SER D 258 -21.43 27.68 22.40
C SER D 258 -20.22 28.11 21.55
N GLN D 259 -19.85 27.26 20.56
CA GLN D 259 -18.76 27.56 19.63
C GLN D 259 -19.14 28.77 18.75
N GLY D 260 -20.36 28.77 18.21
CA GLY D 260 -20.87 29.86 17.39
C GLY D 260 -20.82 31.21 18.09
N ASP D 261 -21.15 31.21 19.40
CA ASP D 261 -21.10 32.42 20.24
C ASP D 261 -19.66 32.91 20.34
N LEU D 262 -18.68 31.99 20.49
CA LEU D 262 -17.26 32.35 20.57
C LEU D 262 -16.79 32.94 19.24
N GLU D 263 -17.21 32.34 18.11
CA GLU D 263 -16.87 32.81 16.77
C GLU D 263 -17.41 34.21 16.48
N LYS D 264 -18.64 34.52 16.94
CA LYS D 264 -19.23 35.84 16.77
C LYS D 264 -18.42 36.88 17.54
N ALA D 265 -17.98 36.51 18.79
CA ALA D 265 -17.14 37.35 19.65
C ALA D 265 -15.75 37.60 19.00
N MET D 266 -15.32 36.68 18.13
N MET D 266 -15.33 36.68 18.12
CA MET D 266 -14.07 36.73 17.36
CA MET D 266 -14.07 36.78 17.38
C MET D 266 -14.22 37.60 16.10
C MET D 266 -14.22 37.61 16.10
N GLY D 267 -15.46 37.97 15.77
CA GLY D 267 -15.78 38.77 14.59
C GLY D 267 -16.03 37.94 13.34
N ASN D 268 -16.14 36.62 13.53
CA ASN D 268 -16.36 35.67 12.45
C ASN D 268 -17.82 35.28 12.32
N ARG D 269 -18.21 34.83 11.11
CA ARG D 269 -19.56 34.39 10.81
C ARG D 269 -19.60 32.87 11.01
N PRO D 270 -20.21 32.35 12.11
CA PRO D 270 -20.25 30.89 12.30
C PRO D 270 -21.09 30.23 11.23
N MET D 271 -20.88 28.92 11.00
CA MET D 271 -21.72 28.17 10.05
C MET D 271 -23.15 28.16 10.61
N GLU D 272 -24.16 28.08 9.73
CA GLU D 272 -25.59 28.12 10.11
C GLU D 272 -25.93 27.20 11.30
N MET D 273 -25.49 25.93 11.25
CA MET D 273 -25.77 24.95 12.29
C MET D 273 -25.17 25.28 13.66
N MET D 274 -24.24 26.24 13.71
CA MET D 274 -23.63 26.65 14.97
C MET D 274 -24.09 28.05 15.42
N ASP D 275 -24.98 28.65 14.63
CA ASP D 275 -25.55 29.96 14.90
C ASP D 275 -26.92 29.76 15.51
N ARG D 276 -27.05 30.00 16.84
CA ARG D 276 -28.30 29.81 17.58
C ARG D 276 -29.46 30.71 17.07
N GLU D 277 -29.13 31.77 16.31
CA GLU D 277 -30.11 32.69 15.73
C GLU D 277 -30.58 32.23 14.36
N LYS D 278 -29.79 31.36 13.67
CA LYS D 278 -30.11 30.88 12.33
C LYS D 278 -30.44 29.39 12.20
N ALA D 279 -29.88 28.56 13.08
CA ALA D 279 -30.05 27.11 13.05
C ALA D 279 -31.50 26.66 13.27
N TYR D 280 -32.00 25.80 12.38
CA TYR D 280 -33.35 25.24 12.47
C TYR D 280 -33.17 23.74 12.64
N ILE D 281 -33.12 23.31 13.92
CA ILE D 281 -32.78 21.96 14.38
C ILE D 281 -33.49 20.83 13.60
N PRO D 282 -34.84 20.80 13.37
CA PRO D 282 -35.40 19.65 12.65
C PRO D 282 -34.84 19.45 11.24
N GLU D 283 -34.66 20.55 10.48
CA GLU D 283 -34.09 20.54 9.13
C GLU D 283 -32.64 20.05 9.16
N LEU D 284 -31.84 20.55 10.12
CA LEU D 284 -30.44 20.16 10.28
C LEU D 284 -30.33 18.69 10.64
N GLN D 285 -31.20 18.21 11.55
CA GLN D 285 -31.24 16.81 11.95
C GLN D 285 -31.64 15.90 10.80
N ILE D 286 -32.69 16.27 10.03
CA ILE D 286 -33.15 15.51 8.87
C ILE D 286 -32.01 15.38 7.86
N SER D 287 -31.34 16.51 7.57
CA SER D 287 -30.23 16.56 6.62
C SER D 287 -29.07 15.67 7.05
N PHE D 288 -28.64 15.78 8.33
CA PHE D 288 -27.56 14.94 8.85
C PHE D 288 -27.91 13.47 8.74
N MET D 289 -29.14 13.10 9.12
N MET D 289 -29.15 13.10 9.11
CA MET D 289 -29.60 11.72 9.09
CA MET D 289 -29.63 11.73 9.07
C MET D 289 -29.68 11.15 7.67
C MET D 289 -29.66 11.16 7.66
N GLU D 290 -30.25 11.89 6.72
CA GLU D 290 -30.38 11.48 5.32
C GLU D 290 -29.06 11.42 4.55
N HIS D 291 -28.20 12.44 4.71
CA HIS D 291 -26.99 12.55 3.90
C HIS D 291 -25.70 12.12 4.56
N ILE D 292 -25.69 11.91 5.89
CA ILE D 292 -24.48 11.45 6.57
C ILE D 292 -24.69 10.07 7.21
N ALA D 293 -25.60 9.97 8.23
CA ALA D 293 -25.88 8.75 8.99
C ALA D 293 -26.47 7.60 8.15
N MET D 294 -27.58 7.80 7.44
CA MET D 294 -28.20 6.72 6.66
C MET D 294 -27.25 6.11 5.63
N PRO D 295 -26.46 6.89 4.82
CA PRO D 295 -25.53 6.25 3.89
C PRO D 295 -24.46 5.40 4.59
N ILE D 296 -24.04 5.78 5.83
CA ILE D 296 -23.10 5.00 6.63
C ILE D 296 -23.74 3.64 7.00
N TYR D 297 -24.97 3.65 7.56
CA TYR D 297 -25.63 2.41 7.98
C TYR D 297 -26.14 1.60 6.79
N LYS D 298 -26.36 2.22 5.61
CA LYS D 298 -26.74 1.50 4.39
C LYS D 298 -25.51 0.72 3.92
N LEU D 299 -24.31 1.35 3.97
CA LEU D 299 -23.05 0.69 3.60
C LEU D 299 -22.82 -0.49 4.56
N LEU D 300 -23.07 -0.29 5.88
CA LEU D 300 -22.92 -1.32 6.90
C LEU D 300 -23.87 -2.50 6.62
N GLN D 301 -25.12 -2.20 6.23
CA GLN D 301 -26.12 -3.22 5.89
C GLN D 301 -25.69 -4.00 4.63
N ASP D 302 -25.13 -3.31 3.62
CA ASP D 302 -24.66 -3.93 2.37
C ASP D 302 -23.55 -4.97 2.63
N LEU D 303 -22.69 -4.68 3.62
CA LEU D 303 -21.57 -5.55 4.02
C LEU D 303 -21.98 -6.61 5.04
N PHE D 304 -22.91 -6.26 5.95
CA PHE D 304 -23.39 -7.17 7.01
C PHE D 304 -24.92 -7.21 6.99
N PRO D 305 -25.54 -8.25 6.38
CA PRO D 305 -27.03 -8.31 6.36
C PRO D 305 -27.70 -8.15 7.73
N LYS D 306 -27.07 -8.64 8.81
CA LYS D 306 -27.57 -8.53 10.20
C LYS D 306 -27.62 -7.07 10.73
N ALA D 307 -26.99 -6.12 10.01
CA ALA D 307 -26.95 -4.72 10.40
C ALA D 307 -28.15 -3.96 9.88
N ALA D 308 -29.07 -4.65 9.15
CA ALA D 308 -30.30 -4.10 8.57
C ALA D 308 -31.13 -3.28 9.55
N GLU D 309 -31.33 -3.79 10.79
CA GLU D 309 -32.12 -3.10 11.82
C GLU D 309 -31.55 -1.72 12.22
N LEU D 310 -30.22 -1.54 12.11
CA LEU D 310 -29.56 -0.27 12.44
C LEU D 310 -29.94 0.80 11.42
N TYR D 311 -29.89 0.46 10.12
CA TYR D 311 -30.28 1.38 9.04
C TYR D 311 -31.77 1.76 9.18
N GLU D 312 -32.63 0.77 9.44
CA GLU D 312 -34.08 0.96 9.59
C GLU D 312 -34.39 1.86 10.77
N ARG D 313 -33.60 1.76 11.86
CA ARG D 313 -33.75 2.60 13.05
C ARG D 313 -33.40 4.04 12.75
N VAL D 314 -32.28 4.28 12.04
CA VAL D 314 -31.82 5.61 11.63
C VAL D 314 -32.88 6.23 10.69
N ALA D 315 -33.39 5.45 9.73
CA ALA D 315 -34.44 5.90 8.80
C ALA D 315 -35.74 6.26 9.54
N SER D 316 -36.12 5.48 10.58
CA SER D 316 -37.30 5.74 11.40
C SER D 316 -37.13 6.98 12.25
N ASN D 317 -35.90 7.22 12.78
CA ASN D 317 -35.62 8.40 13.59
C ASN D 317 -35.71 9.68 12.73
N ARG D 318 -35.32 9.58 11.44
CA ARG D 318 -35.44 10.67 10.46
C ARG D 318 -36.92 11.02 10.24
N GLU D 319 -37.79 9.99 10.13
CA GLU D 319 -39.24 10.16 9.96
C GLU D 319 -39.86 10.81 11.20
N HIS D 320 -39.31 10.53 12.40
CA HIS D 320 -39.75 11.12 13.67
C HIS D 320 -39.48 12.63 13.68
N TRP D 321 -38.30 13.06 13.16
CA TRP D 321 -37.95 14.49 13.08
C TRP D 321 -38.89 15.23 12.11
N THR D 322 -39.26 14.60 10.98
CA THR D 322 -40.19 15.19 10.00
C THR D 322 -41.56 15.34 10.67
N LYS D 323 -41.97 14.33 11.46
CA LYS D 323 -43.24 14.27 12.17
C LYS D 323 -43.37 15.36 13.26
N VAL D 324 -42.27 15.75 13.90
CA VAL D 324 -42.29 16.75 14.97
C VAL D 324 -41.87 18.16 14.50
N SER D 325 -41.40 18.30 13.24
CA SER D 325 -40.96 19.58 12.66
C SER D 325 -41.94 20.73 12.90
N HIS D 326 -43.26 20.49 12.71
CA HIS D 326 -44.35 21.47 12.87
C HIS D 326 -44.40 22.11 14.27
N LYS D 327 -43.92 21.37 15.30
CA LYS D 327 -43.89 21.84 16.69
C LYS D 327 -42.89 23.00 16.89
N PHE D 328 -41.97 23.21 15.93
CA PHE D 328 -41.00 24.28 15.97
C PHE D 328 -41.60 25.61 15.52
N THR D 329 -42.85 25.60 15.02
CA THR D 329 -43.59 26.82 14.65
C THR D 329 -44.57 27.09 15.79
N ILE D 330 -44.47 28.30 16.39
CA ILE D 330 -45.34 28.73 17.47
C ILE D 330 -46.74 29.07 16.91
N ARG D 331 -47.70 28.21 17.19
CA ARG D 331 -49.10 28.41 16.78
C ARG D 331 -49.87 28.85 18.01
N GLY D 332 -50.75 29.83 17.85
CA GLY D 332 -51.47 30.42 18.97
C GLY D 332 -50.52 31.21 19.84
N LEU D 333 -50.73 31.20 21.16
CA LEU D 333 -49.86 31.86 22.12
C LEU D 333 -48.95 30.83 22.82
N PRO D 334 -47.75 31.22 23.32
CA PRO D 334 -46.95 30.27 24.12
C PRO D 334 -47.65 29.94 25.45
N SER D 335 -47.18 28.91 26.19
CA SER D 335 -47.75 28.41 27.46
C SER D 335 -48.17 29.50 28.47
N ASN D 336 -47.31 30.51 28.67
CA ASN D 336 -47.53 31.64 29.58
C ASN D 336 -48.58 32.62 29.09
N ASN D 337 -49.05 32.47 27.82
CA ASN D 337 -50.01 33.34 27.11
C ASN D 337 -49.40 34.74 26.94
N SER D 338 -48.08 34.80 26.76
CA SER D 338 -47.36 36.06 26.64
C SER D 338 -46.55 36.15 25.36
N LEU D 339 -46.45 37.35 24.78
CA LEU D 339 -45.66 37.59 23.57
C LEU D 339 -44.36 38.32 23.91
N ASP D 340 -44.00 38.39 25.22
CA ASP D 340 -42.79 39.03 25.74
C ASP D 340 -41.49 38.51 25.11
N PHE D 341 -41.49 37.27 24.57
CA PHE D 341 -40.33 36.66 23.89
C PHE D 341 -39.89 37.46 22.64
N LEU D 342 -40.75 38.34 22.12
CA LEU D 342 -40.48 39.17 20.94
C LEU D 342 -39.52 40.33 21.22
N3 7XV E . -28.24 -18.13 -15.53
C4 7XV E . -25.77 -17.90 -16.02
N2 7XV E . -28.18 -19.86 -14.12
C7 7XV E . -28.90 -17.14 -16.23
C6 7XV E . -28.98 -18.98 -14.68
C9 7XV E . -30.38 -18.77 -14.52
C13 7XV E . -25.71 -16.13 -19.76
C8 7XV E . -30.29 -17.00 -16.01
C18 7XV E . -29.65 -15.81 -22.46
C16 7XV E . -27.06 -16.84 -22.08
C1 7XV E . -24.89 -16.85 -13.91
C2 7XV E . -25.35 -16.60 -15.32
C3 7XV E . -24.25 -15.92 -16.11
C5 7XV E . -26.95 -18.59 -15.39
N1 7XV E . -26.89 -19.60 -14.58
N4 7XV E . -31.01 -17.81 -15.15
O1 7XV E . -28.10 -16.44 -17.06
C10 7XV E . -28.75 -15.53 -17.99
C11 7XV E . -27.69 -14.87 -18.85
C12 7XV E . -27.06 -15.77 -19.89
C14 7XV E . -25.05 -16.80 -20.77
C15 7XV E . -25.72 -17.16 -21.92
C17 7XV E . -27.72 -16.12 -21.09
O2 7XV E . -29.00 -15.65 -21.20
H9 7XV E . -24.93 -18.59 -15.98
H8 7XV E . -25.92 -17.75 -17.08
H11 7XV E . -30.95 -19.39 -13.84
H16 7XV E . -25.18 -15.89 -18.84
H10 7XV E . -30.90 -16.25 -16.49
H21 7XV E . -30.58 -15.26 -22.54
H20 7XV E . -29.87 -16.88 -22.52
H22 7XV E . -29.03 -15.52 -23.31
H19 7XV E . -27.53 -17.20 -22.98
H1 7XV E . -24.64 -15.92 -13.40
H3 7XV E . -24.01 -17.48 -13.85
H2 7XV E . -25.66 -17.32 -13.29
H4 7XV E . -26.20 -15.92 -15.29
H6 7XV E . -23.69 -16.61 -16.74
H5 7XV E . -23.52 -15.44 -15.46
H7 7XV E . -24.65 -15.13 -16.75
H12 7XV E . -29.49 -16.03 -18.61
H13 7XV E . -29.27 -14.77 -17.41
H14 7XV E . -28.11 -14.01 -19.36
H15 7XV E . -26.93 -14.45 -18.21
H17 7XV E . -23.99 -17.02 -20.66
H18 7XV E . -25.20 -17.70 -22.71
ZN ZN F . -20.83 -20.88 -11.32
MG MG G . -18.54 -18.66 -13.40
N3 7XV H . 21.97 -14.50 -23.05
C4 7XV H . 19.44 -14.37 -22.95
N2 7XV H . 22.49 -12.66 -21.93
C7 7XV H . 22.28 -15.68 -23.73
C6 7XV H . 23.00 -13.71 -22.55
C9 7XV H . 24.35 -14.13 -22.72
C13 7XV H . 18.31 -16.63 -26.28
C8 7XV H . 23.64 -16.02 -23.85
C18 7XV H . 21.51 -18.34 -29.42
C16 7XV H . 19.29 -16.65 -28.87
C1 7XV H . 19.17 -15.04 -20.56
C2 7XV H . 18.99 -15.47 -22.01
C3 7XV H . 17.54 -15.82 -22.27
C5 7XV H . 20.81 -13.84 -22.69
N1 7XV H . 21.10 -12.75 -22.02
N4 7XV H . 24.65 -15.24 -23.34
O1 7XV H . 21.21 -16.36 -24.19
C10 7XV H . 21.49 -17.54 -24.98
C11 7XV H . 20.16 -18.10 -25.44
C12 7XV H . 19.50 -17.32 -26.55
C14 7XV H . 17.63 -15.98 -27.30
C15 7XV H . 18.13 -15.98 -28.58
C17 7XV H . 19.97 -17.33 -27.87
O2 7XV H . 21.09 -18.10 -28.08
H9 7XV H . 18.75 -13.53 -22.88
H8 7XV H . 19.34 -14.68 -24.00
H11 7XV H . 25.16 -13.51 -22.32
H16 7XV H . 17.92 -16.59 -25.27
H10 7XV H . 24.01 -16.91 -24.35
H21 7XV H . 22.30 -19.07 -29.49
H20 7XV H . 21.89 -17.38 -29.74
H22 7XV H . 20.70 -18.65 -30.07
H19 7XV H . 19.63 -16.61 -29.91
H1 7XV H . 18.68 -15.74 -19.88
H3 7XV H . 18.75 -14.06 -20.37
H2 7XV H . 20.21 -15.01 -20.24
H4 7XV H . 19.60 -16.36 -22.18
H6 7XV H . 17.29 -15.78 -23.33
H5 7XV H . 16.86 -15.13 -21.76
H7 7XV H . 17.30 -16.82 -21.91
H12 7XV H . 22.12 -17.31 -25.84
H13 7XV H . 22.02 -18.25 -24.36
H14 7XV H . 20.27 -19.14 -25.77
H15 7XV H . 19.49 -18.18 -24.58
H17 7XV H . 16.68 -15.49 -27.07
H18 7XV H . 17.59 -15.46 -29.37
ZN ZN I . 16.10 -10.03 -17.98
MG MG J . 13.23 -12.10 -19.15
N3 7XV K . 27.40 16.27 9.12
C4 7XV K . 24.91 16.33 9.49
N2 7XV K . 27.92 18.37 9.65
C7 7XV K . 27.73 14.99 8.73
C6 7XV K . 28.43 17.22 9.29
C9 7XV K . 29.78 16.82 9.09
C13 7XV K . 23.56 13.17 6.90
C8 7XV K . 29.10 14.68 8.59
C18 7XV K . 26.86 11.30 3.97
C16 7XV K . 24.39 12.64 4.31
C1 7XV K . 24.96 16.27 11.99
C2 7XV K . 24.65 15.48 10.74
C3 7XV K . 23.22 15.00 10.77
C5 7XV K . 26.26 16.96 9.44
N1 7XV K . 26.54 18.21 9.74
N4 7XV K . 30.10 15.60 8.77
O1 7XV K . 26.67 14.21 8.47
C10 7XV K . 26.94 12.85 8.04
C11 7XV K . 25.61 12.12 7.90
C12 7XV K . 24.80 12.56 6.70
C14 7XV K . 22.74 13.49 5.83
C15 7XV K . 23.17 13.22 4.54
C17 7XV K . 25.20 12.29 5.39
O2 7XV K . 26.39 11.62 5.28
H9 7XV K . 24.18 17.14 9.47
H8 7XV K . 24.69 15.79 8.57
H11 7XV K . 30.59 17.55 9.21
H16 7XV K . 23.21 13.39 7.91
H10 7XV K . 29.48 13.69 8.30
H21 7XV K . 26.95 12.17 3.32
H20 7XV K . 26.10 10.63 3.59
H22 7XV K . 27.80 10.76 3.97
H19 7XV K . 24.67 12.48 3.27
H1 7XV K . 24.72 15.70 12.88
H3 7XV K . 24.40 17.20 12.04
H2 7XV K . 26.01 16.53 12.09
H4 7XV K . 25.31 14.61 10.70
H6 7XV K . 22.90 14.54 9.84
H5 7XV K . 22.52 15.81 10.98
H7 7XV K . 23.07 14.27 11.55
H12 7XV K . 27.48 12.85 7.09
H13 7XV K . 27.57 12.35 8.78
H14 7XV K . 25.75 11.05 7.84
H15 7XV K . 25.05 12.26 8.82
H17 7XV K . 21.75 13.88 6.01
H18 7XV K . 22.53 13.49 3.70
ZN ZN L . 21.31 21.38 13.43
MG MG M . 18.52 18.75 13.24
N3 7XV N . -23.48 14.85 14.46
C4 7XV N . -20.96 14.81 14.38
N2 7XV N . -23.86 12.97 15.59
C7 7XV N . -23.89 16.01 13.82
C6 7XV N . -24.44 14.03 15.05
C9 7XV N . -25.81 14.43 15.04
C13 7XV N . -20.34 16.92 10.52
C8 7XV N . -25.25 16.34 13.88
C18 7XV N . -24.28 18.10 8.04
C16 7XV N . -21.75 16.83 8.14
C1 7XV N . -20.62 15.58 16.76
C2 7XV N . -20.53 15.98 15.28
C3 7XV N . -19.12 16.44 14.93
C5 7XV N . -22.28 14.22 14.71
N1 7XV N . -22.48 13.11 15.36
N4 7XV N . -26.19 15.55 14.49
O1 7XV N . -22.92 16.62 13.11
C10 7XV N . -23.33 17.77 12.31
C11 7XV N . -22.09 18.32 11.65
C12 7XV N . -21.60 17.52 10.46
C14 7XV N . -19.79 16.32 9.41
C15 7XV N . -20.49 16.26 8.23
C17 7XV N . -22.30 17.46 9.25
O2 7XV N . -23.52 18.09 9.25
H9 7XV N . -20.22 14.01 14.46
H8 7XV N . -20.91 15.09 13.34
H11 7XV N . -26.56 13.78 15.50
H16 7XV N . -19.78 16.93 11.45
H10 7XV N . -25.69 17.24 13.47
H21 7XV N . -25.20 18.66 8.12
H20 7XV N . -24.52 17.04 7.89
H22 7XV N . -23.72 18.47 7.18
H19 7XV N . -22.26 16.74 7.17
H1 7XV N . -20.27 16.40 17.40
H3 7XV N . -20.01 14.72 16.99
H2 7XV N . -21.62 15.37 17.09
H4 7XV N . -21.22 16.80 15.11
H6 7XV N . -19.11 17.16 14.12
H5 7XV N . -18.48 15.62 14.63
H7 7XV N . -18.64 16.91 15.78
H12 7XV N . -24.09 17.50 11.59
H13 7XV N . -23.77 18.52 12.97
H14 7XV N . -21.29 18.43 12.37
H15 7XV N . -22.26 19.34 11.31
H17 7XV N . -18.76 15.96 9.45
H18 7XV N . -20.06 15.77 7.35
ZN ZN O . -16.76 10.87 18.87
MG MG P . -14.16 13.27 17.34
#